data_6DRF
#
_entry.id   6DRF
#
_entity_poly.entity_id   1
_entity_poly.type   'polypeptide(L)'
_entity_poly.pdbx_seq_one_letter_code
;ARSPAEMVLETLMMELTGQMREAERQQRERSNAVRKVCTGVDYSWLASTPDSTYDLSPIERLQLEDVCVKIHPSYCGPAI
LRFRQLLAEQEPEVQEVSQLFRSVLQEVLERMKQEEEAHKLTRQWSLRPRGSLATFETEAEID
;
_entity_poly.pdbx_strand_id   A
#
# COMPACT_ATOMS: atom_id res chain seq x y z
N ALA A 1 -8.13 -22.21 2.38
CA ALA A 1 -8.86 -20.97 2.70
C ALA A 1 -7.98 -20.00 3.45
N ARG A 2 -7.68 -18.86 2.84
CA ARG A 2 -6.85 -17.85 3.47
C ARG A 2 -7.72 -16.83 4.17
N SER A 3 -7.13 -16.09 5.09
CA SER A 3 -7.85 -15.10 5.85
C SER A 3 -8.16 -13.89 4.97
N PRO A 4 -9.28 -13.19 5.24
CA PRO A 4 -9.66 -12.00 4.48
C PRO A 4 -8.54 -10.97 4.45
N ALA A 5 -7.77 -10.93 5.53
CA ALA A 5 -6.64 -10.01 5.63
C ALA A 5 -5.63 -10.28 4.53
N GLU A 6 -5.40 -11.56 4.24
CA GLU A 6 -4.45 -11.95 3.21
C GLU A 6 -4.90 -11.45 1.85
N MET A 7 -6.17 -11.61 1.58
CA MET A 7 -6.77 -11.11 0.35
C MET A 7 -6.48 -9.62 0.18
N VAL A 8 -6.62 -8.87 1.27
CA VAL A 8 -6.33 -7.44 1.26
C VAL A 8 -4.86 -7.20 0.93
N LEU A 9 -3.98 -7.98 1.57
CA LEU A 9 -2.55 -7.91 1.33
C LEU A 9 -2.23 -8.02 -0.15
N GLU A 10 -2.76 -9.05 -0.78
CA GLU A 10 -2.54 -9.32 -2.17
C GLU A 10 -3.05 -8.15 -2.99
N THR A 11 -4.21 -7.66 -2.64
CA THR A 11 -4.85 -6.60 -3.40
C THR A 11 -4.01 -5.31 -3.41
N LEU A 12 -3.42 -4.99 -2.27
CA LEU A 12 -2.63 -3.77 -2.16
C LEU A 12 -1.22 -3.97 -2.67
N MET A 13 -0.63 -5.12 -2.37
CA MET A 13 0.73 -5.42 -2.78
C MET A 13 0.77 -5.69 -4.29
N MET A 14 -0.40 -5.93 -4.85
CA MET A 14 -0.52 -6.22 -6.28
C MET A 14 -0.67 -4.93 -7.04
N GLU A 15 -1.45 -4.02 -6.47
CA GLU A 15 -1.69 -2.73 -7.06
C GLU A 15 -0.39 -1.94 -7.01
N LEU A 16 0.25 -1.99 -5.86
CA LEU A 16 1.54 -1.35 -5.66
C LEU A 16 2.56 -1.85 -6.68
N THR A 17 2.58 -3.15 -6.88
CA THR A 17 3.55 -3.76 -7.80
C THR A 17 3.29 -3.35 -9.25
N GLY A 18 2.06 -3.52 -9.71
CA GLY A 18 1.72 -3.19 -11.06
C GLY A 18 1.97 -1.75 -11.39
N GLN A 19 1.76 -0.89 -10.42
CA GLN A 19 1.96 0.51 -10.62
C GLN A 19 3.42 0.87 -10.44
N MET A 20 4.12 0.14 -9.59
CA MET A 20 5.55 0.36 -9.41
C MET A 20 6.27 0.05 -10.69
N ARG A 21 5.97 -1.11 -11.24
CA ARG A 21 6.55 -1.56 -12.49
C ARG A 21 6.16 -0.63 -13.63
N GLU A 22 4.86 -0.40 -13.77
CA GLU A 22 4.36 0.52 -14.80
C GLU A 22 4.99 1.90 -14.66
N ALA A 23 5.13 2.37 -13.42
CA ALA A 23 5.74 3.68 -13.15
C ALA A 23 7.20 3.71 -13.60
N GLU A 24 7.91 2.60 -13.39
CA GLU A 24 9.31 2.51 -13.80
C GLU A 24 9.43 2.65 -15.32
N ARG A 25 8.48 2.06 -16.03
CA ARG A 25 8.45 2.16 -17.49
C ARG A 25 8.20 3.60 -17.91
N GLN A 26 7.27 4.25 -17.20
CA GLN A 26 6.92 5.63 -17.49
C GLN A 26 8.12 6.55 -17.37
N GLN A 27 8.87 6.38 -16.30
CA GLN A 27 10.06 7.18 -16.09
C GLN A 27 11.11 6.89 -17.13
N ARG A 28 11.18 5.65 -17.58
CA ARG A 28 12.11 5.29 -18.63
C ARG A 28 11.72 5.99 -19.92
N GLU A 29 10.43 5.97 -20.23
CA GLU A 29 9.92 6.64 -21.41
C GLU A 29 10.19 8.14 -21.32
N ARG A 30 10.08 8.68 -20.11
CA ARG A 30 10.37 10.10 -19.86
C ARG A 30 11.82 10.42 -20.24
N SER A 31 12.74 9.58 -19.78
CA SER A 31 14.15 9.76 -20.06
C SER A 31 14.44 9.65 -21.56
N ASN A 32 13.78 8.71 -22.22
CA ASN A 32 13.98 8.50 -23.66
C ASN A 32 13.29 9.59 -24.47
N ALA A 33 12.38 10.32 -23.84
CA ALA A 33 11.69 11.42 -24.50
C ALA A 33 12.59 12.62 -24.57
N VAL A 34 13.38 12.80 -23.53
CA VAL A 34 14.34 13.89 -23.46
C VAL A 34 15.65 13.49 -24.15
N ARG A 35 15.85 12.18 -24.27
CA ARG A 35 17.06 11.61 -24.86
C ARG A 35 18.27 11.94 -23.97
N LYS A 36 19.47 12.01 -24.60
CA LYS A 36 20.74 12.29 -23.90
C LYS A 36 21.25 11.04 -23.17
N VAL A 37 20.32 10.13 -22.89
CA VAL A 37 20.63 8.89 -22.22
C VAL A 37 21.57 8.03 -23.06
N CYS A 38 22.78 7.87 -22.57
CA CYS A 38 23.77 7.05 -23.23
C CYS A 38 23.90 5.74 -22.48
N THR A 39 23.44 4.64 -23.12
CA THR A 39 23.45 3.30 -22.52
C THR A 39 22.38 3.18 -21.44
N GLY A 40 22.58 3.88 -20.35
CA GLY A 40 21.66 3.83 -19.26
C GLY A 40 21.57 5.15 -18.55
N VAL A 41 20.86 5.18 -17.46
CA VAL A 41 20.67 6.40 -16.70
C VAL A 41 20.06 6.11 -15.32
N ASP A 42 20.52 6.87 -14.33
CA ASP A 42 20.04 6.76 -12.95
C ASP A 42 18.55 7.06 -12.87
N TYR A 43 17.87 6.33 -12.00
CA TYR A 43 16.45 6.52 -11.79
C TYR A 43 16.22 7.82 -11.05
N SER A 44 16.81 7.93 -9.87
CA SER A 44 16.64 9.11 -9.04
C SER A 44 17.47 9.03 -7.74
N TRP A 45 18.43 8.13 -7.67
CA TRP A 45 19.17 7.95 -6.41
C TRP A 45 20.68 7.93 -6.56
N LEU A 46 21.16 7.54 -7.72
CA LEU A 46 22.59 7.45 -7.95
C LEU A 46 23.24 8.82 -8.04
N ALA A 47 22.59 9.73 -8.73
CA ALA A 47 23.15 11.07 -8.89
C ALA A 47 22.07 12.16 -8.89
N SER A 48 20.82 11.75 -8.91
CA SER A 48 19.72 12.70 -8.91
C SER A 48 19.33 13.06 -7.47
N THR A 49 18.13 13.60 -7.29
CA THR A 49 17.62 13.95 -5.98
C THR A 49 16.77 12.80 -5.42
N PRO A 50 17.34 12.02 -4.48
CA PRO A 50 16.65 10.87 -3.92
C PRO A 50 15.71 11.23 -2.77
N ASP A 51 16.29 11.34 -1.58
CA ASP A 51 15.55 11.60 -0.32
C ASP A 51 14.75 10.37 0.06
N SER A 52 13.84 10.01 -0.79
CA SER A 52 13.04 8.83 -0.61
C SER A 52 13.38 7.83 -1.71
N THR A 53 13.52 6.59 -1.35
CA THR A 53 13.85 5.56 -2.30
C THR A 53 12.74 4.55 -2.37
N TYR A 54 12.47 4.07 -3.56
CA TYR A 54 11.47 3.06 -3.71
C TYR A 54 12.07 1.70 -3.41
N ASP A 55 11.67 1.13 -2.31
CA ASP A 55 12.14 -0.17 -1.91
C ASP A 55 11.20 -0.78 -0.89
N LEU A 56 10.69 -1.93 -1.22
CA LEU A 56 9.82 -2.62 -0.31
C LEU A 56 10.61 -3.62 0.49
N SER A 57 11.35 -3.09 1.44
CA SER A 57 12.20 -3.87 2.29
C SER A 57 11.39 -4.59 3.36
N PRO A 58 11.99 -5.57 4.09
CA PRO A 58 11.30 -6.34 5.13
C PRO A 58 10.46 -5.48 6.06
N ILE A 59 11.03 -4.37 6.52
CA ILE A 59 10.33 -3.48 7.43
C ILE A 59 9.20 -2.74 6.74
N GLU A 60 9.48 -2.27 5.53
CA GLU A 60 8.49 -1.59 4.73
C GLU A 60 7.31 -2.51 4.49
N ARG A 61 7.61 -3.75 4.17
CA ARG A 61 6.60 -4.77 3.98
C ARG A 61 5.75 -4.91 5.22
N LEU A 62 6.41 -5.07 6.35
CA LEU A 62 5.73 -5.24 7.63
C LEU A 62 4.85 -4.04 7.95
N GLN A 63 5.38 -2.83 7.75
CA GLN A 63 4.61 -1.63 8.01
C GLN A 63 3.32 -1.66 7.23
N LEU A 64 3.43 -1.88 5.94
CA LEU A 64 2.29 -1.89 5.07
C LEU A 64 1.39 -3.07 5.32
N GLU A 65 1.99 -4.21 5.62
CA GLU A 65 1.24 -5.42 5.88
C GLU A 65 0.37 -5.25 7.11
N ASP A 66 0.95 -4.66 8.12
CA ASP A 66 0.24 -4.37 9.35
C ASP A 66 -0.92 -3.43 9.08
N VAL A 67 -0.70 -2.49 8.17
CA VAL A 67 -1.73 -1.55 7.77
C VAL A 67 -2.85 -2.28 7.01
N CYS A 68 -2.47 -3.15 6.06
CA CYS A 68 -3.42 -3.88 5.25
C CYS A 68 -4.32 -4.76 6.11
N VAL A 69 -3.73 -5.46 7.07
CA VAL A 69 -4.53 -6.32 7.94
C VAL A 69 -5.47 -5.50 8.82
N LYS A 70 -5.13 -4.22 9.06
CA LYS A 70 -5.98 -3.33 9.84
C LYS A 70 -7.03 -2.66 8.95
N ILE A 71 -7.10 -3.07 7.70
CA ILE A 71 -8.05 -2.52 6.75
C ILE A 71 -9.29 -3.40 6.67
N HIS A 72 -10.45 -2.77 6.65
CA HIS A 72 -11.71 -3.50 6.53
C HIS A 72 -11.80 -4.13 5.14
N PRO A 73 -12.25 -5.40 5.07
CA PRO A 73 -12.34 -6.18 3.83
C PRO A 73 -12.93 -5.38 2.64
N SER A 74 -14.11 -4.79 2.83
CA SER A 74 -14.77 -4.08 1.75
C SER A 74 -14.22 -2.65 1.55
N TYR A 75 -13.46 -2.16 2.51
CA TYR A 75 -12.93 -0.79 2.45
C TYR A 75 -11.70 -0.76 1.53
N CYS A 76 -11.12 -1.92 1.34
CA CYS A 76 -9.98 -2.08 0.46
C CYS A 76 -10.34 -1.64 -0.95
N GLY A 77 -11.53 -2.05 -1.40
CA GLY A 77 -12.03 -1.68 -2.73
C GLY A 77 -11.86 -0.20 -3.04
N PRO A 78 -12.57 0.69 -2.31
CA PRO A 78 -12.43 2.14 -2.48
C PRO A 78 -10.96 2.55 -2.39
N ALA A 79 -10.28 2.10 -1.33
CA ALA A 79 -8.84 2.37 -1.15
C ALA A 79 -8.06 2.12 -2.44
N ILE A 80 -8.36 1.01 -3.09
CA ILE A 80 -7.71 0.66 -4.33
C ILE A 80 -8.07 1.63 -5.44
N LEU A 81 -9.35 1.86 -5.61
CA LEU A 81 -9.89 2.77 -6.60
C LEU A 81 -9.27 4.15 -6.45
N ARG A 82 -9.22 4.63 -5.21
CA ARG A 82 -8.68 5.92 -4.89
C ARG A 82 -7.22 5.99 -5.27
N PHE A 83 -6.45 4.97 -4.93
CA PHE A 83 -5.04 4.95 -5.24
C PHE A 83 -4.82 5.04 -6.75
N ARG A 84 -5.57 4.26 -7.50
CA ARG A 84 -5.45 4.24 -8.95
C ARG A 84 -5.76 5.60 -9.57
N GLN A 85 -6.91 6.15 -9.22
CA GLN A 85 -7.34 7.41 -9.79
C GLN A 85 -6.45 8.56 -9.32
N LEU A 86 -5.86 8.42 -8.13
CA LEU A 86 -4.99 9.48 -7.60
C LEU A 86 -3.66 9.47 -8.32
N LEU A 87 -3.12 8.29 -8.49
CA LEU A 87 -1.86 8.11 -9.18
C LEU A 87 -1.97 8.57 -10.62
N ALA A 88 -3.10 8.30 -11.20
CA ALA A 88 -3.37 8.64 -12.58
C ALA A 88 -3.55 10.13 -12.74
N GLU A 89 -3.94 10.78 -11.67
CA GLU A 89 -4.12 12.21 -11.66
C GLU A 89 -2.77 12.90 -11.62
N GLN A 90 -1.82 12.26 -11.00
CA GLN A 90 -0.48 12.82 -10.81
C GLN A 90 0.52 12.22 -11.80
N GLU A 91 0.04 11.23 -12.56
CA GLU A 91 0.86 10.50 -13.54
C GLU A 91 1.79 9.50 -12.85
N PRO A 92 2.11 8.38 -13.53
CA PRO A 92 3.00 7.36 -12.98
C PRO A 92 4.39 7.90 -12.67
N GLU A 93 5.01 7.31 -11.65
CA GLU A 93 6.32 7.68 -11.17
C GLU A 93 6.58 6.85 -9.96
N VAL A 94 7.67 6.14 -9.99
CA VAL A 94 8.00 5.18 -8.95
C VAL A 94 8.20 5.87 -7.60
N GLN A 95 8.66 7.10 -7.65
CA GLN A 95 8.84 7.89 -6.44
C GLN A 95 7.49 8.28 -5.88
N GLU A 96 6.55 8.55 -6.78
CA GLU A 96 5.24 8.98 -6.38
C GLU A 96 4.43 7.80 -5.95
N VAL A 97 4.65 6.67 -6.61
CA VAL A 97 3.94 5.46 -6.27
C VAL A 97 4.14 5.13 -4.82
N SER A 98 5.39 5.04 -4.43
CA SER A 98 5.76 4.68 -3.08
C SER A 98 5.25 5.70 -2.05
N GLN A 99 5.48 6.96 -2.32
CA GLN A 99 5.14 8.01 -1.37
C GLN A 99 3.63 8.21 -1.27
N LEU A 100 2.94 8.02 -2.38
CA LEU A 100 1.51 8.16 -2.41
C LEU A 100 0.87 6.93 -1.84
N PHE A 101 1.54 5.81 -2.03
CA PHE A 101 1.04 4.55 -1.54
C PHE A 101 1.03 4.54 -0.03
N ARG A 102 2.11 5.02 0.55
CA ARG A 102 2.22 5.06 2.00
C ARG A 102 1.39 6.20 2.54
N SER A 103 1.32 7.28 1.78
CA SER A 103 0.56 8.44 2.19
C SER A 103 -0.92 8.10 2.37
N VAL A 104 -1.55 7.64 1.29
CA VAL A 104 -2.97 7.28 1.32
C VAL A 104 -3.26 6.20 2.32
N LEU A 105 -2.40 5.19 2.34
CA LEU A 105 -2.55 4.08 3.24
C LEU A 105 -2.51 4.54 4.69
N GLN A 106 -1.65 5.48 4.98
CA GLN A 106 -1.52 5.97 6.33
C GLN A 106 -2.68 6.88 6.67
N GLU A 107 -3.14 7.57 5.67
CA GLU A 107 -4.26 8.49 5.80
C GLU A 107 -5.53 7.69 6.10
N VAL A 108 -5.81 6.73 5.25
CA VAL A 108 -6.98 5.90 5.40
C VAL A 108 -6.88 5.05 6.65
N LEU A 109 -5.66 4.73 7.06
CA LEU A 109 -5.42 3.94 8.24
C LEU A 109 -5.79 4.72 9.48
N GLU A 110 -5.31 5.96 9.56
CA GLU A 110 -5.58 6.81 10.70
C GLU A 110 -7.08 6.91 10.99
N ARG A 111 -7.86 7.08 9.94
CA ARG A 111 -9.30 7.20 10.09
C ARG A 111 -9.92 5.86 10.49
N MET A 112 -9.73 4.89 9.64
CA MET A 112 -10.28 3.54 9.81
C MET A 112 -9.83 2.89 11.13
N LYS A 113 -8.59 3.10 11.49
CA LYS A 113 -8.05 2.54 12.75
C LYS A 113 -8.79 3.10 13.93
N GLN A 114 -9.04 4.41 13.88
CA GLN A 114 -9.77 5.07 14.95
C GLN A 114 -11.16 4.48 15.10
N GLU A 115 -11.78 4.16 13.96
CA GLU A 115 -13.10 3.57 13.96
C GLU A 115 -13.07 2.17 14.55
N GLU A 116 -12.03 1.42 14.21
CA GLU A 116 -11.85 0.06 14.73
C GLU A 116 -11.82 0.09 16.25
N GLU A 117 -10.80 0.73 16.79
CA GLU A 117 -10.61 0.86 18.23
C GLU A 117 -11.85 1.41 18.93
N ALA A 118 -12.45 2.44 18.34
CA ALA A 118 -13.63 3.08 18.94
C ALA A 118 -14.84 2.14 18.97
N HIS A 119 -15.04 1.34 17.93
CA HIS A 119 -16.21 0.47 17.85
C HIS A 119 -16.02 -0.77 18.71
N LYS A 120 -14.84 -1.35 18.68
CA LYS A 120 -14.55 -2.56 19.45
C LYS A 120 -14.62 -2.26 20.95
N LEU A 121 -14.01 -1.15 21.36
CA LEU A 121 -14.02 -0.74 22.76
C LEU A 121 -15.45 -0.48 23.27
N THR A 122 -16.27 0.15 22.46
CA THR A 122 -17.64 0.45 22.87
C THR A 122 -18.55 -0.77 22.81
N ARG A 123 -18.20 -1.72 21.96
CA ARG A 123 -19.00 -2.95 21.82
C ARG A 123 -18.24 -4.16 22.35
N GLN A 124 -17.48 -3.96 23.43
CA GLN A 124 -16.68 -5.04 23.99
C GLN A 124 -17.55 -6.11 24.67
N TRP A 125 -18.82 -5.82 24.79
CA TRP A 125 -19.78 -6.72 25.39
C TRP A 125 -20.45 -7.57 24.32
N SER A 126 -20.07 -7.34 23.07
CA SER A 126 -20.62 -8.07 21.95
C SER A 126 -19.50 -8.73 21.14
N LEU A 127 -18.36 -8.93 21.78
CA LEU A 127 -17.21 -9.51 21.10
C LEU A 127 -17.47 -10.98 20.74
N ARG A 128 -17.16 -11.32 19.50
CA ARG A 128 -17.31 -12.68 19.02
C ARG A 128 -16.51 -12.87 17.74
N PRO A 129 -15.30 -13.43 17.84
CA PRO A 129 -14.42 -13.65 16.69
C PRO A 129 -14.93 -14.76 15.77
N ARG A 130 -15.29 -15.88 16.36
CA ARG A 130 -15.76 -17.03 15.61
C ARG A 130 -17.21 -17.33 15.96
N GLY A 131 -17.91 -17.96 15.04
CA GLY A 131 -19.28 -18.33 15.30
C GLY A 131 -19.38 -19.73 15.85
N SER A 132 -19.04 -20.71 15.04
CA SER A 132 -19.09 -22.11 15.44
C SER A 132 -18.20 -22.96 14.53
N LEU A 133 -17.75 -24.10 15.03
CA LEU A 133 -16.96 -25.02 14.24
C LEU A 133 -17.91 -25.94 13.49
N ALA A 134 -17.54 -26.33 12.28
CA ALA A 134 -18.39 -27.18 11.47
C ALA A 134 -17.58 -28.22 10.70
N THR A 135 -18.26 -28.93 9.83
CA THR A 135 -17.67 -30.01 9.05
C THR A 135 -16.54 -29.54 8.12
N PHE A 136 -16.49 -28.22 7.85
CA PHE A 136 -15.46 -27.68 6.95
C PHE A 136 -14.05 -27.94 7.47
N GLU A 137 -13.92 -28.09 8.78
CA GLU A 137 -12.62 -28.34 9.38
C GLU A 137 -12.17 -29.77 9.11
N THR A 138 -13.13 -30.61 8.80
CA THR A 138 -12.88 -32.00 8.52
C THR A 138 -12.51 -32.19 7.05
N GLU A 139 -12.90 -31.23 6.24
CA GLU A 139 -12.66 -31.26 4.81
C GLU A 139 -12.13 -29.92 4.34
N ALA A 140 -11.09 -29.49 4.97
CA ALA A 140 -10.46 -28.21 4.66
C ALA A 140 -9.28 -28.40 3.74
N GLU A 141 -8.93 -29.68 3.53
CA GLU A 141 -7.82 -30.07 2.67
C GLU A 141 -6.49 -29.57 3.22
N ILE A 142 -5.46 -29.83 2.47
CA ILE A 142 -4.14 -29.34 2.79
C ILE A 142 -3.75 -28.31 1.73
N ASP A 143 -2.89 -27.37 2.10
CA ASP A 143 -2.47 -26.34 1.15
C ASP A 143 -1.66 -26.96 0.02
N ALA A 1 -10.09 -20.93 4.25
CA ALA A 1 -8.78 -21.25 4.84
C ALA A 1 -7.94 -19.99 5.06
N ARG A 2 -7.93 -19.12 4.07
CA ARG A 2 -7.21 -17.87 4.18
C ARG A 2 -8.10 -16.78 4.71
N SER A 3 -7.51 -15.86 5.44
CA SER A 3 -8.23 -14.74 5.96
C SER A 3 -8.40 -13.70 4.86
N PRO A 4 -9.39 -12.79 4.98
CA PRO A 4 -9.60 -11.72 4.00
C PRO A 4 -8.35 -10.85 3.86
N ALA A 5 -7.51 -10.88 4.90
CA ALA A 5 -6.28 -10.10 4.94
C ALA A 5 -5.33 -10.49 3.82
N GLU A 6 -5.26 -11.78 3.50
CA GLU A 6 -4.36 -12.26 2.44
C GLU A 6 -4.77 -11.67 1.10
N MET A 7 -6.02 -11.85 0.76
CA MET A 7 -6.58 -11.36 -0.50
C MET A 7 -6.41 -9.85 -0.66
N VAL A 8 -6.70 -9.09 0.38
CA VAL A 8 -6.59 -7.63 0.30
C VAL A 8 -5.13 -7.18 0.15
N LEU A 9 -4.23 -7.92 0.77
CA LEU A 9 -2.81 -7.61 0.66
C LEU A 9 -2.33 -7.85 -0.74
N GLU A 10 -2.84 -8.91 -1.36
CA GLU A 10 -2.48 -9.28 -2.69
C GLU A 10 -2.88 -8.18 -3.65
N THR A 11 -4.11 -7.71 -3.53
CA THR A 11 -4.61 -6.65 -4.38
C THR A 11 -3.78 -5.36 -4.27
N LEU A 12 -3.32 -5.05 -3.07
CA LEU A 12 -2.53 -3.84 -2.85
C LEU A 12 -1.16 -4.01 -3.45
N MET A 13 -0.58 -5.17 -3.22
CA MET A 13 0.75 -5.49 -3.71
C MET A 13 0.72 -5.82 -5.18
N MET A 14 -0.47 -6.03 -5.68
CA MET A 14 -0.66 -6.41 -7.06
C MET A 14 -0.50 -5.19 -7.92
N GLU A 15 -1.19 -4.12 -7.55
CA GLU A 15 -1.11 -2.94 -8.33
C GLU A 15 0.07 -2.11 -7.95
N LEU A 16 0.47 -2.17 -6.68
CA LEU A 16 1.69 -1.50 -6.26
C LEU A 16 2.82 -1.97 -7.14
N THR A 17 2.87 -3.27 -7.36
CA THR A 17 3.90 -3.86 -8.22
C THR A 17 3.74 -3.41 -9.68
N GLY A 18 2.55 -3.58 -10.24
CA GLY A 18 2.31 -3.23 -11.63
C GLY A 18 2.48 -1.77 -11.90
N GLN A 19 2.15 -0.95 -10.91
CA GLN A 19 2.25 0.47 -11.06
C GLN A 19 3.67 0.92 -10.80
N MET A 20 4.39 0.19 -9.95
CA MET A 20 5.80 0.46 -9.73
C MET A 20 6.57 0.13 -11.00
N ARG A 21 6.14 -0.93 -11.65
CA ARG A 21 6.72 -1.35 -12.90
C ARG A 21 6.36 -0.36 -14.00
N GLU A 22 5.08 -0.05 -14.10
CA GLU A 22 4.61 0.96 -15.04
C GLU A 22 5.34 2.29 -14.80
N ALA A 23 5.53 2.64 -13.54
CA ALA A 23 6.26 3.84 -13.18
C ALA A 23 7.73 3.75 -13.65
N GLU A 24 8.29 2.56 -13.59
CA GLU A 24 9.64 2.29 -14.09
C GLU A 24 9.70 2.64 -15.58
N ARG A 25 8.61 2.37 -16.27
CA ARG A 25 8.53 2.68 -17.69
C ARG A 25 8.39 4.17 -17.90
N GLN A 26 7.81 4.86 -16.93
CA GLN A 26 7.61 6.31 -17.03
C GLN A 26 8.96 7.01 -17.15
N GLN A 27 9.88 6.70 -16.23
CA GLN A 27 11.20 7.31 -16.26
C GLN A 27 11.95 6.94 -17.56
N ARG A 28 11.78 5.71 -18.01
CA ARG A 28 12.41 5.26 -19.25
C ARG A 28 11.75 5.90 -20.47
N GLU A 29 10.47 6.19 -20.35
CA GLU A 29 9.71 6.82 -21.41
C GLU A 29 10.10 8.29 -21.52
N ARG A 30 10.19 8.93 -20.35
CA ARG A 30 10.54 10.34 -20.25
C ARG A 30 11.94 10.61 -20.81
N SER A 31 12.88 9.76 -20.43
CA SER A 31 14.25 9.91 -20.89
C SER A 31 14.34 9.70 -22.38
N ASN A 32 13.69 8.65 -22.86
CA ASN A 32 13.64 8.37 -24.29
C ASN A 32 13.04 9.54 -25.08
N ALA A 33 12.17 10.28 -24.43
CA ALA A 33 11.50 11.41 -25.07
C ALA A 33 12.45 12.57 -25.28
N VAL A 34 13.28 12.80 -24.29
CA VAL A 34 14.26 13.87 -24.35
C VAL A 34 15.55 13.39 -25.01
N ARG A 35 15.50 12.13 -25.47
CA ARG A 35 16.62 11.49 -26.18
C ARG A 35 17.79 11.27 -25.22
N LYS A 36 19.01 11.17 -25.76
CA LYS A 36 20.25 11.00 -24.97
C LYS A 36 20.34 9.61 -24.32
N VAL A 37 19.43 8.73 -24.70
CA VAL A 37 19.39 7.37 -24.16
C VAL A 37 20.61 6.57 -24.63
N CYS A 38 21.19 6.99 -25.74
CA CYS A 38 22.34 6.33 -26.30
C CYS A 38 23.62 6.72 -25.57
N THR A 39 23.52 7.75 -24.73
CA THR A 39 24.66 8.23 -23.98
C THR A 39 24.48 7.96 -22.49
N GLY A 40 25.57 8.04 -21.74
CA GLY A 40 25.50 7.79 -20.31
C GLY A 40 25.12 9.02 -19.53
N VAL A 41 23.87 9.43 -19.65
CA VAL A 41 23.38 10.60 -18.97
C VAL A 41 22.85 10.22 -17.60
N ASP A 42 23.06 11.12 -16.65
CA ASP A 42 22.57 10.93 -15.30
C ASP A 42 21.06 11.00 -15.29
N TYR A 43 20.45 10.05 -14.62
CA TYR A 43 19.02 9.95 -14.56
C TYR A 43 18.65 8.97 -13.47
N SER A 44 17.38 8.66 -13.33
CA SER A 44 16.93 7.74 -12.30
C SER A 44 17.48 6.33 -12.50
N TRP A 45 18.07 6.08 -13.67
CA TRP A 45 18.66 4.78 -13.96
C TRP A 45 20.14 4.75 -13.61
N LEU A 46 20.68 5.92 -13.28
CA LEU A 46 22.10 6.03 -12.93
C LEU A 46 22.31 6.99 -11.77
N ALA A 47 22.17 6.46 -10.54
CA ALA A 47 22.39 7.22 -9.28
C ALA A 47 21.31 8.28 -9.03
N SER A 48 20.52 8.60 -10.06
CA SER A 48 19.44 9.61 -10.02
C SER A 48 19.96 11.02 -9.69
N THR A 49 19.60 11.97 -10.53
CA THR A 49 20.05 13.35 -10.39
C THR A 49 19.73 13.97 -9.00
N PRO A 50 18.44 13.89 -8.52
CA PRO A 50 18.06 14.44 -7.22
C PRO A 50 18.31 13.47 -6.06
N ASP A 51 18.88 12.32 -6.40
CA ASP A 51 19.15 11.24 -5.44
C ASP A 51 17.84 10.73 -4.83
N SER A 52 17.04 10.10 -5.67
CA SER A 52 15.78 9.56 -5.26
C SER A 52 15.83 8.05 -5.39
N THR A 53 15.16 7.35 -4.50
CA THR A 53 15.17 5.92 -4.54
C THR A 53 13.89 5.33 -3.99
N TYR A 54 13.43 4.28 -4.64
CA TYR A 54 12.26 3.55 -4.26
C TYR A 54 12.70 2.22 -3.67
N ASP A 55 12.21 1.90 -2.50
CA ASP A 55 12.63 0.68 -1.84
C ASP A 55 11.50 0.06 -1.05
N LEU A 56 11.23 -1.19 -1.35
CA LEU A 56 10.27 -1.94 -0.59
C LEU A 56 11.00 -2.92 0.30
N SER A 57 11.61 -2.38 1.33
CA SER A 57 12.38 -3.16 2.26
C SER A 57 11.47 -3.99 3.16
N PRO A 58 11.97 -5.14 3.66
CA PRO A 58 11.21 -6.04 4.54
C PRO A 58 10.38 -5.32 5.61
N ILE A 59 10.97 -4.31 6.24
CA ILE A 59 10.26 -3.58 7.30
C ILE A 59 9.18 -2.70 6.70
N GLU A 60 9.49 -2.06 5.59
CA GLU A 60 8.53 -1.24 4.88
C GLU A 60 7.36 -2.09 4.47
N ARG A 61 7.67 -3.26 3.95
CA ARG A 61 6.66 -4.24 3.55
C ARG A 61 5.76 -4.59 4.73
N LEU A 62 6.39 -5.02 5.81
CA LEU A 62 5.68 -5.42 7.01
C LEU A 62 4.83 -4.28 7.56
N GLN A 63 5.37 -3.08 7.55
CA GLN A 63 4.66 -1.91 8.03
C GLN A 63 3.35 -1.73 7.26
N LEU A 64 3.47 -1.77 5.95
CA LEU A 64 2.32 -1.62 5.06
C LEU A 64 1.38 -2.80 5.20
N GLU A 65 1.96 -3.96 5.42
CA GLU A 65 1.20 -5.17 5.58
C GLU A 65 0.38 -5.09 6.83
N ASP A 66 1.00 -4.60 7.88
CA ASP A 66 0.33 -4.42 9.16
C ASP A 66 -0.87 -3.51 9.01
N VAL A 67 -0.70 -2.48 8.22
CA VAL A 67 -1.77 -1.52 7.98
C VAL A 67 -2.93 -2.17 7.23
N CYS A 68 -2.60 -2.97 6.22
CA CYS A 68 -3.62 -3.57 5.39
C CYS A 68 -4.35 -4.66 6.17
N VAL A 69 -3.62 -5.36 7.02
CA VAL A 69 -4.21 -6.37 7.89
C VAL A 69 -5.20 -5.73 8.86
N LYS A 70 -4.96 -4.46 9.21
CA LYS A 70 -5.84 -3.74 10.11
C LYS A 70 -6.96 -3.01 9.37
N ILE A 71 -7.05 -3.23 8.06
CA ILE A 71 -8.09 -2.61 7.26
C ILE A 71 -9.25 -3.55 7.12
N HIS A 72 -10.44 -3.03 7.33
CA HIS A 72 -11.66 -3.81 7.21
C HIS A 72 -11.86 -4.23 5.77
N PRO A 73 -12.26 -5.50 5.56
CA PRO A 73 -12.50 -6.08 4.23
C PRO A 73 -13.09 -5.11 3.19
N SER A 74 -14.25 -4.53 3.48
CA SER A 74 -14.95 -3.67 2.51
C SER A 74 -14.31 -2.28 2.35
N TYR A 75 -13.37 -1.94 3.20
CA TYR A 75 -12.71 -0.62 3.12
C TYR A 75 -11.51 -0.66 2.22
N CYS A 76 -11.02 -1.86 2.00
CA CYS A 76 -9.88 -2.08 1.13
C CYS A 76 -10.21 -1.63 -0.30
N GLY A 77 -11.40 -2.03 -0.76
CA GLY A 77 -11.87 -1.66 -2.10
C GLY A 77 -11.74 -0.17 -2.39
N PRO A 78 -12.47 0.70 -1.67
CA PRO A 78 -12.35 2.14 -1.84
C PRO A 78 -10.89 2.61 -1.74
N ALA A 79 -10.20 2.16 -0.67
CA ALA A 79 -8.77 2.47 -0.49
C ALA A 79 -8.00 2.23 -1.78
N ILE A 80 -8.27 1.12 -2.41
CA ILE A 80 -7.63 0.76 -3.66
C ILE A 80 -8.07 1.68 -4.79
N LEU A 81 -9.37 1.86 -4.90
CA LEU A 81 -9.94 2.75 -5.91
C LEU A 81 -9.31 4.13 -5.81
N ARG A 82 -9.13 4.59 -4.59
CA ARG A 82 -8.53 5.88 -4.32
C ARG A 82 -7.08 5.89 -4.79
N PHE A 83 -6.33 4.87 -4.39
CA PHE A 83 -4.91 4.78 -4.74
C PHE A 83 -4.69 4.82 -6.24
N ARG A 84 -5.36 3.92 -6.94
CA ARG A 84 -5.18 3.78 -8.37
C ARG A 84 -5.63 5.02 -9.11
N GLN A 85 -6.73 5.61 -8.66
CA GLN A 85 -7.26 6.79 -9.29
C GLN A 85 -6.36 7.99 -9.03
N LEU A 86 -5.73 8.00 -7.85
CA LEU A 86 -4.87 9.12 -7.49
C LEU A 86 -3.56 9.05 -8.24
N LEU A 87 -3.01 7.87 -8.34
CA LEU A 87 -1.77 7.67 -9.05
C LEU A 87 -1.91 8.08 -10.50
N ALA A 88 -3.04 7.77 -11.05
CA ALA A 88 -3.33 8.08 -12.44
C ALA A 88 -3.62 9.55 -12.59
N GLU A 89 -4.11 10.14 -11.53
CA GLU A 89 -4.43 11.54 -11.52
C GLU A 89 -3.16 12.38 -11.37
N GLN A 90 -2.25 11.89 -10.54
CA GLN A 90 -0.99 12.57 -10.31
C GLN A 90 0.07 12.13 -11.31
N GLU A 91 -0.29 11.16 -12.16
CA GLU A 91 0.60 10.61 -13.19
C GLU A 91 1.66 9.69 -12.59
N PRO A 92 2.04 8.62 -13.32
CA PRO A 92 3.03 7.65 -12.85
C PRO A 92 4.38 8.28 -12.45
N GLU A 93 4.95 7.73 -11.39
CA GLU A 93 6.22 8.16 -10.84
C GLU A 93 6.55 7.22 -9.71
N VAL A 94 7.54 6.38 -9.94
CA VAL A 94 7.95 5.36 -8.97
C VAL A 94 8.17 5.92 -7.56
N GLN A 95 8.69 7.12 -7.51
CA GLN A 95 8.92 7.80 -6.25
C GLN A 95 7.59 8.22 -5.62
N GLU A 96 6.63 8.55 -6.48
CA GLU A 96 5.32 8.97 -6.05
C GLU A 96 4.52 7.77 -5.67
N VAL A 97 4.72 6.69 -6.41
CA VAL A 97 4.01 5.45 -6.17
C VAL A 97 4.20 5.00 -4.74
N SER A 98 5.44 4.87 -4.34
CA SER A 98 5.78 4.43 -3.01
C SER A 98 5.30 5.42 -1.94
N GLN A 99 5.49 6.69 -2.23
CA GLN A 99 5.12 7.75 -1.30
C GLN A 99 3.61 7.83 -1.15
N LEU A 100 2.91 7.70 -2.26
CA LEU A 100 1.47 7.78 -2.28
C LEU A 100 0.89 6.54 -1.69
N PHE A 101 1.61 5.44 -1.87
CA PHE A 101 1.17 4.18 -1.34
C PHE A 101 1.22 4.20 0.16
N ARG A 102 2.26 4.80 0.70
CA ARG A 102 2.41 4.91 2.11
C ARG A 102 1.45 5.95 2.64
N SER A 103 1.26 7.01 1.84
CA SER A 103 0.38 8.10 2.23
C SER A 103 -1.05 7.63 2.46
N VAL A 104 -1.65 7.05 1.42
CA VAL A 104 -3.02 6.54 1.51
C VAL A 104 -3.16 5.53 2.62
N LEU A 105 -2.21 4.64 2.73
CA LEU A 105 -2.24 3.64 3.78
C LEU A 105 -2.16 4.25 5.18
N GLN A 106 -1.44 5.36 5.33
CA GLN A 106 -1.37 6.01 6.63
C GLN A 106 -2.66 6.79 6.85
N GLU A 107 -3.24 7.24 5.75
CA GLU A 107 -4.50 7.96 5.77
C GLU A 107 -5.62 7.05 6.27
N VAL A 108 -5.77 5.91 5.62
CA VAL A 108 -6.78 4.95 5.98
C VAL A 108 -6.52 4.38 7.35
N LEU A 109 -5.25 4.35 7.75
CA LEU A 109 -4.85 3.80 9.04
C LEU A 109 -5.53 4.59 10.15
N GLU A 110 -5.40 5.91 10.09
CA GLU A 110 -5.97 6.79 11.10
C GLU A 110 -7.49 6.64 11.15
N ARG A 111 -8.12 6.54 9.99
CA ARG A 111 -9.58 6.43 9.94
C ARG A 111 -10.04 5.03 10.31
N MET A 112 -9.22 4.05 10.02
CA MET A 112 -9.52 2.66 10.33
C MET A 112 -9.44 2.45 11.83
N LYS A 113 -8.44 3.08 12.41
CA LYS A 113 -8.23 3.04 13.85
C LYS A 113 -9.42 3.66 14.55
N GLN A 114 -9.98 4.71 13.94
CA GLN A 114 -11.15 5.39 14.46
C GLN A 114 -12.31 4.41 14.57
N GLU A 115 -12.60 3.71 13.46
CA GLU A 115 -13.64 2.69 13.44
C GLU A 115 -13.40 1.67 14.56
N GLU A 116 -12.15 1.26 14.71
CA GLU A 116 -11.77 0.30 15.74
C GLU A 116 -12.09 0.86 17.12
N GLU A 117 -11.50 2.00 17.43
CA GLU A 117 -11.72 2.68 18.71
C GLU A 117 -13.22 2.88 19.00
N ALA A 118 -13.96 3.31 17.98
CA ALA A 118 -15.38 3.59 18.13
C ALA A 118 -16.20 2.36 18.52
N HIS A 119 -16.03 1.26 17.79
CA HIS A 119 -16.83 0.07 18.06
C HIS A 119 -16.30 -0.71 19.27
N LYS A 120 -15.00 -0.62 19.49
CA LYS A 120 -14.38 -1.31 20.61
C LYS A 120 -14.72 -0.63 21.92
N LEU A 121 -14.69 0.69 21.93
CA LEU A 121 -15.03 1.46 23.12
C LEU A 121 -16.47 1.20 23.54
N THR A 122 -17.39 1.30 22.59
CA THR A 122 -18.80 1.07 22.87
C THR A 122 -19.07 -0.35 23.35
N ARG A 123 -18.37 -1.31 22.76
CA ARG A 123 -18.56 -2.71 23.14
C ARG A 123 -17.56 -3.14 24.19
N GLN A 124 -16.40 -3.58 23.73
CA GLN A 124 -15.32 -4.03 24.58
C GLN A 124 -15.64 -5.40 25.20
N TRP A 125 -16.23 -5.40 26.40
CA TRP A 125 -16.60 -6.62 27.14
C TRP A 125 -15.40 -7.53 27.38
N SER A 126 -15.04 -8.33 26.40
CA SER A 126 -13.92 -9.21 26.52
C SER A 126 -12.69 -8.55 25.91
N LEU A 127 -11.97 -7.80 26.71
CA LEU A 127 -10.78 -7.09 26.26
C LEU A 127 -9.58 -8.03 26.16
N ARG A 128 -8.97 -8.05 24.99
CA ARG A 128 -7.77 -8.84 24.78
C ARG A 128 -6.60 -7.89 24.44
N PRO A 129 -5.76 -7.59 25.43
CA PRO A 129 -4.61 -6.69 25.25
C PRO A 129 -3.60 -7.24 24.25
N ARG A 130 -2.73 -6.36 23.76
CA ARG A 130 -1.74 -6.74 22.77
C ARG A 130 -0.69 -7.68 23.36
N GLY A 131 -0.76 -8.95 23.00
CA GLY A 131 0.22 -9.90 23.44
C GLY A 131 1.48 -9.77 22.63
N SER A 132 2.59 -10.30 23.15
CA SER A 132 3.90 -10.24 22.48
C SER A 132 4.48 -8.81 22.49
N LEU A 133 3.64 -7.83 22.18
CA LEU A 133 4.04 -6.41 22.16
C LEU A 133 4.25 -5.88 23.58
N ALA A 134 4.06 -6.75 24.56
CA ALA A 134 4.29 -6.38 25.95
C ALA A 134 5.78 -6.23 26.21
N THR A 135 6.58 -6.83 25.36
CA THR A 135 8.02 -6.76 25.46
C THR A 135 8.66 -6.89 24.07
N PHE A 136 9.13 -5.77 23.54
CA PHE A 136 9.79 -5.74 22.25
C PHE A 136 10.85 -4.67 22.25
N GLU A 137 11.83 -4.82 21.34
CA GLU A 137 12.95 -3.88 21.24
C GLU A 137 13.86 -4.01 22.48
N THR A 138 13.63 -5.07 23.23
CA THR A 138 14.40 -5.36 24.42
C THR A 138 15.28 -6.58 24.16
N GLU A 139 14.92 -7.30 23.12
CA GLU A 139 15.57 -8.52 22.70
C GLU A 139 17.07 -8.34 22.56
N ALA A 140 17.80 -9.17 23.27
CA ALA A 140 19.25 -9.12 23.27
C ALA A 140 19.81 -10.44 23.77
N GLU A 141 20.43 -11.18 22.88
CA GLU A 141 21.02 -12.45 23.24
C GLU A 141 22.45 -12.27 23.69
N ILE A 142 22.63 -12.15 24.99
CA ILE A 142 23.95 -11.98 25.57
C ILE A 142 24.32 -13.24 26.33
N ASP A 143 25.56 -13.63 26.22
CA ASP A 143 26.04 -14.84 26.86
C ASP A 143 27.31 -14.56 27.64
N ALA A 1 -10.77 -20.22 5.05
CA ALA A 1 -9.41 -20.77 5.09
C ALA A 1 -8.41 -19.69 5.48
N ARG A 2 -8.14 -18.77 4.57
CA ARG A 2 -7.22 -17.68 4.82
C ARG A 2 -7.98 -16.46 5.30
N SER A 3 -7.31 -15.55 5.96
CA SER A 3 -7.94 -14.34 6.42
C SER A 3 -8.09 -13.37 5.26
N PRO A 4 -9.13 -12.51 5.30
CA PRO A 4 -9.37 -11.51 4.24
C PRO A 4 -8.21 -10.54 4.13
N ALA A 5 -7.42 -10.44 5.20
CA ALA A 5 -6.26 -9.59 5.24
C ALA A 5 -5.27 -9.97 4.14
N GLU A 6 -5.18 -11.27 3.85
CA GLU A 6 -4.28 -11.74 2.81
C GLU A 6 -4.74 -11.23 1.45
N MET A 7 -6.03 -11.40 1.21
CA MET A 7 -6.67 -10.91 0.00
C MET A 7 -6.39 -9.43 -0.20
N VAL A 8 -6.55 -8.66 0.88
CA VAL A 8 -6.29 -7.21 0.87
C VAL A 8 -4.84 -6.96 0.47
N LEU A 9 -3.92 -7.68 1.10
CA LEU A 9 -2.50 -7.54 0.83
C LEU A 9 -2.19 -7.74 -0.65
N GLU A 10 -2.78 -8.77 -1.24
CA GLU A 10 -2.57 -9.07 -2.64
C GLU A 10 -3.02 -7.92 -3.50
N THR A 11 -4.26 -7.46 -3.30
CA THR A 11 -4.79 -6.37 -4.09
C THR A 11 -3.86 -5.16 -4.11
N LEU A 12 -3.34 -4.81 -2.94
CA LEU A 12 -2.47 -3.65 -2.82
C LEU A 12 -1.11 -3.91 -3.43
N MET A 13 -0.54 -5.07 -3.12
CA MET A 13 0.81 -5.42 -3.57
C MET A 13 0.83 -5.81 -5.03
N MET A 14 -0.32 -6.09 -5.56
CA MET A 14 -0.45 -6.51 -6.92
C MET A 14 -0.43 -5.33 -7.83
N GLU A 15 -1.19 -4.30 -7.51
CA GLU A 15 -1.21 -3.15 -8.35
C GLU A 15 -0.08 -2.21 -8.00
N LEU A 16 0.33 -2.20 -6.73
CA LEU A 16 1.52 -1.45 -6.34
C LEU A 16 2.67 -1.90 -7.20
N THR A 17 2.83 -3.21 -7.30
CA THR A 17 3.90 -3.77 -8.12
C THR A 17 3.71 -3.45 -9.61
N GLY A 18 2.51 -3.71 -10.13
CA GLY A 18 2.23 -3.47 -11.52
C GLY A 18 2.38 -2.02 -11.91
N GLN A 19 2.07 -1.13 -10.97
CA GLN A 19 2.17 0.28 -11.25
C GLN A 19 3.57 0.77 -10.96
N MET A 20 4.27 0.10 -10.06
CA MET A 20 5.67 0.39 -9.79
C MET A 20 6.48 0.07 -11.03
N ARG A 21 6.10 -1.01 -11.67
CA ARG A 21 6.71 -1.42 -12.91
C ARG A 21 6.26 -0.49 -14.03
N GLU A 22 4.96 -0.24 -14.09
CA GLU A 22 4.38 0.70 -15.05
C GLU A 22 5.10 2.04 -14.94
N ALA A 23 5.28 2.51 -13.72
CA ALA A 23 5.96 3.77 -13.46
C ALA A 23 7.37 3.77 -14.02
N GLU A 24 8.07 2.65 -13.86
CA GLU A 24 9.42 2.53 -14.39
C GLU A 24 9.39 2.60 -15.92
N ARG A 25 8.43 1.89 -16.51
CA ARG A 25 8.26 1.86 -17.96
C ARG A 25 7.97 3.26 -18.48
N GLN A 26 7.13 4.00 -17.77
CA GLN A 26 6.78 5.36 -18.16
C GLN A 26 7.99 6.26 -18.06
N GLN A 27 8.72 6.18 -16.94
CA GLN A 27 9.91 6.98 -16.74
C GLN A 27 10.95 6.66 -17.81
N ARG A 28 11.02 5.38 -18.20
CA ARG A 28 11.94 4.95 -19.24
C ARG A 28 11.64 5.68 -20.55
N GLU A 29 10.38 5.64 -20.98
CA GLU A 29 9.96 6.31 -22.22
C GLU A 29 10.23 7.81 -22.15
N ARG A 30 9.88 8.41 -21.02
CA ARG A 30 10.07 9.84 -20.81
C ARG A 30 11.55 10.22 -20.86
N SER A 31 12.38 9.48 -20.14
CA SER A 31 13.83 9.72 -20.11
C SER A 31 14.43 9.63 -21.52
N ASN A 32 13.80 8.85 -22.39
CA ASN A 32 14.27 8.72 -23.77
C ASN A 32 13.86 9.93 -24.59
N ALA A 33 12.65 10.40 -24.37
CA ALA A 33 12.13 11.55 -25.07
C ALA A 33 12.94 12.80 -24.77
N VAL A 34 13.22 13.00 -23.51
CA VAL A 34 14.00 14.15 -23.07
C VAL A 34 15.45 13.78 -22.84
N ARG A 35 15.88 12.77 -23.57
CA ARG A 35 17.24 12.21 -23.45
C ARG A 35 18.30 13.30 -23.44
N LYS A 36 18.38 14.08 -24.51
CA LYS A 36 19.35 15.16 -24.57
C LYS A 36 18.67 16.49 -24.28
N VAL A 37 17.49 16.43 -23.72
CA VAL A 37 16.73 17.61 -23.38
C VAL A 37 16.88 17.92 -21.89
N CYS A 38 16.55 16.94 -21.06
CA CYS A 38 16.63 17.10 -19.62
C CYS A 38 17.37 15.91 -18.98
N THR A 39 17.96 15.08 -19.85
CA THR A 39 18.71 13.84 -19.48
C THR A 39 17.83 12.75 -18.87
N GLY A 40 16.95 13.15 -17.96
CA GLY A 40 16.07 12.22 -17.31
C GLY A 40 15.29 12.89 -16.21
N VAL A 41 15.99 13.63 -15.38
CA VAL A 41 15.36 14.36 -14.31
C VAL A 41 14.73 15.66 -14.83
N ASP A 42 13.59 15.51 -15.45
CA ASP A 42 12.86 16.65 -16.01
C ASP A 42 12.11 17.36 -14.90
N TYR A 43 11.74 16.60 -13.89
CA TYR A 43 11.04 17.14 -12.76
C TYR A 43 12.01 17.69 -11.72
N SER A 44 12.43 18.93 -11.94
CA SER A 44 13.40 19.60 -11.07
C SER A 44 12.83 19.88 -9.67
N TRP A 45 11.54 19.67 -9.51
CA TRP A 45 10.88 19.87 -8.22
C TRP A 45 11.07 18.65 -7.32
N LEU A 46 11.62 17.59 -7.89
CA LEU A 46 11.89 16.38 -7.15
C LEU A 46 13.29 15.87 -7.43
N ALA A 47 13.54 15.48 -8.67
CA ALA A 47 14.84 14.94 -9.10
C ALA A 47 15.28 13.80 -8.18
N SER A 48 14.32 13.04 -7.68
CA SER A 48 14.59 11.97 -6.73
C SER A 48 15.00 10.68 -7.43
N THR A 49 15.09 10.73 -8.75
CA THR A 49 15.44 9.56 -9.56
C THR A 49 16.80 8.94 -9.14
N PRO A 50 17.91 9.73 -9.10
CA PRO A 50 19.22 9.21 -8.71
C PRO A 50 19.45 9.26 -7.20
N ASP A 51 18.50 9.84 -6.50
CA ASP A 51 18.60 9.98 -5.05
C ASP A 51 17.98 8.80 -4.34
N SER A 52 16.69 8.70 -4.45
CA SER A 52 15.94 7.63 -3.80
C SER A 52 15.33 6.71 -4.84
N THR A 53 15.85 5.49 -4.92
CA THR A 53 15.34 4.51 -5.81
C THR A 53 14.24 3.74 -5.11
N TYR A 54 13.55 2.90 -5.84
CA TYR A 54 12.46 2.15 -5.28
C TYR A 54 12.92 0.78 -4.83
N ASP A 55 12.58 0.43 -3.62
CA ASP A 55 12.91 -0.86 -3.05
C ASP A 55 11.99 -1.18 -1.90
N LEU A 56 11.20 -2.21 -2.03
CA LEU A 56 10.30 -2.60 -0.98
C LEU A 56 11.07 -3.34 0.09
N SER A 57 11.57 -2.59 1.06
CA SER A 57 12.37 -3.14 2.12
C SER A 57 11.49 -3.91 3.10
N PRO A 58 12.08 -4.91 3.80
CA PRO A 58 11.37 -5.72 4.78
C PRO A 58 10.52 -4.91 5.75
N ILE A 59 11.05 -3.78 6.19
CA ILE A 59 10.33 -2.94 7.14
C ILE A 59 9.15 -2.24 6.48
N GLU A 60 9.37 -1.71 5.28
CA GLU A 60 8.32 -1.07 4.52
C GLU A 60 7.21 -2.07 4.29
N ARG A 61 7.61 -3.27 3.91
CA ARG A 61 6.67 -4.37 3.70
C ARG A 61 5.85 -4.64 4.94
N LEU A 62 6.54 -4.88 6.03
CA LEU A 62 5.93 -5.19 7.31
C LEU A 62 4.98 -4.09 7.78
N GLN A 63 5.43 -2.85 7.72
CA GLN A 63 4.62 -1.73 8.18
C GLN A 63 3.33 -1.65 7.36
N LEU A 64 3.48 -1.80 6.07
CA LEU A 64 2.35 -1.76 5.16
C LEU A 64 1.46 -2.98 5.35
N GLU A 65 2.08 -4.12 5.62
CA GLU A 65 1.34 -5.35 5.83
C GLU A 65 0.48 -5.23 7.06
N ASP A 66 1.06 -4.67 8.10
CA ASP A 66 0.35 -4.44 9.34
C ASP A 66 -0.89 -3.59 9.10
N VAL A 67 -0.73 -2.60 8.25
CA VAL A 67 -1.83 -1.70 7.92
C VAL A 67 -2.93 -2.42 7.16
N CYS A 68 -2.56 -3.27 6.20
CA CYS A 68 -3.54 -3.96 5.38
C CYS A 68 -4.31 -4.95 6.21
N VAL A 69 -3.62 -5.56 7.16
CA VAL A 69 -4.23 -6.48 8.09
C VAL A 69 -5.34 -5.77 8.90
N LYS A 70 -5.15 -4.48 9.17
CA LYS A 70 -6.12 -3.70 9.93
C LYS A 70 -7.19 -3.07 9.03
N ILE A 71 -7.15 -3.32 7.74
CA ILE A 71 -8.10 -2.70 6.84
C ILE A 71 -9.26 -3.63 6.55
N HIS A 72 -10.46 -3.08 6.61
CA HIS A 72 -11.68 -3.82 6.33
C HIS A 72 -11.65 -4.38 4.91
N PRO A 73 -12.04 -5.65 4.75
CA PRO A 73 -12.01 -6.35 3.47
C PRO A 73 -12.67 -5.57 2.32
N SER A 74 -13.87 -5.06 2.54
CA SER A 74 -14.60 -4.38 1.48
C SER A 74 -14.08 -2.96 1.25
N TYR A 75 -13.51 -2.33 2.27
CA TYR A 75 -13.01 -0.96 2.15
C TYR A 75 -11.76 -0.91 1.28
N CYS A 76 -11.08 -2.04 1.19
CA CYS A 76 -9.91 -2.18 0.34
C CYS A 76 -10.28 -1.85 -1.10
N GLY A 77 -11.44 -2.34 -1.54
CA GLY A 77 -11.95 -2.07 -2.89
C GLY A 77 -11.85 -0.60 -3.28
N PRO A 78 -12.63 0.29 -2.62
CA PRO A 78 -12.55 1.73 -2.86
C PRO A 78 -11.12 2.24 -2.74
N ALA A 79 -10.46 1.90 -1.62
CA ALA A 79 -9.05 2.27 -1.40
C ALA A 79 -8.19 1.98 -2.62
N ILE A 80 -8.43 0.85 -3.27
CA ILE A 80 -7.70 0.48 -4.48
C ILE A 80 -7.97 1.47 -5.62
N LEU A 81 -9.23 1.72 -5.88
CA LEU A 81 -9.65 2.63 -6.93
C LEU A 81 -9.20 4.06 -6.63
N ARG A 82 -9.03 4.34 -5.35
CA ARG A 82 -8.58 5.63 -4.90
C ARG A 82 -7.11 5.80 -5.27
N PHE A 83 -6.32 4.76 -4.99
CA PHE A 83 -4.90 4.77 -5.30
C PHE A 83 -4.68 4.97 -6.78
N ARG A 84 -5.43 4.22 -7.58
CA ARG A 84 -5.30 4.25 -9.03
C ARG A 84 -5.62 5.61 -9.57
N GLN A 85 -6.75 6.14 -9.12
CA GLN A 85 -7.20 7.44 -9.56
C GLN A 85 -6.15 8.50 -9.23
N LEU A 86 -5.59 8.42 -8.03
CA LEU A 86 -4.63 9.45 -7.60
C LEU A 86 -3.33 9.37 -8.37
N LEU A 87 -2.79 8.17 -8.48
CA LEU A 87 -1.52 7.93 -9.17
C LEU A 87 -1.58 8.47 -10.57
N ALA A 88 -2.71 8.28 -11.18
CA ALA A 88 -2.94 8.68 -12.53
C ALA A 88 -3.09 10.18 -12.67
N GLU A 89 -3.61 10.80 -11.63
CA GLU A 89 -3.82 12.23 -11.66
C GLU A 89 -2.55 12.97 -11.37
N GLN A 90 -1.75 12.42 -10.48
CA GLN A 90 -0.49 13.05 -10.14
C GLN A 90 0.64 12.60 -11.07
N GLU A 91 0.28 11.75 -12.06
CA GLU A 91 1.22 11.28 -13.09
C GLU A 91 2.13 10.18 -12.54
N PRO A 92 2.25 9.05 -13.28
CA PRO A 92 3.13 7.96 -12.89
C PRO A 92 4.52 8.44 -12.50
N GLU A 93 4.98 7.94 -11.37
CA GLU A 93 6.24 8.33 -10.75
C GLU A 93 6.53 7.35 -9.64
N VAL A 94 7.42 6.43 -9.90
CA VAL A 94 7.75 5.35 -8.96
C VAL A 94 8.01 5.85 -7.54
N GLN A 95 8.65 7.00 -7.43
CA GLN A 95 8.94 7.58 -6.13
C GLN A 95 7.64 8.06 -5.49
N GLU A 96 6.72 8.52 -6.33
CA GLU A 96 5.46 9.04 -5.86
C GLU A 96 4.53 7.89 -5.56
N VAL A 97 4.65 6.84 -6.35
CA VAL A 97 3.84 5.64 -6.18
C VAL A 97 3.98 5.14 -4.76
N SER A 98 5.21 5.00 -4.33
CA SER A 98 5.50 4.52 -3.01
C SER A 98 5.02 5.51 -1.93
N GLN A 99 5.23 6.79 -2.19
CA GLN A 99 4.82 7.85 -1.25
C GLN A 99 3.31 7.87 -1.10
N LEU A 100 2.61 7.74 -2.20
CA LEU A 100 1.18 7.77 -2.23
C LEU A 100 0.66 6.51 -1.63
N PHE A 101 1.40 5.45 -1.81
CA PHE A 101 1.02 4.17 -1.29
C PHE A 101 1.10 4.17 0.22
N ARG A 102 2.17 4.71 0.74
CA ARG A 102 2.39 4.76 2.17
C ARG A 102 1.49 5.82 2.79
N SER A 103 1.26 6.89 2.06
CA SER A 103 0.41 7.96 2.56
C SER A 103 -1.04 7.53 2.71
N VAL A 104 -1.66 7.07 1.62
CA VAL A 104 -3.06 6.65 1.68
C VAL A 104 -3.26 5.52 2.68
N LEU A 105 -2.30 4.61 2.75
CA LEU A 105 -2.36 3.52 3.70
C LEU A 105 -2.34 4.04 5.13
N GLN A 106 -1.59 5.12 5.38
CA GLN A 106 -1.59 5.70 6.70
C GLN A 106 -2.86 6.48 6.93
N GLU A 107 -3.42 6.99 5.85
CA GLU A 107 -4.67 7.73 5.93
C GLU A 107 -5.77 6.84 6.45
N VAL A 108 -5.93 5.69 5.82
CA VAL A 108 -6.93 4.74 6.22
C VAL A 108 -6.58 4.11 7.58
N LEU A 109 -5.29 4.08 7.89
CA LEU A 109 -4.82 3.53 9.15
C LEU A 109 -5.29 4.38 10.34
N GLU A 110 -5.15 5.70 10.20
CA GLU A 110 -5.59 6.63 11.24
C GLU A 110 -7.08 6.49 11.47
N ARG A 111 -7.83 6.46 10.37
CA ARG A 111 -9.28 6.38 10.43
C ARG A 111 -9.72 5.02 10.95
N MET A 112 -8.84 4.04 10.79
CA MET A 112 -9.12 2.69 11.22
C MET A 112 -9.03 2.56 12.72
N LYS A 113 -7.99 3.16 13.29
CA LYS A 113 -7.82 3.13 14.74
C LYS A 113 -8.99 3.79 15.43
N GLN A 114 -9.47 4.87 14.84
CA GLN A 114 -10.64 5.56 15.34
C GLN A 114 -11.82 4.59 15.43
N GLU A 115 -12.04 3.88 14.32
CA GLU A 115 -13.07 2.84 14.24
C GLU A 115 -12.89 1.81 15.36
N GLU A 116 -11.64 1.37 15.58
CA GLU A 116 -11.34 0.38 16.61
C GLU A 116 -11.76 0.91 17.97
N GLU A 117 -11.25 2.10 18.30
CA GLU A 117 -11.59 2.78 19.55
C GLU A 117 -13.11 2.87 19.71
N ALA A 118 -13.77 3.34 18.66
CA ALA A 118 -15.22 3.51 18.66
C ALA A 118 -15.94 2.23 19.08
N HIS A 119 -15.47 1.10 18.58
CA HIS A 119 -16.09 -0.17 18.89
C HIS A 119 -15.61 -0.71 20.24
N LYS A 120 -14.52 -0.18 20.77
CA LYS A 120 -14.04 -0.63 22.08
C LYS A 120 -15.06 -0.21 23.13
N LEU A 121 -15.71 0.89 22.82
CA LEU A 121 -16.73 1.47 23.67
C LEU A 121 -18.10 0.90 23.32
N THR A 122 -18.46 0.99 22.05
CA THR A 122 -19.76 0.55 21.55
C THR A 122 -19.83 -0.99 21.35
N ARG A 123 -18.77 -1.68 21.78
CA ARG A 123 -18.62 -3.15 21.66
C ARG A 123 -18.12 -3.53 20.26
N GLN A 124 -17.22 -4.51 20.19
CA GLN A 124 -16.63 -4.93 18.93
C GLN A 124 -17.56 -5.83 18.13
N TRP A 125 -18.34 -6.65 18.84
CA TRP A 125 -19.36 -7.54 18.24
C TRP A 125 -18.74 -8.73 17.48
N SER A 126 -18.01 -8.44 16.41
CA SER A 126 -17.44 -9.50 15.58
C SER A 126 -15.98 -9.78 15.90
N LEU A 127 -15.35 -8.89 16.63
CA LEU A 127 -13.95 -9.08 16.98
C LEU A 127 -13.82 -9.88 18.26
N ARG A 128 -13.72 -11.19 18.11
CA ARG A 128 -13.60 -12.10 19.24
C ARG A 128 -13.12 -13.47 18.75
N PRO A 129 -11.84 -13.79 18.99
CA PRO A 129 -11.27 -15.06 18.57
C PRO A 129 -11.53 -16.16 19.59
N ARG A 130 -11.34 -17.40 19.18
CA ARG A 130 -11.53 -18.54 20.04
C ARG A 130 -10.23 -19.35 20.11
N GLY A 131 -10.37 -20.66 20.32
CA GLY A 131 -9.20 -21.52 20.39
C GLY A 131 -8.56 -21.74 19.02
N SER A 132 -7.73 -22.78 18.91
CA SER A 132 -7.04 -23.12 17.67
C SER A 132 -6.00 -22.03 17.33
N LEU A 133 -5.63 -21.24 18.31
CA LEU A 133 -4.67 -20.17 18.13
C LEU A 133 -3.29 -20.65 18.58
N ALA A 134 -2.25 -19.88 18.25
CA ALA A 134 -0.86 -20.21 18.63
C ALA A 134 -0.37 -21.45 17.89
N THR A 135 -1.05 -21.77 16.80
CA THR A 135 -0.69 -22.91 15.99
C THR A 135 -1.12 -22.68 14.54
N PHE A 136 -1.53 -21.46 14.24
CA PHE A 136 -1.96 -21.09 12.91
C PHE A 136 -0.96 -20.13 12.30
N GLU A 137 -0.37 -19.35 13.18
CA GLU A 137 0.64 -18.37 12.82
C GLU A 137 2.04 -18.95 12.93
N THR A 138 2.10 -20.27 13.01
CA THR A 138 3.37 -20.96 13.11
C THR A 138 4.01 -21.14 11.74
N GLU A 139 3.16 -21.09 10.70
CA GLU A 139 3.58 -21.32 9.31
C GLU A 139 4.18 -22.72 9.12
N ALA A 140 3.39 -23.59 8.54
CA ALA A 140 3.82 -24.95 8.29
C ALA A 140 3.38 -25.42 6.92
N GLU A 141 4.32 -25.57 6.02
CA GLU A 141 4.02 -26.02 4.68
C GLU A 141 3.79 -27.52 4.68
N ILE A 142 2.53 -27.91 4.60
CA ILE A 142 2.17 -29.31 4.63
C ILE A 142 1.84 -29.81 3.23
N ASP A 143 2.17 -31.08 2.98
CA ASP A 143 1.90 -31.76 1.71
C ASP A 143 2.45 -30.98 0.51
N ALA A 1 -12.34 -19.10 4.69
CA ALA A 1 -11.12 -19.78 4.21
C ALA A 1 -9.90 -18.90 4.41
N ARG A 2 -9.73 -17.93 3.53
CA ARG A 2 -8.66 -16.98 3.67
C ARG A 2 -9.20 -15.76 4.39
N SER A 3 -8.51 -15.32 5.42
CA SER A 3 -8.93 -14.14 6.12
C SER A 3 -8.95 -12.96 5.17
N PRO A 4 -9.92 -12.05 5.31
CA PRO A 4 -10.03 -10.87 4.45
C PRO A 4 -8.72 -10.09 4.39
N ALA A 5 -7.93 -10.22 5.44
CA ALA A 5 -6.65 -9.54 5.52
C ALA A 5 -5.69 -10.00 4.43
N GLU A 6 -5.71 -11.31 4.09
CA GLU A 6 -4.76 -11.84 3.14
C GLU A 6 -5.04 -11.33 1.73
N MET A 7 -6.29 -11.46 1.30
CA MET A 7 -6.70 -10.98 -0.01
C MET A 7 -6.39 -9.48 -0.17
N VAL A 8 -6.48 -8.72 0.93
CA VAL A 8 -6.13 -7.31 0.92
C VAL A 8 -4.67 -7.13 0.50
N LEU A 9 -3.78 -7.92 1.12
CA LEU A 9 -2.34 -7.87 0.79
C LEU A 9 -2.14 -7.97 -0.71
N GLU A 10 -2.69 -9.02 -1.29
CA GLU A 10 -2.56 -9.29 -2.71
C GLU A 10 -3.05 -8.10 -3.53
N THR A 11 -4.18 -7.56 -3.13
CA THR A 11 -4.80 -6.48 -3.87
C THR A 11 -3.92 -5.23 -3.87
N LEU A 12 -3.41 -4.88 -2.70
CA LEU A 12 -2.58 -3.68 -2.56
C LEU A 12 -1.20 -3.91 -3.17
N MET A 13 -0.67 -5.09 -2.97
CA MET A 13 0.65 -5.44 -3.47
C MET A 13 0.62 -5.65 -4.98
N MET A 14 -0.55 -5.77 -5.53
CA MET A 14 -0.67 -5.93 -6.97
C MET A 14 -0.67 -4.56 -7.62
N GLU A 15 -1.31 -3.60 -6.96
CA GLU A 15 -1.33 -2.24 -7.45
C GLU A 15 0.03 -1.63 -7.25
N LEU A 16 0.51 -1.73 -6.02
CA LEU A 16 1.81 -1.19 -5.67
C LEU A 16 2.89 -1.71 -6.59
N THR A 17 2.90 -3.00 -6.82
CA THR A 17 3.94 -3.62 -7.62
C THR A 17 3.82 -3.27 -9.11
N GLY A 18 2.66 -3.52 -9.69
CA GLY A 18 2.46 -3.29 -11.08
C GLY A 18 2.63 -1.85 -11.47
N GLN A 19 2.27 -0.96 -10.57
CA GLN A 19 2.34 0.45 -10.85
C GLN A 19 3.72 0.99 -10.53
N MET A 20 4.39 0.41 -9.55
CA MET A 20 5.77 0.83 -9.21
C MET A 20 6.68 0.48 -10.36
N ARG A 21 6.48 -0.72 -10.86
CA ARG A 21 7.27 -1.21 -11.96
C ARG A 21 6.91 -0.45 -13.24
N GLU A 22 5.61 -0.33 -13.51
CA GLU A 22 5.13 0.46 -14.65
C GLU A 22 5.65 1.90 -14.59
N ALA A 23 5.58 2.49 -13.40
CA ALA A 23 6.05 3.87 -13.21
C ALA A 23 7.53 3.99 -13.56
N GLU A 24 8.29 2.97 -13.21
CA GLU A 24 9.72 2.95 -13.47
C GLU A 24 9.98 2.95 -14.98
N ARG A 25 9.31 2.05 -15.69
CA ARG A 25 9.47 1.92 -17.11
C ARG A 25 9.02 3.17 -17.84
N GLN A 26 7.90 3.71 -17.41
CA GLN A 26 7.32 4.88 -18.05
C GLN A 26 8.28 6.06 -17.97
N GLN A 27 8.89 6.26 -16.80
CA GLN A 27 9.84 7.35 -16.61
C GLN A 27 11.05 7.18 -17.53
N ARG A 28 11.52 5.94 -17.66
CA ARG A 28 12.70 5.66 -18.46
C ARG A 28 12.41 5.71 -19.96
N GLU A 29 11.27 5.19 -20.35
CA GLU A 29 10.89 5.18 -21.74
C GLU A 29 10.48 6.60 -22.21
N ARG A 30 9.91 7.39 -21.29
CA ARG A 30 9.51 8.77 -21.59
C ARG A 30 10.75 9.66 -21.77
N SER A 31 11.77 9.43 -20.98
CA SER A 31 12.99 10.23 -21.06
C SER A 31 13.72 9.92 -22.34
N ASN A 32 13.66 8.65 -22.73
CA ASN A 32 14.23 8.21 -23.99
C ASN A 32 13.44 8.77 -25.17
N ALA A 33 12.12 8.83 -24.99
CA ALA A 33 11.20 9.36 -25.99
C ALA A 33 11.54 10.79 -26.40
N VAL A 34 11.76 11.61 -25.42
CA VAL A 34 12.11 13.02 -25.66
C VAL A 34 13.62 13.20 -25.80
N ARG A 35 14.34 12.12 -25.50
CA ARG A 35 15.80 12.06 -25.55
C ARG A 35 16.41 12.90 -24.43
N LYS A 36 16.23 14.21 -24.50
CA LYS A 36 16.72 15.09 -23.47
C LYS A 36 15.60 15.40 -22.48
N VAL A 37 15.50 14.56 -21.46
CA VAL A 37 14.49 14.76 -20.41
C VAL A 37 14.75 16.04 -19.62
N CYS A 38 13.86 17.00 -19.75
CA CYS A 38 14.00 18.27 -19.07
C CYS A 38 12.76 18.60 -18.26
N THR A 39 11.79 17.70 -18.26
CA THR A 39 10.55 17.90 -17.54
C THR A 39 10.79 17.94 -16.03
N GLY A 40 10.73 19.15 -15.46
CA GLY A 40 10.96 19.32 -14.04
C GLY A 40 12.43 19.41 -13.72
N VAL A 41 13.27 19.39 -14.78
CA VAL A 41 14.73 19.43 -14.67
C VAL A 41 15.27 18.10 -14.15
N ASP A 42 16.21 17.53 -14.88
CA ASP A 42 16.81 16.26 -14.49
C ASP A 42 17.76 16.47 -13.33
N TYR A 43 17.63 15.66 -12.31
CA TYR A 43 18.43 15.77 -11.12
C TYR A 43 19.53 14.73 -11.12
N SER A 44 20.59 15.01 -10.39
CA SER A 44 21.74 14.11 -10.32
C SER A 44 21.38 12.78 -9.65
N TRP A 45 20.20 12.72 -9.06
CA TRP A 45 19.75 11.54 -8.35
C TRP A 45 18.49 10.94 -8.99
N LEU A 46 17.91 11.66 -9.95
CA LEU A 46 16.67 11.23 -10.61
C LEU A 46 16.57 11.77 -12.02
N ALA A 47 16.22 10.88 -12.95
CA ALA A 47 16.01 11.20 -14.38
C ALA A 47 17.31 11.25 -15.15
N SER A 48 18.32 11.81 -14.53
CA SER A 48 19.64 11.88 -15.11
C SER A 48 20.35 10.55 -14.84
N THR A 49 19.74 9.75 -14.00
CA THR A 49 20.25 8.46 -13.62
C THR A 49 19.82 7.39 -14.63
N PRO A 50 20.64 6.35 -14.83
CA PRO A 50 20.38 5.30 -15.83
C PRO A 50 19.12 4.49 -15.57
N ASP A 51 19.17 3.63 -14.58
CA ASP A 51 18.06 2.73 -14.28
C ASP A 51 17.70 2.73 -12.80
N SER A 52 17.85 3.88 -12.16
CA SER A 52 17.51 4.02 -10.74
C SER A 52 16.04 3.72 -10.52
N THR A 53 15.76 2.65 -9.80
CA THR A 53 14.41 2.25 -9.55
C THR A 53 14.15 2.12 -8.05
N TYR A 54 12.89 2.02 -7.71
CA TYR A 54 12.45 1.89 -6.35
C TYR A 54 11.96 0.47 -6.13
N ASP A 55 12.08 -0.01 -4.92
CA ASP A 55 11.67 -1.34 -4.56
C ASP A 55 11.00 -1.31 -3.22
N LEU A 56 10.34 -2.37 -2.87
CA LEU A 56 9.68 -2.46 -1.60
C LEU A 56 10.60 -3.10 -0.59
N SER A 57 11.06 -2.31 0.35
CA SER A 57 11.97 -2.80 1.36
C SER A 57 11.24 -3.71 2.34
N PRO A 58 11.94 -4.68 2.95
CA PRO A 58 11.36 -5.62 3.91
C PRO A 58 10.64 -4.90 5.05
N ILE A 59 11.11 -3.71 5.40
CA ILE A 59 10.52 -2.93 6.46
C ILE A 59 9.18 -2.35 6.01
N GLU A 60 9.18 -1.74 4.83
CA GLU A 60 7.95 -1.18 4.26
C GLU A 60 6.93 -2.27 4.09
N ARG A 61 7.39 -3.41 3.60
CA ARG A 61 6.55 -4.58 3.44
C ARG A 61 5.80 -4.89 4.73
N LEU A 62 6.57 -5.07 5.78
CA LEU A 62 6.01 -5.40 7.09
C LEU A 62 5.09 -4.29 7.60
N GLN A 63 5.54 -3.04 7.49
CA GLN A 63 4.72 -1.91 7.95
C GLN A 63 3.39 -1.89 7.24
N LEU A 64 3.46 -1.99 5.92
CA LEU A 64 2.28 -1.97 5.10
C LEU A 64 1.42 -3.20 5.31
N GLU A 65 2.07 -4.33 5.56
CA GLU A 65 1.35 -5.57 5.80
C GLU A 65 0.54 -5.45 7.08
N ASP A 66 1.16 -4.84 8.06
CA ASP A 66 0.52 -4.61 9.35
C ASP A 66 -0.72 -3.74 9.15
N VAL A 67 -0.62 -2.78 8.26
CA VAL A 67 -1.74 -1.90 7.96
C VAL A 67 -2.84 -2.67 7.24
N CYS A 68 -2.45 -3.51 6.27
CA CYS A 68 -3.40 -4.29 5.50
C CYS A 68 -4.15 -5.30 6.36
N VAL A 69 -3.43 -5.99 7.24
CA VAL A 69 -4.08 -6.96 8.12
C VAL A 69 -5.05 -6.29 9.08
N LYS A 70 -4.84 -5.00 9.36
CA LYS A 70 -5.73 -4.26 10.22
C LYS A 70 -6.75 -3.44 9.44
N ILE A 71 -6.82 -3.65 8.13
CA ILE A 71 -7.73 -2.90 7.31
C ILE A 71 -9.09 -3.58 7.33
N HIS A 72 -10.10 -2.89 6.91
CA HIS A 72 -11.43 -3.45 6.87
C HIS A 72 -11.76 -3.83 5.43
N PRO A 73 -12.50 -4.94 5.24
CA PRO A 73 -12.85 -5.46 3.91
C PRO A 73 -13.26 -4.38 2.90
N SER A 74 -14.32 -3.62 3.20
CA SER A 74 -14.85 -2.61 2.28
C SER A 74 -13.95 -1.37 2.18
N TYR A 75 -12.89 -1.31 2.97
CA TYR A 75 -12.00 -0.15 2.96
C TYR A 75 -10.93 -0.33 1.91
N CYS A 76 -10.73 -1.57 1.50
CA CYS A 76 -9.74 -1.92 0.49
C CYS A 76 -10.13 -1.31 -0.86
N GLY A 77 -11.38 -1.51 -1.23
CA GLY A 77 -11.92 -0.95 -2.48
C GLY A 77 -11.53 0.51 -2.71
N PRO A 78 -12.03 1.43 -1.86
CA PRO A 78 -11.67 2.85 -1.95
C PRO A 78 -10.16 3.04 -1.98
N ALA A 79 -9.48 2.39 -1.03
CA ALA A 79 -8.01 2.44 -0.96
C ALA A 79 -7.37 2.23 -2.32
N ILE A 80 -7.83 1.24 -3.04
CA ILE A 80 -7.29 0.97 -4.37
C ILE A 80 -7.80 1.98 -5.39
N LEU A 81 -9.10 2.19 -5.36
CA LEU A 81 -9.76 3.11 -6.28
C LEU A 81 -9.10 4.48 -6.27
N ARG A 82 -8.95 5.03 -5.08
CA ARG A 82 -8.35 6.34 -4.92
C ARG A 82 -6.89 6.32 -5.30
N PHE A 83 -6.18 5.28 -4.88
CA PHE A 83 -4.75 5.18 -5.16
C PHE A 83 -4.48 5.18 -6.65
N ARG A 84 -5.14 4.30 -7.36
CA ARG A 84 -4.96 4.16 -8.80
C ARG A 84 -5.34 5.44 -9.52
N GLN A 85 -6.47 6.01 -9.13
CA GLN A 85 -6.95 7.23 -9.76
C GLN A 85 -6.01 8.39 -9.47
N LEU A 86 -5.44 8.41 -8.26
CA LEU A 86 -4.57 9.52 -7.89
C LEU A 86 -3.21 9.38 -8.55
N LEU A 87 -2.77 8.15 -8.67
CA LEU A 87 -1.50 7.86 -9.32
C LEU A 87 -1.54 8.33 -10.76
N ALA A 88 -2.67 8.13 -11.35
CA ALA A 88 -2.90 8.50 -12.73
C ALA A 88 -3.04 10.01 -12.87
N GLU A 89 -3.59 10.65 -11.85
CA GLU A 89 -3.79 12.09 -11.88
C GLU A 89 -2.50 12.81 -11.60
N GLN A 90 -1.70 12.22 -10.76
CA GLN A 90 -0.40 12.78 -10.42
C GLN A 90 0.65 12.36 -11.43
N GLU A 91 0.25 11.46 -12.35
CA GLU A 91 1.12 10.95 -13.42
C GLU A 91 2.19 10.00 -12.88
N PRO A 92 2.79 9.17 -13.77
CA PRO A 92 3.82 8.20 -13.38
C PRO A 92 5.01 8.84 -12.67
N GLU A 93 5.23 8.39 -11.44
CA GLU A 93 6.32 8.84 -10.60
C GLU A 93 6.48 7.84 -9.49
N VAL A 94 7.40 6.91 -9.68
CA VAL A 94 7.68 5.84 -8.73
C VAL A 94 7.90 6.39 -7.33
N GLN A 95 8.50 7.55 -7.26
CA GLN A 95 8.77 8.23 -6.00
C GLN A 95 7.45 8.63 -5.34
N GLU A 96 6.48 8.99 -6.16
CA GLU A 96 5.21 9.43 -5.66
C GLU A 96 4.33 8.25 -5.41
N VAL A 97 4.52 7.20 -6.20
CA VAL A 97 3.77 5.98 -6.05
C VAL A 97 3.92 5.45 -4.64
N SER A 98 5.15 5.26 -4.23
CA SER A 98 5.45 4.75 -2.92
C SER A 98 5.00 5.70 -1.81
N GLN A 99 5.26 6.97 -2.00
CA GLN A 99 4.89 7.98 -1.03
C GLN A 99 3.38 8.05 -0.88
N LEU A 100 2.70 7.98 -1.99
CA LEU A 100 1.26 8.05 -2.01
C LEU A 100 0.69 6.80 -1.44
N PHE A 101 1.40 5.71 -1.65
CA PHE A 101 0.97 4.43 -1.17
C PHE A 101 1.07 4.39 0.35
N ARG A 102 2.13 4.97 0.86
CA ARG A 102 2.35 5.04 2.27
C ARG A 102 1.35 6.00 2.87
N SER A 103 1.16 7.11 2.17
CA SER A 103 0.27 8.16 2.60
C SER A 103 -1.17 7.67 2.74
N VAL A 104 -1.75 7.19 1.65
CA VAL A 104 -3.14 6.72 1.66
C VAL A 104 -3.37 5.63 2.70
N LEU A 105 -2.42 4.71 2.80
CA LEU A 105 -2.52 3.64 3.78
C LEU A 105 -2.51 4.16 5.20
N GLN A 106 -1.73 5.20 5.45
CA GLN A 106 -1.71 5.80 6.79
C GLN A 106 -2.92 6.69 7.01
N GLU A 107 -3.46 7.20 5.93
CA GLU A 107 -4.67 8.03 6.00
C GLU A 107 -5.85 7.16 6.38
N VAL A 108 -6.03 6.08 5.66
CA VAL A 108 -7.12 5.17 5.93
C VAL A 108 -6.88 4.45 7.26
N LEU A 109 -5.61 4.33 7.66
CA LEU A 109 -5.23 3.69 8.92
C LEU A 109 -5.88 4.44 10.07
N GLU A 110 -5.70 5.75 10.11
CA GLU A 110 -6.27 6.56 11.17
C GLU A 110 -7.79 6.42 11.19
N ARG A 111 -8.39 6.43 10.00
CA ARG A 111 -9.84 6.32 9.85
C ARG A 111 -10.35 4.93 10.29
N MET A 112 -9.59 3.90 9.99
CA MET A 112 -10.00 2.53 10.33
C MET A 112 -9.78 2.25 11.80
N LYS A 113 -8.73 2.86 12.34
CA LYS A 113 -8.35 2.72 13.72
C LYS A 113 -9.43 3.26 14.64
N GLN A 114 -9.81 4.50 14.42
CA GLN A 114 -10.82 5.15 15.25
C GLN A 114 -12.16 4.43 15.17
N GLU A 115 -12.60 4.09 13.95
CA GLU A 115 -13.87 3.41 13.74
C GLU A 115 -13.92 2.06 14.46
N GLU A 116 -12.89 1.25 14.28
CA GLU A 116 -12.87 -0.10 14.83
C GLU A 116 -12.82 -0.08 16.34
N GLU A 117 -11.78 0.54 16.89
CA GLU A 117 -11.59 0.62 18.33
C GLU A 117 -12.80 1.23 19.04
N ALA A 118 -13.50 2.13 18.36
CA ALA A 118 -14.70 2.74 18.94
C ALA A 118 -15.81 1.70 19.08
N HIS A 119 -15.85 0.75 18.15
CA HIS A 119 -16.86 -0.31 18.20
C HIS A 119 -16.54 -1.26 19.32
N LYS A 120 -15.27 -1.65 19.40
CA LYS A 120 -14.81 -2.56 20.46
C LYS A 120 -15.02 -1.94 21.83
N LEU A 121 -14.73 -0.65 21.94
CA LEU A 121 -14.93 0.09 23.18
C LEU A 121 -16.41 -0.01 23.63
N THR A 122 -17.31 0.14 22.69
CA THR A 122 -18.73 0.08 22.99
C THR A 122 -19.19 -1.35 23.33
N ARG A 123 -18.72 -2.31 22.55
CA ARG A 123 -19.11 -3.70 22.75
C ARG A 123 -18.03 -4.43 23.56
N GLN A 124 -17.44 -3.73 24.51
CA GLN A 124 -16.39 -4.30 25.33
C GLN A 124 -16.96 -5.10 26.49
N TRP A 125 -17.18 -6.36 26.25
CA TRP A 125 -17.67 -7.26 27.29
C TRP A 125 -16.73 -8.43 27.41
N SER A 126 -16.52 -9.12 26.30
CA SER A 126 -15.56 -10.19 26.26
C SER A 126 -14.20 -9.61 25.85
N LEU A 127 -13.41 -9.24 26.83
CA LEU A 127 -12.11 -8.63 26.58
C LEU A 127 -11.04 -9.70 26.37
N ARG A 128 -10.39 -9.63 25.21
CA ARG A 128 -9.33 -10.54 24.86
C ARG A 128 -8.08 -10.23 25.67
N PRO A 129 -7.37 -11.27 26.12
CA PRO A 129 -6.11 -11.10 26.85
C PRO A 129 -5.05 -10.44 25.98
N ARG A 130 -4.63 -11.13 24.93
CA ARG A 130 -3.67 -10.59 23.96
C ARG A 130 -3.48 -11.57 22.80
N GLY A 131 -3.05 -12.77 23.11
CA GLY A 131 -2.82 -13.78 22.09
C GLY A 131 -1.37 -14.19 22.01
N SER A 132 -1.13 -15.49 21.94
CA SER A 132 0.22 -16.01 21.85
C SER A 132 0.40 -16.86 20.59
N LEU A 133 -0.54 -17.80 20.37
CA LEU A 133 -0.51 -18.71 19.22
C LEU A 133 0.64 -19.71 19.33
N ALA A 134 0.30 -20.96 19.61
CA ALA A 134 1.29 -22.01 19.74
C ALA A 134 1.86 -22.42 18.39
N THR A 135 2.83 -23.34 18.41
CA THR A 135 3.48 -23.83 17.19
C THR A 135 4.46 -22.80 16.64
N PHE A 136 3.96 -21.63 16.30
CA PHE A 136 4.80 -20.55 15.78
C PHE A 136 5.70 -20.01 16.88
N GLU A 137 5.23 -20.09 18.09
CA GLU A 137 6.01 -19.67 19.25
C GLU A 137 6.73 -20.86 19.87
N THR A 138 6.62 -22.00 19.21
CA THR A 138 7.23 -23.22 19.69
C THR A 138 8.42 -23.63 18.82
N GLU A 139 8.43 -23.13 17.60
CA GLU A 139 9.47 -23.46 16.63
C GLU A 139 10.84 -23.02 17.11
N ALA A 140 11.83 -23.86 16.85
CA ALA A 140 13.20 -23.57 17.21
C ALA A 140 14.08 -23.72 15.99
N GLU A 141 14.77 -22.63 15.61
CA GLU A 141 15.64 -22.59 14.44
C GLU A 141 14.82 -22.59 13.14
N ILE A 142 15.37 -21.99 12.10
CA ILE A 142 14.70 -21.93 10.82
C ILE A 142 15.46 -22.72 9.77
N ASP A 143 14.75 -23.29 8.83
CA ASP A 143 15.37 -24.06 7.75
C ASP A 143 15.45 -23.21 6.50
N ALA A 1 -11.09 -20.41 5.03
CA ALA A 1 -9.69 -20.79 4.81
C ALA A 1 -8.77 -19.56 4.91
N ARG A 2 -8.82 -18.70 3.92
CA ARG A 2 -7.99 -17.51 3.90
C ARG A 2 -8.70 -16.37 4.60
N SER A 3 -7.99 -15.67 5.44
CA SER A 3 -8.56 -14.50 6.06
C SER A 3 -8.58 -13.37 5.03
N PRO A 4 -9.62 -12.54 5.05
CA PRO A 4 -9.77 -11.41 4.10
C PRO A 4 -8.52 -10.55 4.03
N ALA A 5 -7.78 -10.51 5.14
CA ALA A 5 -6.57 -9.72 5.23
C ALA A 5 -5.53 -10.10 4.20
N GLU A 6 -5.41 -11.40 3.89
CA GLU A 6 -4.38 -11.81 2.95
C GLU A 6 -4.80 -11.46 1.53
N MET A 7 -6.02 -11.79 1.19
CA MET A 7 -6.58 -11.48 -0.11
C MET A 7 -6.50 -9.98 -0.45
N VAL A 8 -6.82 -9.13 0.52
CA VAL A 8 -6.76 -7.70 0.29
C VAL A 8 -5.31 -7.22 0.13
N LEU A 9 -4.40 -7.85 0.86
CA LEU A 9 -2.98 -7.53 0.78
C LEU A 9 -2.49 -7.69 -0.64
N GLU A 10 -2.99 -8.71 -1.32
CA GLU A 10 -2.59 -8.97 -2.66
C GLU A 10 -3.11 -7.89 -3.57
N THR A 11 -4.37 -7.53 -3.42
CA THR A 11 -4.96 -6.53 -4.32
C THR A 11 -4.13 -5.24 -4.37
N LEU A 12 -3.66 -4.80 -3.22
CA LEU A 12 -2.90 -3.56 -3.16
C LEU A 12 -1.44 -3.77 -3.51
N MET A 13 -0.83 -4.87 -3.03
CA MET A 13 0.60 -5.13 -3.30
C MET A 13 0.81 -5.64 -4.71
N MET A 14 -0.26 -6.05 -5.31
CA MET A 14 -0.21 -6.62 -6.65
C MET A 14 -0.28 -5.52 -7.65
N GLU A 15 -1.15 -4.53 -7.42
CA GLU A 15 -1.25 -3.48 -8.35
C GLU A 15 -0.17 -2.46 -8.06
N LEU A 16 0.23 -2.34 -6.79
CA LEU A 16 1.34 -1.46 -6.44
C LEU A 16 2.59 -1.93 -7.17
N THR A 17 2.81 -3.23 -7.17
CA THR A 17 3.96 -3.80 -7.87
C THR A 17 3.88 -3.50 -9.37
N GLY A 18 2.72 -3.76 -9.97
CA GLY A 18 2.53 -3.53 -11.37
C GLY A 18 2.61 -2.08 -11.73
N GLN A 19 2.19 -1.22 -10.82
CA GLN A 19 2.22 0.19 -11.05
C GLN A 19 3.60 0.74 -10.78
N MET A 20 4.30 0.14 -9.83
CA MET A 20 5.68 0.54 -9.53
C MET A 20 6.55 0.22 -10.72
N ARG A 21 6.40 -1.00 -11.20
CA ARG A 21 7.13 -1.46 -12.35
C ARG A 21 6.79 -0.62 -13.58
N GLU A 22 5.49 -0.51 -13.86
CA GLU A 22 5.01 0.28 -14.98
C GLU A 22 5.44 1.73 -14.88
N ALA A 23 5.21 2.35 -13.73
CA ALA A 23 5.53 3.78 -13.55
C ALA A 23 7.01 4.04 -13.73
N GLU A 24 7.82 3.11 -13.25
CA GLU A 24 9.26 3.22 -13.38
C GLU A 24 9.63 3.19 -14.87
N ARG A 25 9.03 2.24 -15.60
CA ARG A 25 9.27 2.11 -17.03
C ARG A 25 8.75 3.35 -17.78
N GLN A 26 7.62 3.87 -17.33
CA GLN A 26 7.05 5.06 -17.93
C GLN A 26 8.01 6.24 -17.81
N GLN A 27 8.72 6.30 -16.70
CA GLN A 27 9.70 7.35 -16.48
C GLN A 27 10.92 7.14 -17.34
N ARG A 28 11.19 5.88 -17.68
CA ARG A 28 12.29 5.55 -18.59
C ARG A 28 11.99 6.11 -19.95
N GLU A 29 10.71 6.05 -20.34
CA GLU A 29 10.24 6.60 -21.60
C GLU A 29 10.45 8.11 -21.60
N ARG A 30 10.07 8.74 -20.48
CA ARG A 30 10.22 10.18 -20.31
C ARG A 30 11.70 10.56 -20.37
N SER A 31 12.52 9.77 -19.71
CA SER A 31 13.97 9.97 -19.70
C SER A 31 14.53 9.84 -21.11
N ASN A 32 14.04 8.85 -21.83
CA ASN A 32 14.47 8.59 -23.20
C ASN A 32 14.13 9.78 -24.08
N ALA A 33 12.96 10.35 -23.85
CA ALA A 33 12.51 11.55 -24.55
C ALA A 33 13.51 12.70 -24.36
N VAL A 34 14.04 12.81 -23.17
CA VAL A 34 15.05 13.83 -22.85
C VAL A 34 16.45 13.35 -23.25
N ARG A 35 16.52 12.14 -23.80
CA ARG A 35 17.77 11.50 -24.23
C ARG A 35 18.58 11.00 -23.04
N LYS A 36 19.73 10.37 -23.34
CA LYS A 36 20.57 9.75 -22.32
C LYS A 36 19.81 8.62 -21.65
N VAL A 37 19.60 7.55 -22.40
CA VAL A 37 18.79 6.42 -21.96
C VAL A 37 19.57 5.53 -20.98
N CYS A 38 20.75 5.96 -20.60
CA CYS A 38 21.56 5.22 -19.65
C CYS A 38 21.01 5.41 -18.24
N THR A 39 20.84 6.67 -17.85
CA THR A 39 20.30 7.02 -16.55
C THR A 39 19.69 8.41 -16.62
N GLY A 40 18.40 8.50 -16.43
CA GLY A 40 17.74 9.78 -16.48
C GLY A 40 17.50 10.33 -15.10
N VAL A 41 17.91 11.56 -14.89
CA VAL A 41 17.70 12.21 -13.61
C VAL A 41 16.78 13.43 -13.77
N ASP A 42 16.44 13.74 -15.02
CA ASP A 42 15.63 14.93 -15.36
C ASP A 42 14.16 14.81 -14.95
N TYR A 43 13.92 14.54 -13.68
CA TYR A 43 12.59 14.44 -13.10
C TYR A 43 12.68 14.24 -11.60
N SER A 44 13.71 13.53 -11.17
CA SER A 44 13.94 13.27 -9.76
C SER A 44 14.35 14.55 -9.03
N TRP A 45 14.86 15.50 -9.78
CA TRP A 45 15.26 16.80 -9.25
C TRP A 45 14.05 17.71 -9.15
N LEU A 46 13.03 17.37 -9.90
CA LEU A 46 11.83 18.18 -9.97
C LEU A 46 10.84 17.76 -8.90
N ALA A 47 10.37 16.55 -9.00
CA ALA A 47 9.41 16.01 -8.06
C ALA A 47 9.82 14.63 -7.58
N SER A 48 10.58 14.60 -6.49
CA SER A 48 11.07 13.35 -5.91
C SER A 48 11.89 13.66 -4.67
N THR A 49 12.12 12.64 -3.85
CA THR A 49 12.92 12.80 -2.66
C THR A 49 14.39 12.69 -2.99
N PRO A 50 15.20 13.69 -2.60
CA PRO A 50 16.64 13.70 -2.86
C PRO A 50 17.34 12.46 -2.29
N ASP A 51 18.09 11.77 -3.14
CA ASP A 51 18.88 10.58 -2.76
C ASP A 51 18.00 9.34 -2.55
N SER A 52 17.03 9.47 -1.69
CA SER A 52 16.12 8.38 -1.36
C SER A 52 15.30 7.96 -2.58
N THR A 53 15.57 6.78 -3.06
CA THR A 53 14.88 6.23 -4.20
C THR A 53 13.80 5.24 -3.73
N TYR A 54 12.99 4.77 -4.64
CA TYR A 54 11.93 3.83 -4.31
C TYR A 54 12.51 2.46 -3.95
N ASP A 55 12.22 2.02 -2.75
CA ASP A 55 12.69 0.73 -2.27
C ASP A 55 11.68 0.09 -1.34
N LEU A 56 11.08 -0.99 -1.78
CA LEU A 56 10.12 -1.70 -0.94
C LEU A 56 10.87 -2.66 -0.04
N SER A 57 11.42 -2.13 1.01
CA SER A 57 12.19 -2.90 1.96
C SER A 57 11.26 -3.76 2.84
N PRO A 58 11.82 -4.78 3.52
CA PRO A 58 11.04 -5.66 4.39
C PRO A 58 10.23 -4.89 5.43
N ILE A 59 10.80 -3.79 5.92
CA ILE A 59 10.13 -2.98 6.91
C ILE A 59 8.92 -2.27 6.32
N GLU A 60 9.10 -1.71 5.11
CA GLU A 60 8.00 -1.06 4.41
C GLU A 60 6.90 -2.07 4.20
N ARG A 61 7.29 -3.25 3.74
CA ARG A 61 6.35 -4.34 3.53
C ARG A 61 5.57 -4.63 4.80
N LEU A 62 6.29 -4.93 5.85
CA LEU A 62 5.71 -5.29 7.13
C LEU A 62 4.79 -4.21 7.68
N GLN A 63 5.27 -2.96 7.67
CA GLN A 63 4.49 -1.87 8.21
C GLN A 63 3.20 -1.69 7.43
N LEU A 64 3.32 -1.76 6.11
CA LEU A 64 2.18 -1.64 5.23
C LEU A 64 1.25 -2.83 5.37
N GLU A 65 1.84 -4.01 5.52
CA GLU A 65 1.06 -5.23 5.66
C GLU A 65 0.22 -5.18 6.90
N ASP A 66 0.86 -4.77 7.98
CA ASP A 66 0.19 -4.64 9.25
C ASP A 66 -1.01 -3.71 9.15
N VAL A 67 -0.84 -2.66 8.37
CA VAL A 67 -1.91 -1.68 8.16
C VAL A 67 -3.07 -2.31 7.41
N CYS A 68 -2.77 -3.09 6.37
CA CYS A 68 -3.80 -3.69 5.56
C CYS A 68 -4.52 -4.79 6.33
N VAL A 69 -3.78 -5.48 7.18
CA VAL A 69 -4.36 -6.49 8.05
C VAL A 69 -5.42 -5.85 8.95
N LYS A 70 -5.17 -4.60 9.34
CA LYS A 70 -6.10 -3.87 10.20
C LYS A 70 -7.11 -3.07 9.39
N ILE A 71 -7.17 -3.32 8.10
CA ILE A 71 -8.12 -2.66 7.23
C ILE A 71 -9.33 -3.56 7.02
N HIS A 72 -10.51 -2.98 7.10
CA HIS A 72 -11.75 -3.71 6.88
C HIS A 72 -11.83 -4.21 5.45
N PRO A 73 -12.22 -5.48 5.27
CA PRO A 73 -12.27 -6.14 3.96
C PRO A 73 -12.86 -5.28 2.83
N SER A 74 -14.04 -4.69 3.06
CA SER A 74 -14.71 -3.92 2.03
C SER A 74 -14.06 -2.54 1.82
N TYR A 75 -13.51 -1.96 2.88
CA TYR A 75 -12.91 -0.63 2.81
C TYR A 75 -11.64 -0.64 2.00
N CYS A 76 -11.05 -1.80 1.89
CA CYS A 76 -9.85 -1.97 1.09
C CYS A 76 -10.16 -1.65 -0.36
N GLY A 77 -11.30 -2.12 -0.83
CA GLY A 77 -11.76 -1.84 -2.19
C GLY A 77 -11.62 -0.38 -2.57
N PRO A 78 -12.43 0.52 -1.99
CA PRO A 78 -12.33 1.96 -2.23
C PRO A 78 -10.90 2.44 -2.10
N ALA A 79 -10.27 2.15 -0.95
CA ALA A 79 -8.87 2.54 -0.70
C ALA A 79 -7.97 2.20 -1.87
N ILE A 80 -8.12 1.01 -2.42
CA ILE A 80 -7.31 0.59 -3.54
C ILE A 80 -7.68 1.35 -4.80
N LEU A 81 -8.96 1.44 -5.09
CA LEU A 81 -9.46 2.17 -6.24
C LEU A 81 -9.01 3.61 -6.22
N ARG A 82 -9.02 4.21 -5.02
CA ARG A 82 -8.59 5.58 -4.86
C ARG A 82 -7.13 5.72 -5.23
N PHE A 83 -6.33 4.72 -4.88
CA PHE A 83 -4.92 4.77 -5.23
C PHE A 83 -4.75 4.83 -6.74
N ARG A 84 -5.53 4.04 -7.44
CA ARG A 84 -5.44 3.97 -8.89
C ARG A 84 -5.87 5.27 -9.51
N GLN A 85 -6.98 5.79 -9.02
CA GLN A 85 -7.52 7.04 -9.51
C GLN A 85 -6.53 8.18 -9.25
N LEU A 86 -5.91 8.18 -8.07
CA LEU A 86 -4.98 9.25 -7.72
C LEU A 86 -3.68 9.12 -8.48
N LEU A 87 -3.21 7.90 -8.64
CA LEU A 87 -1.98 7.64 -9.37
C LEU A 87 -2.09 8.18 -10.78
N ALA A 88 -3.26 8.03 -11.32
CA ALA A 88 -3.56 8.49 -12.65
C ALA A 88 -3.56 10.00 -12.71
N GLU A 89 -3.95 10.62 -11.62
CA GLU A 89 -3.97 12.07 -11.54
C GLU A 89 -2.56 12.60 -11.33
N GLN A 90 -1.79 11.88 -10.55
CA GLN A 90 -0.40 12.27 -10.28
C GLN A 90 0.52 11.87 -11.42
N GLU A 91 0.00 11.01 -12.32
CA GLU A 91 0.73 10.53 -13.49
C GLU A 91 1.80 9.49 -13.10
N PRO A 92 2.21 8.64 -14.06
CA PRO A 92 3.23 7.62 -13.82
C PRO A 92 4.54 8.22 -13.31
N GLU A 93 4.93 7.77 -12.11
CA GLU A 93 6.09 8.24 -11.41
C GLU A 93 6.26 7.36 -10.18
N VAL A 94 7.10 6.34 -10.33
CA VAL A 94 7.39 5.35 -9.28
C VAL A 94 7.65 6.00 -7.93
N GLN A 95 8.25 7.16 -7.98
CA GLN A 95 8.56 7.94 -6.81
C GLN A 95 7.27 8.36 -6.10
N GLU A 96 6.29 8.78 -6.89
CA GLU A 96 5.03 9.21 -6.37
C GLU A 96 4.18 8.03 -6.04
N VAL A 97 4.34 6.97 -6.82
CA VAL A 97 3.57 5.75 -6.62
C VAL A 97 3.75 5.22 -5.21
N SER A 98 4.98 4.98 -4.83
CA SER A 98 5.27 4.43 -3.52
C SER A 98 4.94 5.43 -2.41
N GLN A 99 5.22 6.68 -2.65
CA GLN A 99 4.96 7.73 -1.67
C GLN A 99 3.46 7.91 -1.45
N LEU A 100 2.72 7.89 -2.54
CA LEU A 100 1.27 8.04 -2.52
C LEU A 100 0.67 6.80 -1.92
N PHE A 101 1.37 5.70 -2.12
CA PHE A 101 0.94 4.44 -1.58
C PHE A 101 1.04 4.45 -0.08
N ARG A 102 2.09 5.04 0.41
CA ARG A 102 2.29 5.14 1.84
C ARG A 102 1.32 6.17 2.38
N SER A 103 1.13 7.25 1.61
CA SER A 103 0.24 8.32 2.03
C SER A 103 -1.18 7.82 2.28
N VAL A 104 -1.80 7.25 1.25
CA VAL A 104 -3.16 6.72 1.35
C VAL A 104 -3.29 5.71 2.48
N LEU A 105 -2.34 4.81 2.57
CA LEU A 105 -2.36 3.79 3.60
C LEU A 105 -2.24 4.38 5.00
N GLN A 106 -1.47 5.46 5.14
CA GLN A 106 -1.35 6.11 6.44
C GLN A 106 -2.61 6.89 6.73
N GLU A 107 -3.21 7.39 5.67
CA GLU A 107 -4.45 8.14 5.76
C GLU A 107 -5.59 7.25 6.27
N VAL A 108 -5.77 6.11 5.62
CA VAL A 108 -6.82 5.17 6.01
C VAL A 108 -6.51 4.58 7.37
N LEU A 109 -5.22 4.52 7.71
CA LEU A 109 -4.77 3.95 8.97
C LEU A 109 -5.39 4.71 10.13
N GLU A 110 -5.16 6.02 10.15
CA GLU A 110 -5.64 6.86 11.24
C GLU A 110 -7.16 6.81 11.37
N ARG A 111 -7.85 6.84 10.23
CA ARG A 111 -9.32 6.87 10.26
C ARG A 111 -9.91 5.50 10.59
N MET A 112 -9.25 4.46 10.14
CA MET A 112 -9.77 3.11 10.31
C MET A 112 -9.44 2.56 11.67
N LYS A 113 -8.26 2.88 12.16
CA LYS A 113 -7.84 2.45 13.48
C LYS A 113 -8.74 3.07 14.54
N GLN A 114 -9.00 4.38 14.38
CA GLN A 114 -9.86 5.09 15.32
C GLN A 114 -11.26 4.48 15.30
N GLU A 115 -11.78 4.23 14.11
CA GLU A 115 -13.09 3.61 13.95
C GLU A 115 -13.14 2.26 14.66
N GLU A 116 -12.05 1.51 14.55
CA GLU A 116 -11.95 0.19 15.16
C GLU A 116 -12.00 0.28 16.68
N GLU A 117 -11.01 0.91 17.27
CA GLU A 117 -10.91 1.03 18.71
C GLU A 117 -12.15 1.69 19.33
N ALA A 118 -12.73 2.65 18.63
CA ALA A 118 -13.90 3.37 19.12
C ALA A 118 -15.10 2.43 19.29
N HIS A 119 -15.37 1.60 18.28
CA HIS A 119 -16.54 0.73 18.34
C HIS A 119 -16.32 -0.45 19.27
N LYS A 120 -15.05 -0.79 19.51
CA LYS A 120 -14.71 -1.86 20.43
C LYS A 120 -14.97 -1.41 21.86
N LEU A 121 -14.48 -0.22 22.18
CA LEU A 121 -14.64 0.36 23.51
C LEU A 121 -16.11 0.48 23.91
N THR A 122 -16.96 0.87 22.98
CA THR A 122 -18.39 1.01 23.26
C THR A 122 -19.04 -0.36 23.55
N ARG A 123 -18.33 -1.44 23.21
CA ARG A 123 -18.84 -2.79 23.46
C ARG A 123 -17.98 -3.50 24.49
N GLN A 124 -17.14 -2.75 25.15
CA GLN A 124 -16.27 -3.30 26.15
C GLN A 124 -16.87 -3.09 27.53
N TRP A 125 -17.60 -4.08 28.00
CA TRP A 125 -18.21 -4.02 29.32
C TRP A 125 -17.75 -5.20 30.16
N SER A 126 -18.33 -6.36 29.89
CA SER A 126 -17.95 -7.60 30.57
C SER A 126 -18.20 -8.78 29.63
N LEU A 127 -18.43 -8.47 28.36
CA LEU A 127 -18.76 -9.46 27.35
C LEU A 127 -17.51 -10.21 26.91
N ARG A 128 -16.60 -9.48 26.25
CA ARG A 128 -15.37 -10.03 25.69
C ARG A 128 -15.69 -11.06 24.58
N PRO A 129 -15.89 -10.58 23.34
CA PRO A 129 -16.19 -11.45 22.21
C PRO A 129 -14.92 -12.08 21.64
N ARG A 130 -14.91 -13.39 21.53
CA ARG A 130 -13.76 -14.11 21.00
C ARG A 130 -14.18 -15.49 20.49
N GLY A 131 -13.72 -15.82 19.30
CA GLY A 131 -13.99 -17.11 18.72
C GLY A 131 -12.73 -17.78 18.28
N SER A 132 -12.14 -18.58 19.16
CA SER A 132 -10.88 -19.24 18.87
C SER A 132 -11.05 -20.37 17.85
N LEU A 133 -12.15 -21.11 17.97
CA LEU A 133 -12.42 -22.22 17.08
C LEU A 133 -13.62 -21.90 16.20
N ALA A 134 -13.36 -21.32 15.04
CA ALA A 134 -14.41 -21.00 14.09
C ALA A 134 -14.30 -21.91 12.87
N THR A 135 -13.07 -22.23 12.53
CA THR A 135 -12.78 -23.08 11.41
C THR A 135 -12.32 -24.46 11.92
N PHE A 136 -12.71 -25.52 11.21
CA PHE A 136 -12.37 -26.89 11.63
C PHE A 136 -10.95 -27.24 11.27
N GLU A 137 -10.30 -26.34 10.53
CA GLU A 137 -8.91 -26.50 10.10
C GLU A 137 -8.72 -27.71 9.18
N THR A 138 -9.83 -28.33 8.81
CA THR A 138 -9.81 -29.45 7.90
C THR A 138 -9.83 -28.93 6.48
N GLU A 139 -10.36 -27.73 6.34
CA GLU A 139 -10.45 -27.08 5.04
C GLU A 139 -9.13 -26.44 4.65
N ALA A 140 -8.78 -26.54 3.39
CA ALA A 140 -7.57 -25.95 2.86
C ALA A 140 -7.80 -25.42 1.47
N GLU A 141 -9.04 -25.53 1.01
CA GLU A 141 -9.43 -25.10 -0.32
C GLU A 141 -10.22 -23.80 -0.24
N ILE A 142 -9.97 -22.89 -1.18
CA ILE A 142 -10.61 -21.58 -1.16
C ILE A 142 -11.90 -21.56 -1.98
N ASP A 143 -11.89 -22.29 -3.06
CA ASP A 143 -13.05 -22.35 -3.94
C ASP A 143 -13.68 -23.73 -3.91
N ALA A 1 -8.60 -21.37 4.27
CA ALA A 1 -7.61 -21.42 5.36
C ALA A 1 -6.99 -20.05 5.61
N ARG A 2 -6.89 -19.25 4.54
CA ARG A 2 -6.31 -17.92 4.65
C ARG A 2 -7.26 -16.94 5.29
N SER A 3 -6.69 -16.01 5.98
CA SER A 3 -7.46 -14.98 6.63
C SER A 3 -7.75 -13.89 5.61
N PRO A 4 -8.83 -13.11 5.80
CA PRO A 4 -9.18 -12.01 4.89
C PRO A 4 -8.00 -11.07 4.65
N ALA A 5 -7.12 -10.99 5.64
CA ALA A 5 -5.95 -10.14 5.57
C ALA A 5 -5.00 -10.54 4.44
N GLU A 6 -4.86 -11.85 4.19
CA GLU A 6 -3.94 -12.33 3.17
C GLU A 6 -4.35 -11.84 1.79
N MET A 7 -5.61 -11.99 1.47
CA MET A 7 -6.14 -11.50 0.20
C MET A 7 -5.97 -9.99 0.08
N VAL A 8 -6.15 -9.27 1.20
CA VAL A 8 -5.95 -7.83 1.22
C VAL A 8 -4.54 -7.47 0.76
N LEU A 9 -3.53 -8.15 1.33
CA LEU A 9 -2.13 -7.92 0.97
C LEU A 9 -1.93 -8.03 -0.54
N GLU A 10 -2.43 -9.12 -1.11
CA GLU A 10 -2.31 -9.37 -2.53
C GLU A 10 -2.94 -8.24 -3.33
N THR A 11 -4.06 -7.74 -2.86
CA THR A 11 -4.76 -6.68 -3.55
C THR A 11 -3.91 -5.40 -3.61
N LEU A 12 -3.32 -5.04 -2.49
CA LEU A 12 -2.51 -3.83 -2.41
C LEU A 12 -1.18 -4.05 -3.11
N MET A 13 -0.61 -5.23 -2.95
CA MET A 13 0.67 -5.56 -3.53
C MET A 13 0.57 -5.83 -5.01
N MET A 14 -0.64 -5.99 -5.50
CA MET A 14 -0.84 -6.21 -6.92
C MET A 14 -0.87 -4.88 -7.63
N GLU A 15 -1.55 -3.92 -7.02
CA GLU A 15 -1.63 -2.61 -7.60
C GLU A 15 -0.32 -1.89 -7.42
N LEU A 16 0.25 -2.00 -6.23
CA LEU A 16 1.54 -1.41 -5.94
C LEU A 16 2.58 -1.91 -6.93
N THR A 17 2.60 -3.21 -7.15
CA THR A 17 3.57 -3.81 -8.06
C THR A 17 3.31 -3.43 -9.51
N GLY A 18 2.09 -3.62 -9.98
CA GLY A 18 1.74 -3.32 -11.35
C GLY A 18 1.97 -1.88 -11.70
N GLN A 19 1.77 -1.00 -10.73
CA GLN A 19 1.94 0.40 -10.97
C GLN A 19 3.39 0.79 -10.78
N MET A 20 4.10 0.09 -9.90
CA MET A 20 5.51 0.35 -9.69
C MET A 20 6.27 -0.03 -10.92
N ARG A 21 5.91 -1.19 -11.45
CA ARG A 21 6.52 -1.72 -12.65
C ARG A 21 6.23 -0.80 -13.82
N GLU A 22 4.95 -0.50 -14.05
CA GLU A 22 4.58 0.43 -15.10
C GLU A 22 5.18 1.82 -14.89
N ALA A 23 5.25 2.25 -13.63
CA ALA A 23 5.87 3.54 -13.30
C ALA A 23 7.29 3.62 -13.83
N GLU A 24 8.03 2.52 -13.69
CA GLU A 24 9.40 2.45 -14.21
C GLU A 24 9.38 2.66 -15.72
N ARG A 25 8.47 1.95 -16.37
CA ARG A 25 8.32 2.01 -17.83
C ARG A 25 8.03 3.44 -18.30
N GLN A 26 7.15 4.11 -17.60
CA GLN A 26 6.76 5.46 -17.95
C GLN A 26 7.91 6.43 -17.70
N GLN A 27 8.69 6.16 -16.67
CA GLN A 27 9.85 6.99 -16.36
C GLN A 27 10.89 6.85 -17.47
N ARG A 28 10.99 5.65 -18.02
CA ARG A 28 11.90 5.38 -19.13
C ARG A 28 11.42 6.12 -20.37
N GLU A 29 10.11 6.26 -20.48
CA GLU A 29 9.50 6.99 -21.57
C GLU A 29 9.89 8.47 -21.48
N ARG A 30 9.82 9.01 -20.26
CA ARG A 30 10.17 10.42 -20.00
C ARG A 30 11.60 10.71 -20.43
N SER A 31 12.52 9.87 -19.98
CA SER A 31 13.93 10.04 -20.26
C SER A 31 14.22 9.88 -21.76
N ASN A 32 13.56 8.93 -22.39
CA ASN A 32 13.70 8.69 -23.81
C ASN A 32 13.09 9.82 -24.64
N ALA A 33 12.20 10.58 -24.02
CA ALA A 33 11.52 11.67 -24.71
C ALA A 33 12.32 12.94 -24.62
N VAL A 34 12.85 13.19 -23.44
CA VAL A 34 13.65 14.39 -23.18
C VAL A 34 15.05 14.25 -23.77
N ARG A 35 15.46 13.02 -24.02
CA ARG A 35 16.78 12.77 -24.57
C ARG A 35 16.66 11.94 -25.85
N LYS A 36 17.78 11.44 -26.34
CA LYS A 36 17.77 10.65 -27.57
C LYS A 36 17.96 9.17 -27.26
N VAL A 37 17.13 8.67 -26.31
CA VAL A 37 17.09 7.26 -25.87
C VAL A 37 18.46 6.74 -25.33
N CYS A 38 18.44 5.58 -24.66
CA CYS A 38 19.65 4.91 -24.13
C CYS A 38 20.32 5.67 -22.97
N THR A 39 19.92 6.91 -22.76
CA THR A 39 20.49 7.74 -21.71
C THR A 39 20.11 7.22 -20.32
N GLY A 40 18.81 7.10 -20.09
CA GLY A 40 18.33 6.67 -18.79
C GLY A 40 18.12 7.85 -17.87
N VAL A 41 17.83 7.57 -16.61
CA VAL A 41 17.62 8.63 -15.63
C VAL A 41 17.55 8.03 -14.23
N ASP A 42 17.96 8.83 -13.25
CA ASP A 42 17.91 8.41 -11.85
C ASP A 42 16.49 8.51 -11.35
N TYR A 43 16.02 9.73 -11.22
CA TYR A 43 14.64 10.00 -10.87
C TYR A 43 13.99 10.79 -12.00
N SER A 44 14.05 12.11 -11.90
CA SER A 44 13.54 13.00 -12.93
C SER A 44 14.27 14.33 -12.87
N TRP A 45 15.29 14.39 -12.02
CA TRP A 45 16.05 15.61 -11.81
C TRP A 45 17.54 15.31 -11.71
N LEU A 46 17.91 14.06 -12.01
CA LEU A 46 19.30 13.64 -11.95
C LEU A 46 19.59 12.68 -13.08
N ALA A 47 20.61 12.99 -13.85
CA ALA A 47 21.01 12.15 -14.96
C ALA A 47 22.07 11.16 -14.49
N SER A 48 21.63 10.23 -13.68
CA SER A 48 22.50 9.23 -13.10
C SER A 48 21.86 7.84 -13.22
N THR A 49 22.62 6.81 -12.94
CA THR A 49 22.10 5.46 -12.99
C THR A 49 22.68 4.60 -11.87
N PRO A 50 21.85 4.28 -10.87
CA PRO A 50 22.26 3.45 -9.74
C PRO A 50 22.07 1.97 -10.00
N ASP A 51 21.55 1.65 -11.18
CA ASP A 51 21.28 0.26 -11.62
C ASP A 51 20.09 -0.36 -10.89
N SER A 52 20.04 -0.16 -9.60
CA SER A 52 18.98 -0.67 -8.78
C SER A 52 17.76 0.23 -8.85
N THR A 53 16.60 -0.37 -8.82
CA THR A 53 15.37 0.36 -8.86
C THR A 53 14.77 0.44 -7.46
N TYR A 54 13.70 1.18 -7.33
CA TYR A 54 13.02 1.35 -6.06
C TYR A 54 12.46 0.02 -5.61
N ASP A 55 12.58 -0.25 -4.33
CA ASP A 55 12.11 -1.50 -3.80
C ASP A 55 11.61 -1.30 -2.39
N LEU A 56 10.52 -1.95 -2.07
CA LEU A 56 9.96 -1.87 -0.76
C LEU A 56 10.78 -2.74 0.16
N SER A 57 11.42 -2.12 1.12
CA SER A 57 12.28 -2.82 2.03
C SER A 57 11.47 -3.79 2.88
N PRO A 58 12.03 -4.99 3.17
CA PRO A 58 11.36 -6.03 3.98
C PRO A 58 10.71 -5.47 5.24
N ILE A 59 11.33 -4.45 5.81
CA ILE A 59 10.82 -3.82 7.01
C ILE A 59 9.54 -3.05 6.72
N GLU A 60 9.58 -2.26 5.65
CA GLU A 60 8.42 -1.49 5.23
C GLU A 60 7.30 -2.42 4.84
N ARG A 61 7.67 -3.52 4.21
CA ARG A 61 6.72 -4.54 3.79
C ARG A 61 5.98 -5.11 5.00
N LEU A 62 6.73 -5.52 6.00
CA LEU A 62 6.12 -6.04 7.23
C LEU A 62 5.23 -5.00 7.90
N GLN A 63 5.68 -3.74 7.88
CA GLN A 63 4.90 -2.66 8.47
C GLN A 63 3.58 -2.51 7.72
N LEU A 64 3.67 -2.60 6.41
CA LEU A 64 2.53 -2.48 5.54
C LEU A 64 1.60 -3.67 5.77
N GLU A 65 2.18 -4.84 6.02
CA GLU A 65 1.41 -6.04 6.27
C GLU A 65 0.58 -5.87 7.51
N ASP A 66 1.22 -5.35 8.54
CA ASP A 66 0.54 -5.10 9.80
C ASP A 66 -0.62 -4.17 9.60
N VAL A 67 -0.43 -3.18 8.74
CA VAL A 67 -1.47 -2.23 8.41
C VAL A 67 -2.61 -2.92 7.66
N CYS A 68 -2.27 -3.81 6.74
CA CYS A 68 -3.27 -4.50 5.94
C CYS A 68 -4.08 -5.45 6.80
N VAL A 69 -3.41 -6.08 7.75
CA VAL A 69 -4.07 -6.96 8.69
C VAL A 69 -5.14 -6.19 9.48
N LYS A 70 -4.87 -4.92 9.75
CA LYS A 70 -5.80 -4.07 10.48
C LYS A 70 -6.77 -3.35 9.53
N ILE A 71 -6.75 -3.71 8.25
CA ILE A 71 -7.64 -3.12 7.28
C ILE A 71 -8.98 -3.85 7.33
N HIS A 72 -10.04 -3.16 6.98
CA HIS A 72 -11.37 -3.73 6.99
C HIS A 72 -11.74 -4.13 5.56
N PRO A 73 -12.58 -5.17 5.41
CA PRO A 73 -12.99 -5.68 4.09
C PRO A 73 -13.38 -4.57 3.09
N SER A 74 -14.37 -3.77 3.45
CA SER A 74 -14.86 -2.71 2.56
C SER A 74 -13.90 -1.52 2.44
N TYR A 75 -12.85 -1.50 3.24
CA TYR A 75 -11.89 -0.39 3.22
C TYR A 75 -10.82 -0.60 2.18
N CYS A 76 -10.61 -1.83 1.82
CA CYS A 76 -9.61 -2.17 0.82
C CYS A 76 -9.99 -1.60 -0.55
N GLY A 77 -11.24 -1.84 -0.93
CA GLY A 77 -11.78 -1.33 -2.20
C GLY A 77 -11.43 0.13 -2.46
N PRO A 78 -12.02 1.08 -1.70
CA PRO A 78 -11.72 2.50 -1.84
C PRO A 78 -10.22 2.76 -1.82
N ALA A 79 -9.52 2.17 -0.86
CA ALA A 79 -8.06 2.29 -0.77
C ALA A 79 -7.40 2.06 -2.13
N ILE A 80 -7.82 1.03 -2.82
CA ILE A 80 -7.27 0.75 -4.14
C ILE A 80 -7.79 1.72 -5.19
N LEU A 81 -9.09 1.93 -5.17
CA LEU A 81 -9.76 2.84 -6.10
C LEU A 81 -9.15 4.23 -6.05
N ARG A 82 -9.02 4.78 -4.86
CA ARG A 82 -8.46 6.10 -4.69
C ARG A 82 -6.99 6.12 -5.06
N PHE A 83 -6.28 5.05 -4.77
CA PHE A 83 -4.86 5.00 -5.09
C PHE A 83 -4.65 5.08 -6.61
N ARG A 84 -5.42 4.29 -7.34
CA ARG A 84 -5.34 4.29 -8.79
C ARG A 84 -5.80 5.63 -9.34
N GLN A 85 -6.87 6.14 -8.76
CA GLN A 85 -7.42 7.42 -9.15
C GLN A 85 -6.41 8.53 -8.94
N LEU A 86 -5.70 8.48 -7.81
CA LEU A 86 -4.76 9.53 -7.45
C LEU A 86 -3.50 9.43 -8.28
N LEU A 87 -3.00 8.22 -8.45
CA LEU A 87 -1.81 7.98 -9.24
C LEU A 87 -2.00 8.50 -10.65
N ALA A 88 -3.18 8.32 -11.15
CA ALA A 88 -3.54 8.76 -12.47
C ALA A 88 -3.62 10.27 -12.54
N GLU A 89 -3.94 10.88 -11.42
CA GLU A 89 -4.01 12.32 -11.32
C GLU A 89 -2.61 12.91 -11.14
N GLN A 90 -1.81 12.23 -10.34
CA GLN A 90 -0.43 12.67 -10.08
C GLN A 90 0.53 12.21 -11.16
N GLU A 91 0.00 11.42 -12.11
CA GLU A 91 0.79 10.89 -13.23
C GLU A 91 1.75 9.78 -12.76
N PRO A 92 2.05 8.80 -13.63
CA PRO A 92 2.97 7.71 -13.31
C PRO A 92 4.35 8.23 -12.90
N GLU A 93 4.90 7.67 -11.84
CA GLU A 93 6.19 8.07 -11.32
C GLU A 93 6.52 7.20 -10.12
N VAL A 94 7.48 6.33 -10.30
CA VAL A 94 7.89 5.36 -9.29
C VAL A 94 8.09 5.98 -7.90
N GLN A 95 8.62 7.19 -7.86
CA GLN A 95 8.85 7.90 -6.58
C GLN A 95 7.52 8.33 -5.99
N GLU A 96 6.58 8.64 -6.87
CA GLU A 96 5.29 9.13 -6.46
C GLU A 96 4.45 7.96 -6.03
N VAL A 97 4.59 6.87 -6.77
CA VAL A 97 3.83 5.65 -6.50
C VAL A 97 4.04 5.21 -5.07
N SER A 98 5.28 5.02 -4.70
CA SER A 98 5.61 4.54 -3.38
C SER A 98 5.22 5.53 -2.29
N GLN A 99 5.48 6.79 -2.54
CA GLN A 99 5.21 7.85 -1.58
C GLN A 99 3.71 8.01 -1.39
N LEU A 100 2.98 7.92 -2.48
CA LEU A 100 1.54 8.06 -2.46
C LEU A 100 0.92 6.83 -1.89
N PHE A 101 1.58 5.71 -2.11
CA PHE A 101 1.09 4.44 -1.62
C PHE A 101 1.15 4.41 -0.12
N ARG A 102 2.25 4.87 0.42
CA ARG A 102 2.43 4.88 1.84
C ARG A 102 1.59 5.95 2.47
N SER A 103 1.48 7.07 1.76
CA SER A 103 0.67 8.19 2.22
C SER A 103 -0.77 7.78 2.46
N VAL A 104 -1.44 7.31 1.41
CA VAL A 104 -2.84 6.91 1.53
C VAL A 104 -3.03 5.82 2.56
N LEU A 105 -2.08 4.89 2.63
CA LEU A 105 -2.13 3.83 3.62
C LEU A 105 -2.09 4.39 5.03
N GLN A 106 -1.32 5.45 5.22
CA GLN A 106 -1.25 6.07 6.54
C GLN A 106 -2.49 6.90 6.80
N GLU A 107 -3.04 7.46 5.74
CA GLU A 107 -4.24 8.27 5.86
C GLU A 107 -5.43 7.40 6.20
N VAL A 108 -5.61 6.33 5.44
CA VAL A 108 -6.70 5.42 5.65
C VAL A 108 -6.55 4.73 7.00
N LEU A 109 -5.31 4.58 7.45
CA LEU A 109 -5.02 3.94 8.73
C LEU A 109 -5.65 4.74 9.86
N GLU A 110 -5.40 6.04 9.85
CA GLU A 110 -5.89 6.93 10.90
C GLU A 110 -7.42 6.90 10.98
N ARG A 111 -8.08 6.97 9.83
CA ARG A 111 -9.54 7.00 9.80
C ARG A 111 -10.13 5.62 10.09
N MET A 112 -9.43 4.60 9.66
CA MET A 112 -9.87 3.22 9.83
C MET A 112 -9.71 2.80 11.28
N LYS A 113 -8.63 3.24 11.87
CA LYS A 113 -8.35 2.98 13.28
C LYS A 113 -9.46 3.60 14.11
N GLN A 114 -9.90 4.79 13.72
CA GLN A 114 -10.96 5.49 14.40
C GLN A 114 -12.23 4.65 14.43
N GLU A 115 -12.67 4.21 13.25
CA GLU A 115 -13.88 3.40 13.14
C GLU A 115 -13.78 2.14 13.99
N GLU A 116 -12.63 1.49 13.92
CA GLU A 116 -12.39 0.26 14.67
C GLU A 116 -12.54 0.51 16.17
N GLU A 117 -11.69 1.38 16.69
CA GLU A 117 -11.71 1.75 18.09
C GLU A 117 -13.10 2.25 18.52
N ALA A 118 -13.76 3.01 17.64
CA ALA A 118 -15.07 3.56 17.93
C ALA A 118 -16.14 2.48 18.11
N HIS A 119 -16.17 1.49 17.22
CA HIS A 119 -17.19 0.46 17.32
C HIS A 119 -16.85 -0.55 18.42
N LYS A 120 -15.56 -0.70 18.71
CA LYS A 120 -15.14 -1.59 19.76
C LYS A 120 -15.38 -0.96 21.13
N LEU A 121 -15.19 0.34 21.22
CA LEU A 121 -15.41 1.06 22.46
C LEU A 121 -16.88 0.95 22.89
N THR A 122 -17.79 1.23 21.96
CA THR A 122 -19.21 1.19 22.24
C THR A 122 -19.70 -0.27 22.45
N ARG A 123 -19.00 -1.21 21.88
CA ARG A 123 -19.37 -2.62 21.98
C ARG A 123 -18.29 -3.44 22.64
N GLN A 124 -17.68 -2.87 23.64
CA GLN A 124 -16.63 -3.54 24.36
C GLN A 124 -17.22 -4.51 25.38
N TRP A 125 -17.32 -5.76 25.00
CA TRP A 125 -17.83 -6.81 25.88
C TRP A 125 -16.95 -8.04 25.72
N SER A 126 -16.28 -8.41 26.81
CA SER A 126 -15.35 -9.53 26.80
C SER A 126 -14.17 -9.24 25.86
N LEU A 127 -13.11 -8.67 26.42
CA LEU A 127 -11.94 -8.28 25.63
C LEU A 127 -11.15 -9.50 25.17
N ARG A 128 -11.34 -10.63 25.86
CA ARG A 128 -10.65 -11.89 25.57
C ARG A 128 -9.15 -11.79 25.92
N PRO A 129 -8.48 -12.95 26.07
CA PRO A 129 -7.03 -12.99 26.35
C PRO A 129 -6.21 -12.47 25.16
N ARG A 130 -4.89 -12.48 25.31
CA ARG A 130 -4.01 -11.97 24.26
C ARG A 130 -3.54 -13.09 23.34
N GLY A 131 -3.92 -14.31 23.66
CA GLY A 131 -3.56 -15.44 22.82
C GLY A 131 -4.46 -15.53 21.61
N SER A 132 -3.89 -15.46 20.44
CA SER A 132 -4.65 -15.51 19.22
C SER A 132 -4.01 -16.48 18.23
N LEU A 133 -4.55 -17.68 18.16
CA LEU A 133 -4.07 -18.66 17.22
C LEU A 133 -5.22 -19.11 16.32
N ALA A 134 -5.48 -18.34 15.29
CA ALA A 134 -6.56 -18.63 14.38
C ALA A 134 -6.03 -19.22 13.09
N THR A 135 -4.85 -18.75 12.67
CA THR A 135 -4.22 -19.17 11.41
C THR A 135 -3.70 -20.61 11.46
N PHE A 136 -4.08 -21.33 12.50
CA PHE A 136 -3.66 -22.71 12.67
C PHE A 136 -4.87 -23.62 12.62
N GLU A 137 -5.93 -23.19 13.28
CA GLU A 137 -7.18 -23.94 13.33
C GLU A 137 -7.84 -23.91 11.96
N THR A 138 -7.56 -22.87 11.23
CA THR A 138 -8.12 -22.67 9.91
C THR A 138 -7.34 -23.46 8.86
N GLU A 139 -6.14 -23.85 9.23
CA GLU A 139 -5.28 -24.59 8.32
C GLU A 139 -5.50 -26.09 8.48
N ALA A 140 -5.97 -26.72 7.43
CA ALA A 140 -6.19 -28.15 7.40
C ALA A 140 -5.58 -28.74 6.15
N GLU A 141 -5.22 -30.01 6.21
CA GLU A 141 -4.61 -30.66 5.06
C GLU A 141 -5.67 -31.14 4.08
N ILE A 142 -5.73 -30.49 2.94
CA ILE A 142 -6.66 -30.89 1.90
C ILE A 142 -6.04 -31.99 1.05
N ASP A 143 -4.72 -31.95 0.96
CA ASP A 143 -3.92 -32.91 0.19
C ASP A 143 -4.27 -32.86 -1.28
N ALA A 1 -7.84 -21.78 4.71
CA ALA A 1 -8.13 -20.62 3.86
C ALA A 1 -7.30 -19.42 4.29
N ARG A 2 -6.95 -18.57 3.33
CA ARG A 2 -6.18 -17.39 3.63
C ARG A 2 -7.04 -16.37 4.36
N SER A 3 -6.44 -15.62 5.23
CA SER A 3 -7.15 -14.62 5.99
C SER A 3 -7.32 -13.37 5.12
N PRO A 4 -8.32 -12.53 5.44
CA PRO A 4 -8.55 -11.30 4.68
C PRO A 4 -7.31 -10.44 4.63
N ALA A 5 -6.50 -10.51 5.68
CA ALA A 5 -5.26 -9.76 5.76
C ALA A 5 -4.34 -10.09 4.58
N GLU A 6 -4.25 -11.38 4.24
CA GLU A 6 -3.42 -11.79 3.12
C GLU A 6 -4.04 -11.37 1.81
N MET A 7 -5.32 -11.65 1.67
CA MET A 7 -6.08 -11.29 0.48
C MET A 7 -5.94 -9.81 0.14
N VAL A 8 -6.20 -8.95 1.12
CA VAL A 8 -6.13 -7.51 0.91
C VAL A 8 -4.71 -7.08 0.56
N LEU A 9 -3.74 -7.64 1.26
CA LEU A 9 -2.33 -7.31 1.04
C LEU A 9 -1.91 -7.53 -0.40
N GLU A 10 -2.14 -8.71 -0.90
CA GLU A 10 -1.71 -9.06 -2.23
C GLU A 10 -2.48 -8.28 -3.28
N THR A 11 -3.69 -7.88 -2.95
CA THR A 11 -4.51 -7.11 -3.86
C THR A 11 -4.00 -5.65 -3.89
N LEU A 12 -3.62 -5.17 -2.73
CA LEU A 12 -3.08 -3.84 -2.58
C LEU A 12 -1.68 -3.81 -3.20
N MET A 13 -0.94 -4.88 -2.96
CA MET A 13 0.38 -5.07 -3.51
C MET A 13 0.29 -5.43 -4.97
N MET A 14 -0.90 -5.75 -5.41
CA MET A 14 -1.12 -6.15 -6.79
C MET A 14 -1.11 -4.90 -7.62
N GLU A 15 -1.75 -3.85 -7.10
CA GLU A 15 -1.80 -2.59 -7.76
C GLU A 15 -0.47 -1.89 -7.57
N LEU A 16 0.07 -1.97 -6.35
CA LEU A 16 1.36 -1.39 -6.04
C LEU A 16 2.43 -1.93 -6.99
N THR A 17 2.40 -3.23 -7.20
CA THR A 17 3.37 -3.86 -8.10
C THR A 17 3.14 -3.41 -9.54
N GLY A 18 1.88 -3.44 -9.97
CA GLY A 18 1.54 -3.03 -11.31
C GLY A 18 1.92 -1.61 -11.58
N GLN A 19 1.80 -0.77 -10.57
CA GLN A 19 2.11 0.63 -10.72
C GLN A 19 3.58 0.88 -10.51
N MET A 20 4.22 0.05 -9.70
CA MET A 20 5.67 0.14 -9.50
C MET A 20 6.36 -0.13 -10.82
N ARG A 21 5.82 -1.10 -11.53
CA ARG A 21 6.34 -1.45 -12.84
C ARG A 21 5.88 -0.42 -13.86
N GLU A 22 4.59 -0.09 -13.80
CA GLU A 22 4.00 0.94 -14.66
C GLU A 22 4.82 2.23 -14.60
N ALA A 23 5.11 2.68 -13.38
CA ALA A 23 5.88 3.91 -13.18
C ALA A 23 7.31 3.76 -13.67
N GLU A 24 7.87 2.57 -13.46
CA GLU A 24 9.24 2.25 -13.86
C GLU A 24 9.42 2.48 -15.37
N ARG A 25 8.52 1.90 -16.14
CA ARG A 25 8.61 1.98 -17.59
C ARG A 25 8.10 3.31 -18.12
N GLN A 26 7.03 3.82 -17.54
CA GLN A 26 6.44 5.07 -17.99
C GLN A 26 7.43 6.22 -17.85
N GLN A 27 8.10 6.29 -16.71
CA GLN A 27 9.07 7.33 -16.45
C GLN A 27 10.33 7.12 -17.28
N ARG A 28 10.70 5.87 -17.46
CA ARG A 28 11.89 5.54 -18.24
C ARG A 28 11.71 5.99 -19.69
N GLU A 29 10.73 5.41 -20.36
CA GLU A 29 10.46 5.72 -21.76
C GLU A 29 10.16 7.20 -21.97
N ARG A 30 9.61 7.84 -20.94
CA ARG A 30 9.31 9.26 -21.00
C ARG A 30 10.59 10.06 -21.18
N SER A 31 11.60 9.70 -20.40
CA SER A 31 12.89 10.38 -20.44
C SER A 31 13.59 10.09 -21.76
N ASN A 32 13.20 8.99 -22.38
CA ASN A 32 13.77 8.59 -23.67
C ASN A 32 13.12 9.37 -24.80
N ALA A 33 11.81 9.47 -24.74
CA ALA A 33 11.03 10.19 -25.75
C ALA A 33 11.41 11.66 -25.80
N VAL A 34 11.67 12.23 -24.64
CA VAL A 34 12.05 13.63 -24.54
C VAL A 34 13.43 13.86 -25.16
N ARG A 35 14.20 12.81 -25.19
CA ARG A 35 15.55 12.86 -25.73
C ARG A 35 15.59 12.15 -27.09
N LYS A 36 14.40 12.04 -27.72
CA LYS A 36 14.24 11.38 -29.02
C LYS A 36 14.38 9.86 -28.87
N VAL A 37 15.58 9.44 -28.51
CA VAL A 37 15.89 8.03 -28.33
C VAL A 37 17.30 7.88 -27.72
N CYS A 38 18.02 9.00 -27.64
CA CYS A 38 19.36 9.01 -27.12
C CYS A 38 19.34 8.70 -25.62
N THR A 39 20.33 7.94 -25.16
CA THR A 39 20.40 7.57 -23.76
C THR A 39 20.98 8.72 -22.95
N GLY A 40 20.81 8.67 -21.66
CA GLY A 40 21.35 9.68 -20.81
C GLY A 40 20.29 10.39 -20.05
N VAL A 41 20.32 11.71 -20.12
CA VAL A 41 19.39 12.58 -19.41
C VAL A 41 19.63 12.53 -17.90
N ASP A 42 19.74 13.68 -17.28
CA ASP A 42 19.92 13.75 -15.85
C ASP A 42 18.67 13.22 -15.15
N TYR A 43 18.82 12.08 -14.52
CA TYR A 43 17.72 11.40 -13.89
C TYR A 43 18.26 10.48 -12.80
N SER A 44 17.44 9.57 -12.30
CA SER A 44 17.83 8.67 -11.21
C SER A 44 19.02 7.77 -11.58
N TRP A 45 19.38 7.74 -12.84
CA TRP A 45 20.52 6.94 -13.30
C TRP A 45 21.75 7.82 -13.54
N LEU A 46 21.54 9.11 -13.65
CA LEU A 46 22.61 10.08 -13.90
C LEU A 46 22.23 11.43 -13.30
N ALA A 47 22.63 11.66 -12.04
CA ALA A 47 22.28 12.88 -11.31
C ALA A 47 20.77 12.97 -11.09
N SER A 48 20.30 12.33 -10.04
CA SER A 48 18.89 12.24 -9.74
C SER A 48 18.35 13.54 -9.15
N THR A 49 17.26 14.03 -9.72
CA THR A 49 16.60 15.21 -9.18
C THR A 49 15.94 14.87 -7.81
N PRO A 50 15.09 13.80 -7.73
CA PRO A 50 14.54 13.35 -6.45
C PRO A 50 15.57 12.54 -5.68
N ASP A 51 15.55 12.65 -4.37
CA ASP A 51 16.52 11.94 -3.52
C ASP A 51 15.89 10.68 -2.95
N SER A 52 14.66 10.42 -3.31
CA SER A 52 13.96 9.27 -2.83
C SER A 52 13.95 8.14 -3.87
N THR A 53 14.51 7.01 -3.50
CA THR A 53 14.55 5.87 -4.37
C THR A 53 13.67 4.76 -3.79
N TYR A 54 12.81 4.23 -4.63
CA TYR A 54 11.88 3.19 -4.27
C TYR A 54 12.59 1.91 -3.82
N ASP A 55 12.17 1.41 -2.68
CA ASP A 55 12.70 0.16 -2.17
C ASP A 55 11.76 -0.46 -1.16
N LEU A 56 11.18 -1.58 -1.51
CA LEU A 56 10.30 -2.28 -0.61
C LEU A 56 11.08 -3.32 0.16
N SER A 57 11.63 -2.90 1.27
CA SER A 57 12.45 -3.76 2.10
C SER A 57 11.56 -4.73 2.88
N PRO A 58 12.08 -5.90 3.26
CA PRO A 58 11.35 -6.89 4.08
C PRO A 58 10.66 -6.25 5.29
N ILE A 59 11.32 -5.27 5.91
CA ILE A 59 10.75 -4.57 7.06
C ILE A 59 9.58 -3.69 6.62
N GLU A 60 9.80 -2.97 5.53
CA GLU A 60 8.79 -2.10 4.94
C GLU A 60 7.54 -2.91 4.63
N ARG A 61 7.77 -4.08 4.08
CA ARG A 61 6.70 -5.00 3.71
C ARG A 61 5.93 -5.46 4.95
N LEU A 62 6.67 -5.84 5.96
CA LEU A 62 6.09 -6.29 7.23
C LEU A 62 5.31 -5.16 7.89
N GLN A 63 5.87 -3.96 7.87
CA GLN A 63 5.21 -2.80 8.45
C GLN A 63 3.87 -2.56 7.75
N LEU A 64 3.90 -2.59 6.43
CA LEU A 64 2.72 -2.42 5.62
C LEU A 64 1.76 -3.58 5.82
N GLU A 65 2.31 -4.75 6.11
CA GLU A 65 1.52 -5.92 6.39
C GLU A 65 0.69 -5.68 7.62
N ASP A 66 1.32 -5.13 8.64
CA ASP A 66 0.62 -4.81 9.87
C ASP A 66 -0.47 -3.78 9.60
N VAL A 67 -0.13 -2.82 8.75
CA VAL A 67 -1.05 -1.77 8.33
C VAL A 67 -2.28 -2.38 7.64
N CYS A 68 -2.03 -3.37 6.80
CA CYS A 68 -3.10 -4.01 6.05
C CYS A 68 -3.96 -4.85 6.95
N VAL A 69 -3.34 -5.41 7.99
CA VAL A 69 -4.08 -6.19 8.98
C VAL A 69 -5.18 -5.32 9.63
N LYS A 70 -4.88 -4.04 9.82
CA LYS A 70 -5.86 -3.10 10.38
C LYS A 70 -6.92 -2.73 9.34
N ILE A 71 -6.53 -2.75 8.07
CA ILE A 71 -7.43 -2.41 6.98
C ILE A 71 -8.59 -3.39 6.89
N HIS A 72 -9.76 -2.85 6.74
CA HIS A 72 -10.97 -3.64 6.65
C HIS A 72 -11.20 -4.13 5.21
N PRO A 73 -11.72 -5.35 5.05
CA PRO A 73 -11.91 -6.02 3.76
C PRO A 73 -12.47 -5.12 2.63
N SER A 74 -13.67 -4.58 2.83
CA SER A 74 -14.35 -3.83 1.78
C SER A 74 -13.75 -2.43 1.54
N TYR A 75 -12.83 -2.01 2.38
CA TYR A 75 -12.26 -0.66 2.27
C TYR A 75 -11.09 -0.62 1.31
N CYS A 76 -10.45 -1.76 1.11
CA CYS A 76 -9.32 -1.84 0.21
C CYS A 76 -9.74 -1.51 -1.22
N GLY A 77 -10.89 -2.03 -1.62
CA GLY A 77 -11.43 -1.78 -2.95
C GLY A 77 -11.39 -0.32 -3.34
N PRO A 78 -12.17 0.54 -2.66
CA PRO A 78 -12.15 1.98 -2.91
C PRO A 78 -10.73 2.53 -2.83
N ALA A 79 -10.03 2.25 -1.71
CA ALA A 79 -8.65 2.69 -1.52
C ALA A 79 -7.79 2.42 -2.74
N ILE A 80 -7.92 1.23 -3.28
CA ILE A 80 -7.17 0.85 -4.46
C ILE A 80 -7.58 1.67 -5.69
N LEU A 81 -8.87 1.75 -5.90
CA LEU A 81 -9.43 2.49 -7.02
C LEU A 81 -9.00 3.95 -6.97
N ARG A 82 -9.13 4.56 -5.79
CA ARG A 82 -8.77 5.94 -5.61
C ARG A 82 -7.26 6.11 -5.68
N PHE A 83 -6.52 5.07 -5.30
CA PHE A 83 -5.08 5.12 -5.36
C PHE A 83 -4.63 5.28 -6.80
N ARG A 84 -5.20 4.47 -7.70
CA ARG A 84 -4.87 4.57 -9.10
C ARG A 84 -5.36 5.88 -9.68
N GLN A 85 -6.51 6.31 -9.20
CA GLN A 85 -7.06 7.59 -9.60
C GLN A 85 -6.10 8.71 -9.23
N LEU A 86 -5.56 8.65 -8.02
CA LEU A 86 -4.67 9.70 -7.54
C LEU A 86 -3.31 9.61 -8.18
N LEU A 87 -2.76 8.43 -8.22
CA LEU A 87 -1.45 8.19 -8.80
C LEU A 87 -1.39 8.66 -10.24
N ALA A 88 -2.47 8.50 -10.93
CA ALA A 88 -2.58 8.90 -12.30
C ALA A 88 -2.80 10.38 -12.40
N GLU A 89 -3.42 10.92 -11.39
CA GLU A 89 -3.71 12.33 -11.32
C GLU A 89 -2.43 13.09 -11.00
N GLN A 90 -1.65 12.53 -10.09
CA GLN A 90 -0.38 13.12 -9.69
C GLN A 90 0.71 12.82 -10.70
N GLU A 91 0.37 11.99 -11.70
CA GLU A 91 1.32 11.57 -12.76
C GLU A 91 2.25 10.47 -12.25
N PRO A 92 2.52 9.48 -13.11
CA PRO A 92 3.39 8.35 -12.77
C PRO A 92 4.81 8.80 -12.39
N GLU A 93 5.28 8.31 -11.25
CA GLU A 93 6.57 8.65 -10.66
C GLU A 93 6.83 7.69 -9.52
N VAL A 94 7.64 6.68 -9.80
CA VAL A 94 7.92 5.57 -8.89
C VAL A 94 8.16 6.00 -7.43
N GLN A 95 8.89 7.07 -7.24
CA GLN A 95 9.19 7.54 -5.89
C GLN A 95 7.95 8.15 -5.24
N GLU A 96 7.07 8.71 -6.07
CA GLU A 96 5.86 9.30 -5.58
C GLU A 96 4.84 8.21 -5.37
N VAL A 97 4.95 7.17 -6.19
CA VAL A 97 4.07 6.01 -6.09
C VAL A 97 4.15 5.41 -4.71
N SER A 98 5.35 5.04 -4.32
CA SER A 98 5.58 4.42 -3.04
C SER A 98 5.22 5.34 -1.88
N GLN A 99 5.55 6.60 -2.03
CA GLN A 99 5.27 7.60 -1.01
C GLN A 99 3.77 7.82 -0.88
N LEU A 100 3.10 7.92 -2.00
CA LEU A 100 1.66 8.15 -2.04
C LEU A 100 0.97 6.94 -1.55
N PHE A 101 1.57 5.80 -1.81
CA PHE A 101 1.03 4.54 -1.40
C PHE A 101 1.02 4.44 0.11
N ARG A 102 2.12 4.86 0.70
CA ARG A 102 2.27 4.82 2.14
C ARG A 102 1.42 5.90 2.76
N SER A 103 1.37 7.06 2.10
CA SER A 103 0.61 8.18 2.58
C SER A 103 -0.87 7.84 2.73
N VAL A 104 -1.50 7.44 1.63
CA VAL A 104 -2.91 7.07 1.65
C VAL A 104 -3.22 5.96 2.62
N LEU A 105 -2.35 4.96 2.67
CA LEU A 105 -2.53 3.86 3.60
C LEU A 105 -2.61 4.34 5.01
N GLN A 106 -1.72 5.24 5.39
CA GLN A 106 -1.73 5.74 6.75
C GLN A 106 -2.88 6.69 6.99
N GLU A 107 -3.31 7.36 5.93
CA GLU A 107 -4.41 8.30 6.05
C GLU A 107 -5.71 7.54 6.30
N VAL A 108 -5.97 6.57 5.43
CA VAL A 108 -7.16 5.77 5.54
C VAL A 108 -7.09 4.86 6.77
N LEU A 109 -5.86 4.51 7.17
CA LEU A 109 -5.62 3.68 8.34
C LEU A 109 -6.14 4.37 9.58
N GLU A 110 -5.64 5.58 9.82
CA GLU A 110 -6.04 6.36 10.99
C GLU A 110 -7.54 6.51 11.08
N ARG A 111 -8.17 6.67 9.93
CA ARG A 111 -9.60 6.81 9.86
C ARG A 111 -10.30 5.54 10.34
N MET A 112 -10.22 4.50 9.51
CA MET A 112 -10.86 3.22 9.80
C MET A 112 -10.47 2.61 11.14
N LYS A 113 -9.21 2.77 11.50
CA LYS A 113 -8.70 2.21 12.75
C LYS A 113 -9.36 2.86 13.95
N GLN A 114 -9.54 4.17 13.89
CA GLN A 114 -10.14 4.89 15.02
C GLN A 114 -11.60 4.50 15.17
N GLU A 115 -12.28 4.40 14.04
CA GLU A 115 -13.69 4.06 14.02
C GLU A 115 -13.91 2.62 14.48
N GLU A 116 -12.96 1.75 14.21
CA GLU A 116 -13.06 0.37 14.66
C GLU A 116 -13.04 0.34 16.17
N GLU A 117 -12.01 0.97 16.74
CA GLU A 117 -11.89 1.11 18.19
C GLU A 117 -13.17 1.69 18.79
N ALA A 118 -13.73 2.70 18.12
CA ALA A 118 -14.95 3.35 18.58
C ALA A 118 -16.12 2.38 18.72
N HIS A 119 -16.25 1.46 17.75
CA HIS A 119 -17.37 0.49 17.77
C HIS A 119 -17.19 -0.50 18.91
N LYS A 120 -15.97 -0.97 19.08
CA LYS A 120 -15.66 -1.93 20.12
C LYS A 120 -15.70 -1.28 21.49
N LEU A 121 -15.27 -0.03 21.56
CA LEU A 121 -15.25 0.71 22.82
C LEU A 121 -16.66 1.09 23.25
N THR A 122 -17.60 1.06 22.30
CA THR A 122 -18.99 1.35 22.61
C THR A 122 -19.57 0.21 23.46
N ARG A 123 -18.95 -0.96 23.36
CA ARG A 123 -19.39 -2.11 24.13
C ARG A 123 -18.87 -2.00 25.56
N GLN A 124 -18.23 -3.07 26.04
CA GLN A 124 -17.73 -3.13 27.42
C GLN A 124 -18.87 -3.08 28.41
N TRP A 125 -18.55 -3.24 29.71
CA TRP A 125 -19.56 -3.23 30.78
C TRP A 125 -20.65 -4.23 30.46
N SER A 126 -20.34 -5.51 30.71
CA SER A 126 -21.23 -6.65 30.40
C SER A 126 -21.08 -7.03 28.92
N LEU A 127 -20.61 -6.06 28.11
CA LEU A 127 -20.35 -6.26 26.67
C LEU A 127 -21.58 -6.77 25.93
N ARG A 128 -22.75 -6.41 26.44
CA ARG A 128 -23.99 -6.84 25.84
C ARG A 128 -24.60 -5.69 25.04
N PRO A 129 -24.82 -5.91 23.74
CA PRO A 129 -25.41 -4.90 22.86
C PRO A 129 -26.88 -4.67 23.17
N ARG A 130 -27.32 -3.43 23.06
CA ARG A 130 -28.69 -3.09 23.33
C ARG A 130 -29.58 -3.42 22.14
N GLY A 131 -29.14 -3.04 20.96
CA GLY A 131 -29.89 -3.32 19.76
C GLY A 131 -29.72 -2.24 18.71
N SER A 132 -28.90 -2.53 17.71
CA SER A 132 -28.66 -1.60 16.64
C SER A 132 -28.27 -2.37 15.39
N LEU A 133 -28.89 -2.05 14.27
CA LEU A 133 -28.61 -2.71 13.03
C LEU A 133 -28.03 -1.76 12.01
N ALA A 134 -27.07 -2.24 11.24
CA ALA A 134 -26.48 -1.46 10.16
C ALA A 134 -27.10 -1.89 8.84
N THR A 135 -27.99 -2.86 8.93
CA THR A 135 -28.68 -3.41 7.79
C THR A 135 -30.18 -3.57 8.12
N PHE A 136 -30.84 -4.53 7.48
CA PHE A 136 -32.26 -4.75 7.69
C PHE A 136 -32.47 -6.19 8.04
N GLU A 137 -32.94 -6.42 9.26
CA GLU A 137 -33.09 -7.78 9.79
C GLU A 137 -31.74 -8.46 9.83
N THR A 138 -30.68 -7.62 9.84
CA THR A 138 -29.28 -8.06 9.87
C THR A 138 -28.82 -8.59 8.51
N GLU A 139 -29.68 -9.29 7.84
CA GLU A 139 -29.38 -9.90 6.57
C GLU A 139 -30.21 -9.26 5.47
N ALA A 140 -29.54 -8.55 4.57
CA ALA A 140 -30.21 -7.89 3.48
C ALA A 140 -29.27 -7.69 2.31
N GLU A 141 -29.50 -8.45 1.25
CA GLU A 141 -28.69 -8.32 0.06
C GLU A 141 -29.27 -7.28 -0.88
N ILE A 142 -28.60 -6.16 -0.98
CA ILE A 142 -29.03 -5.08 -1.85
C ILE A 142 -27.92 -4.77 -2.86
N ASP A 143 -28.30 -4.49 -4.07
CA ASP A 143 -27.36 -4.18 -5.12
C ASP A 143 -27.38 -2.69 -5.45
N ALA A 1 -7.67 -22.26 6.93
CA ALA A 1 -8.47 -21.18 6.31
C ALA A 1 -7.70 -19.87 6.34
N ARG A 2 -7.75 -19.14 5.23
CA ARG A 2 -7.08 -17.85 5.15
C ARG A 2 -8.05 -16.73 5.49
N SER A 3 -7.53 -15.66 6.04
CA SER A 3 -8.34 -14.54 6.42
C SER A 3 -8.43 -13.53 5.28
N PRO A 4 -9.45 -12.64 5.30
CA PRO A 4 -9.61 -11.59 4.28
C PRO A 4 -8.38 -10.68 4.21
N ALA A 5 -7.60 -10.69 5.30
CA ALA A 5 -6.37 -9.91 5.39
C ALA A 5 -5.40 -10.26 4.28
N GLU A 6 -5.38 -11.53 3.88
CA GLU A 6 -4.50 -11.97 2.80
C GLU A 6 -5.01 -11.43 1.47
N MET A 7 -6.28 -11.66 1.23
CA MET A 7 -6.96 -11.21 0.02
C MET A 7 -6.73 -9.72 -0.24
N VAL A 8 -6.95 -8.90 0.78
CA VAL A 8 -6.78 -7.46 0.63
C VAL A 8 -5.31 -7.10 0.46
N LEU A 9 -4.43 -7.80 1.18
CA LEU A 9 -3.00 -7.54 1.13
C LEU A 9 -2.47 -7.74 -0.29
N GLU A 10 -2.91 -8.81 -0.94
CA GLU A 10 -2.51 -9.09 -2.30
C GLU A 10 -3.06 -8.03 -3.23
N THR A 11 -4.24 -7.53 -2.91
CA THR A 11 -4.87 -6.49 -3.70
C THR A 11 -4.06 -5.19 -3.66
N LEU A 12 -3.58 -4.83 -2.48
CA LEU A 12 -2.78 -3.61 -2.34
C LEU A 12 -1.39 -3.82 -2.91
N MET A 13 -0.85 -5.02 -2.70
CA MET A 13 0.47 -5.37 -3.19
C MET A 13 0.45 -5.60 -4.68
N MET A 14 -0.73 -5.75 -5.23
CA MET A 14 -0.88 -5.98 -6.65
C MET A 14 -0.83 -4.64 -7.35
N GLU A 15 -1.48 -3.65 -6.76
CA GLU A 15 -1.49 -2.31 -7.29
C GLU A 15 -0.14 -1.68 -7.07
N LEU A 16 0.39 -1.84 -5.87
CA LEU A 16 1.70 -1.31 -5.54
C LEU A 16 2.73 -1.84 -6.49
N THR A 17 2.69 -3.13 -6.76
CA THR A 17 3.67 -3.75 -7.64
C THR A 17 3.49 -3.31 -9.09
N GLY A 18 2.28 -3.48 -9.61
CA GLY A 18 1.99 -3.13 -10.98
C GLY A 18 2.26 -1.70 -11.27
N GLN A 19 2.00 -0.85 -10.30
CA GLN A 19 2.20 0.56 -10.48
C GLN A 19 3.65 0.94 -10.24
N MET A 20 4.34 0.22 -9.38
CA MET A 20 5.75 0.48 -9.14
C MET A 20 6.55 0.14 -10.36
N ARG A 21 6.18 -0.95 -11.00
CA ARG A 21 6.83 -1.37 -12.22
C ARG A 21 6.40 -0.47 -13.37
N GLU A 22 5.08 -0.23 -13.46
CA GLU A 22 4.53 0.71 -14.43
C GLU A 22 5.24 2.04 -14.34
N ALA A 23 5.40 2.52 -13.10
CA ALA A 23 6.08 3.78 -12.84
C ALA A 23 7.50 3.77 -13.37
N GLU A 24 8.19 2.66 -13.18
CA GLU A 24 9.56 2.53 -13.66
C GLU A 24 9.58 2.58 -15.17
N ARG A 25 8.72 1.78 -15.79
CA ARG A 25 8.60 1.72 -17.24
C ARG A 25 8.33 3.10 -17.82
N GLN A 26 7.35 3.77 -17.25
CA GLN A 26 6.92 5.08 -17.73
C GLN A 26 8.00 6.13 -17.57
N GLN A 27 8.75 6.09 -16.48
CA GLN A 27 9.83 7.05 -16.29
C GLN A 27 10.90 6.86 -17.34
N ARG A 28 11.14 5.59 -17.70
CA ARG A 28 12.13 5.28 -18.72
C ARG A 28 11.66 5.79 -20.07
N GLU A 29 10.39 5.50 -20.39
CA GLU A 29 9.80 5.94 -21.65
C GLU A 29 9.79 7.47 -21.71
N ARG A 30 9.40 8.07 -20.59
CA ARG A 30 9.35 9.53 -20.45
C ARG A 30 10.69 10.17 -20.81
N SER A 31 11.76 9.61 -20.26
CA SER A 31 13.10 10.13 -20.51
C SER A 31 13.47 9.95 -21.98
N ASN A 32 13.01 8.86 -22.54
CA ASN A 32 13.26 8.54 -23.93
C ASN A 32 12.43 9.43 -24.87
N ALA A 33 11.29 9.88 -24.38
CA ALA A 33 10.39 10.73 -25.16
C ALA A 33 10.93 12.14 -25.25
N VAL A 34 11.36 12.65 -24.11
CA VAL A 34 11.94 13.99 -24.06
C VAL A 34 13.32 13.98 -24.72
N ARG A 35 13.92 12.80 -24.76
CA ARG A 35 15.22 12.56 -25.41
C ARG A 35 16.35 13.32 -24.72
N LYS A 36 17.21 12.56 -24.03
CA LYS A 36 18.37 13.10 -23.30
C LYS A 36 17.96 13.78 -21.99
N VAL A 37 16.63 13.93 -21.81
CA VAL A 37 16.01 14.55 -20.62
C VAL A 37 16.46 15.99 -20.38
N CYS A 38 15.75 16.69 -19.51
CA CYS A 38 16.10 18.04 -19.16
C CYS A 38 17.03 18.02 -17.96
N THR A 39 18.29 18.32 -18.20
CA THR A 39 19.30 18.31 -17.16
C THR A 39 18.93 19.23 -15.99
N GLY A 40 18.85 18.65 -14.81
CA GLY A 40 18.52 19.43 -13.64
C GLY A 40 17.23 18.96 -13.00
N VAL A 41 16.36 18.36 -13.83
CA VAL A 41 15.05 17.86 -13.38
C VAL A 41 14.11 19.01 -12.98
N ASP A 42 12.87 18.94 -13.44
CA ASP A 42 11.90 20.02 -13.19
C ASP A 42 11.28 19.90 -11.80
N TYR A 43 11.31 18.71 -11.24
CA TYR A 43 10.74 18.48 -9.92
C TYR A 43 11.70 18.95 -8.83
N SER A 44 11.59 20.21 -8.48
CA SER A 44 12.43 20.82 -7.47
C SER A 44 12.19 20.19 -6.10
N TRP A 45 10.97 19.75 -5.88
CA TRP A 45 10.57 19.18 -4.60
C TRP A 45 10.89 17.69 -4.50
N LEU A 46 11.32 17.11 -5.59
CA LEU A 46 11.63 15.68 -5.60
C LEU A 46 13.11 15.44 -5.77
N ALA A 47 13.71 16.14 -6.73
CA ALA A 47 15.14 16.00 -7.04
C ALA A 47 15.51 14.57 -7.41
N SER A 48 14.53 13.84 -7.92
CA SER A 48 14.74 12.46 -8.32
C SER A 48 15.22 12.41 -9.78
N THR A 49 15.19 11.23 -10.36
CA THR A 49 15.62 11.03 -11.72
C THR A 49 14.74 9.95 -12.38
N PRO A 50 14.53 10.00 -13.70
CA PRO A 50 13.71 9.01 -14.43
C PRO A 50 14.34 7.61 -14.45
N ASP A 51 15.54 7.52 -13.90
CA ASP A 51 16.25 6.25 -13.82
C ASP A 51 16.10 5.66 -12.43
N SER A 52 15.07 6.08 -11.73
CA SER A 52 14.84 5.65 -10.37
C SER A 52 14.10 4.32 -10.29
N THR A 53 14.77 3.32 -9.81
CA THR A 53 14.17 2.04 -9.56
C THR A 53 14.10 1.84 -8.06
N TYR A 54 12.91 1.66 -7.57
CA TYR A 54 12.69 1.49 -6.16
C TYR A 54 12.34 0.04 -5.85
N ASP A 55 12.65 -0.37 -4.66
CA ASP A 55 12.37 -1.71 -4.22
C ASP A 55 11.79 -1.65 -2.83
N LEU A 56 10.70 -2.36 -2.62
CA LEU A 56 10.02 -2.37 -1.35
C LEU A 56 10.96 -2.85 -0.27
N SER A 57 11.18 -2.00 0.70
CA SER A 57 12.07 -2.31 1.78
C SER A 57 11.45 -3.37 2.68
N PRO A 58 12.26 -4.31 3.21
CA PRO A 58 11.77 -5.38 4.09
C PRO A 58 10.97 -4.81 5.27
N ILE A 59 11.40 -3.66 5.76
CA ILE A 59 10.73 -3.00 6.87
C ILE A 59 9.44 -2.36 6.39
N GLU A 60 9.54 -1.70 5.26
CA GLU A 60 8.42 -1.05 4.61
C GLU A 60 7.35 -2.08 4.29
N ARG A 61 7.81 -3.24 3.85
CA ARG A 61 6.94 -4.36 3.56
C ARG A 61 6.14 -4.76 4.78
N LEU A 62 6.84 -5.06 5.85
CA LEU A 62 6.21 -5.45 7.11
C LEU A 62 5.22 -4.40 7.60
N GLN A 63 5.61 -3.13 7.49
CA GLN A 63 4.75 -2.03 7.90
C GLN A 63 3.47 -2.06 7.08
N LEU A 64 3.63 -2.25 5.78
CA LEU A 64 2.52 -2.32 4.86
C LEU A 64 1.67 -3.55 5.11
N GLU A 65 2.29 -4.64 5.49
CA GLU A 65 1.55 -5.85 5.78
C GLU A 65 0.72 -5.66 7.02
N ASP A 66 1.32 -5.02 8.00
CA ASP A 66 0.69 -4.79 9.28
C ASP A 66 -0.55 -3.94 9.11
N VAL A 67 -0.42 -2.90 8.32
CA VAL A 67 -1.52 -1.98 8.09
C VAL A 67 -2.60 -2.61 7.21
N CYS A 68 -2.19 -3.41 6.24
CA CYS A 68 -3.13 -4.06 5.33
C CYS A 68 -3.93 -5.11 6.07
N VAL A 69 -3.26 -5.82 6.97
CA VAL A 69 -3.92 -6.83 7.79
C VAL A 69 -4.99 -6.17 8.67
N LYS A 70 -4.75 -4.93 9.06
CA LYS A 70 -5.70 -4.21 9.88
C LYS A 70 -6.74 -3.45 9.05
N ILE A 71 -6.79 -3.71 7.76
CA ILE A 71 -7.78 -3.07 6.89
C ILE A 71 -8.97 -4.00 6.71
N HIS A 72 -10.16 -3.44 6.72
CA HIS A 72 -11.38 -4.22 6.57
C HIS A 72 -11.61 -4.58 5.11
N PRO A 73 -12.18 -5.78 4.86
CA PRO A 73 -12.41 -6.33 3.52
C PRO A 73 -12.90 -5.32 2.47
N SER A 74 -14.07 -4.73 2.68
CA SER A 74 -14.68 -3.86 1.68
C SER A 74 -14.02 -2.49 1.55
N TYR A 75 -13.16 -2.14 2.49
CA TYR A 75 -12.50 -0.82 2.47
C TYR A 75 -11.30 -0.84 1.55
N CYS A 76 -10.83 -2.04 1.26
CA CYS A 76 -9.73 -2.24 0.33
C CYS A 76 -10.10 -1.70 -1.05
N GLY A 77 -11.32 -2.01 -1.48
CA GLY A 77 -11.84 -1.54 -2.77
C GLY A 77 -11.58 -0.06 -3.02
N PRO A 78 -12.27 0.84 -2.28
CA PRO A 78 -12.06 2.28 -2.41
C PRO A 78 -10.57 2.65 -2.28
N ALA A 79 -9.92 2.11 -1.24
CA ALA A 79 -8.47 2.31 -1.04
C ALA A 79 -7.69 2.11 -2.34
N ILE A 80 -8.05 1.09 -3.09
CA ILE A 80 -7.38 0.83 -4.36
C ILE A 80 -7.75 1.88 -5.39
N LEU A 81 -9.03 2.15 -5.50
CA LEU A 81 -9.55 3.14 -6.45
C LEU A 81 -8.88 4.50 -6.23
N ARG A 82 -8.81 4.91 -4.97
CA ARG A 82 -8.20 6.17 -4.61
C ARG A 82 -6.76 6.22 -5.04
N PHE A 83 -6.00 5.19 -4.68
CA PHE A 83 -4.59 5.14 -5.01
C PHE A 83 -4.36 5.21 -6.52
N ARG A 84 -5.07 4.37 -7.26
CA ARG A 84 -4.89 4.29 -8.70
C ARG A 84 -5.28 5.59 -9.36
N GLN A 85 -6.41 6.15 -8.96
CA GLN A 85 -6.88 7.40 -9.54
C GLN A 85 -5.95 8.55 -9.20
N LEU A 86 -5.36 8.52 -8.00
CA LEU A 86 -4.47 9.59 -7.59
C LEU A 86 -3.15 9.48 -8.33
N LEU A 87 -2.71 8.27 -8.51
CA LEU A 87 -1.48 8.00 -9.24
C LEU A 87 -1.59 8.49 -10.66
N ALA A 88 -2.75 8.31 -11.21
CA ALA A 88 -3.05 8.75 -12.57
C ALA A 88 -3.08 10.26 -12.66
N GLU A 89 -3.48 10.89 -11.58
CA GLU A 89 -3.53 12.34 -11.53
C GLU A 89 -2.17 12.92 -11.30
N GLN A 90 -1.42 12.26 -10.45
CA GLN A 90 -0.07 12.70 -10.10
C GLN A 90 0.97 12.16 -11.07
N GLU A 91 0.52 11.35 -12.04
CA GLU A 91 1.38 10.80 -13.10
C GLU A 91 2.30 9.68 -12.58
N PRO A 92 2.74 8.77 -13.47
CA PRO A 92 3.64 7.67 -13.11
C PRO A 92 5.02 8.18 -12.66
N GLU A 93 5.46 7.67 -11.50
CA GLU A 93 6.69 8.07 -10.85
C GLU A 93 6.88 7.19 -9.65
N VAL A 94 7.97 6.47 -9.63
CA VAL A 94 8.23 5.45 -8.62
C VAL A 94 8.34 6.06 -7.23
N GLN A 95 8.86 7.27 -7.16
CA GLN A 95 8.98 7.96 -5.90
C GLN A 95 7.63 8.45 -5.43
N GLU A 96 6.73 8.68 -6.37
CA GLU A 96 5.42 9.15 -6.04
C GLU A 96 4.55 7.97 -5.68
N VAL A 97 4.77 6.87 -6.38
CA VAL A 97 4.01 5.64 -6.12
C VAL A 97 4.16 5.25 -4.67
N SER A 98 5.40 5.17 -4.23
CA SER A 98 5.71 4.78 -2.88
C SER A 98 5.19 5.79 -1.85
N GLN A 99 5.39 7.06 -2.13
CA GLN A 99 4.96 8.13 -1.24
C GLN A 99 3.45 8.17 -1.12
N LEU A 100 2.81 8.02 -2.25
CA LEU A 100 1.36 8.06 -2.32
C LEU A 100 0.81 6.81 -1.71
N PHE A 101 1.55 5.73 -1.86
CA PHE A 101 1.12 4.47 -1.34
C PHE A 101 1.15 4.47 0.16
N ARG A 102 2.19 5.05 0.73
CA ARG A 102 2.31 5.12 2.16
C ARG A 102 1.37 6.17 2.69
N SER A 103 1.19 7.23 1.90
CA SER A 103 0.30 8.32 2.25
C SER A 103 -1.13 7.82 2.46
N VAL A 104 -1.71 7.24 1.42
CA VAL A 104 -3.07 6.74 1.50
C VAL A 104 -3.22 5.65 2.55
N LEU A 105 -2.22 4.82 2.67
CA LEU A 105 -2.23 3.78 3.67
C LEU A 105 -2.27 4.35 5.08
N GLN A 106 -1.57 5.45 5.30
CA GLN A 106 -1.61 6.09 6.61
C GLN A 106 -2.94 6.78 6.79
N GLU A 107 -3.49 7.24 5.70
CA GLU A 107 -4.80 7.89 5.70
C GLU A 107 -5.87 6.90 6.13
N VAL A 108 -5.97 5.79 5.40
CA VAL A 108 -6.95 4.76 5.71
C VAL A 108 -6.69 4.16 7.08
N LEU A 109 -5.42 4.11 7.47
CA LEU A 109 -5.03 3.50 8.73
C LEU A 109 -5.59 4.31 9.89
N GLU A 110 -5.50 5.63 9.80
CA GLU A 110 -6.00 6.49 10.84
C GLU A 110 -7.49 6.31 11.02
N ARG A 111 -8.21 6.19 9.92
CA ARG A 111 -9.64 6.01 10.00
C ARG A 111 -9.99 4.60 10.42
N MET A 112 -9.25 3.65 9.90
CA MET A 112 -9.49 2.23 10.15
C MET A 112 -9.28 1.87 11.61
N LYS A 113 -8.13 2.24 12.12
CA LYS A 113 -7.74 1.89 13.48
C LYS A 113 -8.57 2.65 14.53
N GLN A 114 -8.75 3.94 14.32
CA GLN A 114 -9.52 4.76 15.28
C GLN A 114 -10.99 4.35 15.32
N GLU A 115 -11.62 4.22 14.14
CA GLU A 115 -13.01 3.83 14.07
C GLU A 115 -13.22 2.41 14.59
N GLU A 116 -12.17 1.59 14.49
CA GLU A 116 -12.22 0.22 14.98
C GLU A 116 -12.49 0.25 16.48
N GLU A 117 -11.58 0.86 17.21
CA GLU A 117 -11.72 1.01 18.65
C GLU A 117 -12.98 1.78 19.00
N ALA A 118 -13.31 2.76 18.18
CA ALA A 118 -14.49 3.59 18.42
C ALA A 118 -15.76 2.75 18.51
N HIS A 119 -16.03 1.94 17.48
CA HIS A 119 -17.26 1.15 17.45
C HIS A 119 -17.23 0.02 18.49
N LYS A 120 -16.04 -0.45 18.80
CA LYS A 120 -15.87 -1.54 19.76
C LYS A 120 -16.07 -1.04 21.20
N LEU A 121 -15.50 0.11 21.50
CA LEU A 121 -15.57 0.67 22.85
C LEU A 121 -16.87 1.43 23.10
N THR A 122 -17.64 1.70 22.06
CA THR A 122 -18.92 2.39 22.22
C THR A 122 -19.87 1.58 23.11
N ARG A 123 -20.20 0.38 22.67
CA ARG A 123 -21.10 -0.52 23.40
C ARG A 123 -20.78 -1.95 23.02
N GLN A 124 -21.43 -2.89 23.66
CA GLN A 124 -21.20 -4.28 23.36
C GLN A 124 -22.28 -4.80 22.43
N TRP A 125 -21.88 -5.18 21.25
CA TRP A 125 -22.82 -5.65 20.24
C TRP A 125 -22.18 -6.70 19.34
N SER A 126 -21.00 -6.37 18.84
CA SER A 126 -20.28 -7.27 17.96
C SER A 126 -19.41 -8.22 18.79
N LEU A 127 -18.81 -9.22 18.12
CA LEU A 127 -17.93 -10.21 18.75
C LEU A 127 -18.70 -11.14 19.69
N ARG A 128 -20.02 -11.12 19.57
CA ARG A 128 -20.87 -11.97 20.40
C ARG A 128 -21.17 -13.33 19.72
N PRO A 129 -21.67 -13.36 18.45
CA PRO A 129 -21.98 -14.60 17.76
C PRO A 129 -20.73 -15.40 17.37
N ARG A 130 -20.77 -16.69 17.60
CA ARG A 130 -19.68 -17.58 17.23
C ARG A 130 -20.03 -18.30 15.94
N GLY A 131 -19.12 -19.14 15.48
CA GLY A 131 -19.35 -19.91 14.28
C GLY A 131 -20.19 -21.14 14.57
N SER A 132 -19.80 -22.26 13.98
CA SER A 132 -20.51 -23.53 14.16
C SER A 132 -21.96 -23.39 13.67
N LEU A 133 -22.13 -22.67 12.56
CA LEU A 133 -23.44 -22.40 11.99
C LEU A 133 -24.00 -23.65 11.33
N ALA A 134 -25.02 -24.22 11.94
CA ALA A 134 -25.67 -25.43 11.42
C ALA A 134 -26.43 -25.15 10.14
N THR A 135 -26.55 -23.88 9.78
CA THR A 135 -27.25 -23.48 8.58
C THR A 135 -26.30 -23.35 7.38
N PHE A 136 -25.00 -23.45 7.64
CA PHE A 136 -24.01 -23.32 6.57
C PHE A 136 -22.95 -24.41 6.66
N GLU A 137 -22.45 -24.62 7.85
CA GLU A 137 -21.39 -25.59 8.09
C GLU A 137 -21.95 -27.00 8.24
N THR A 138 -23.23 -27.17 7.93
CA THR A 138 -23.86 -28.48 8.00
C THR A 138 -23.56 -29.25 6.71
N GLU A 139 -22.96 -28.56 5.75
CA GLU A 139 -22.60 -29.14 4.49
C GLU A 139 -21.09 -29.25 4.38
N ALA A 140 -20.63 -30.26 3.69
CA ALA A 140 -19.21 -30.47 3.52
C ALA A 140 -18.70 -29.67 2.33
N GLU A 141 -18.03 -28.57 2.62
CA GLU A 141 -17.49 -27.70 1.59
C GLU A 141 -16.26 -26.97 2.11
N ILE A 142 -15.17 -27.08 1.39
CA ILE A 142 -13.92 -26.44 1.76
C ILE A 142 -13.07 -26.23 0.52
N ASP A 143 -12.34 -25.11 0.51
CA ASP A 143 -11.45 -24.73 -0.61
C ASP A 143 -12.24 -24.33 -1.85
N ALA A 1 -10.73 -20.54 3.42
CA ALA A 1 -9.88 -19.79 2.50
C ALA A 1 -8.87 -18.95 3.28
N ARG A 2 -8.17 -18.06 2.60
CA ARG A 2 -7.21 -17.18 3.24
C ARG A 2 -7.96 -16.05 3.93
N SER A 3 -7.36 -15.50 4.99
CA SER A 3 -7.95 -14.40 5.70
C SER A 3 -7.97 -13.17 4.81
N PRO A 4 -9.01 -12.32 4.95
CA PRO A 4 -9.11 -11.07 4.19
C PRO A 4 -7.84 -10.24 4.27
N ALA A 5 -7.12 -10.38 5.39
CA ALA A 5 -5.87 -9.66 5.61
C ALA A 5 -4.87 -9.93 4.50
N GLU A 6 -4.79 -11.17 4.06
CA GLU A 6 -3.87 -11.50 2.99
C GLU A 6 -4.44 -11.05 1.65
N MET A 7 -5.72 -11.28 1.48
CA MET A 7 -6.46 -10.86 0.29
C MET A 7 -6.25 -9.36 0.00
N VAL A 8 -6.45 -8.52 1.01
CA VAL A 8 -6.26 -7.08 0.86
C VAL A 8 -4.78 -6.77 0.57
N LEU A 9 -3.88 -7.45 1.26
CA LEU A 9 -2.45 -7.26 1.07
C LEU A 9 -2.05 -7.49 -0.38
N GLU A 10 -2.50 -8.62 -0.94
CA GLU A 10 -2.22 -8.95 -2.31
C GLU A 10 -2.68 -7.83 -3.21
N THR A 11 -3.89 -7.35 -2.98
CA THR A 11 -4.47 -6.30 -3.77
C THR A 11 -3.60 -5.02 -3.72
N LEU A 12 -3.13 -4.67 -2.55
CA LEU A 12 -2.31 -3.46 -2.37
C LEU A 12 -0.92 -3.66 -2.95
N MET A 13 -0.35 -4.83 -2.69
CA MET A 13 0.99 -5.14 -3.16
C MET A 13 1.00 -5.43 -4.65
N MET A 14 -0.18 -5.66 -5.19
CA MET A 14 -0.31 -5.98 -6.60
C MET A 14 -0.43 -4.70 -7.40
N GLU A 15 -1.13 -3.73 -6.83
CA GLU A 15 -1.27 -2.44 -7.45
C GLU A 15 0.04 -1.71 -7.32
N LEU A 16 0.60 -1.74 -6.12
CA LEU A 16 1.86 -1.09 -5.84
C LEU A 16 2.95 -1.63 -6.76
N THR A 17 2.97 -2.93 -6.95
CA THR A 17 3.98 -3.54 -7.81
C THR A 17 3.78 -3.13 -9.27
N GLY A 18 2.56 -3.31 -9.76
CA GLY A 18 2.24 -2.97 -11.11
C GLY A 18 2.49 -1.52 -11.41
N GLN A 19 2.22 -0.67 -10.43
CA GLN A 19 2.41 0.74 -10.60
C GLN A 19 3.88 1.10 -10.45
N MET A 20 4.60 0.33 -9.63
CA MET A 20 6.03 0.54 -9.45
C MET A 20 6.75 0.20 -10.74
N ARG A 21 6.30 -0.86 -11.37
CA ARG A 21 6.84 -1.27 -12.65
C ARG A 21 6.39 -0.29 -13.73
N GLU A 22 5.07 -0.05 -13.78
CA GLU A 22 4.49 0.92 -14.71
C GLU A 22 5.22 2.25 -14.65
N ALA A 23 5.40 2.75 -13.44
CA ALA A 23 6.08 4.03 -13.23
C ALA A 23 7.53 3.97 -13.73
N GLU A 24 8.16 2.82 -13.59
CA GLU A 24 9.53 2.63 -14.03
C GLU A 24 9.58 2.61 -15.55
N ARG A 25 8.70 1.81 -16.13
CA ARG A 25 8.60 1.66 -17.57
C ARG A 25 8.28 2.99 -18.23
N GLN A 26 7.31 3.68 -17.66
CA GLN A 26 6.85 4.94 -18.24
C GLN A 26 7.93 6.00 -18.14
N GLN A 27 8.63 6.06 -17.03
CA GLN A 27 9.69 7.04 -16.85
C GLN A 27 10.79 6.81 -17.90
N ARG A 28 11.05 5.54 -18.17
CA ARG A 28 12.07 5.16 -19.14
C ARG A 28 11.57 5.42 -20.56
N GLU A 29 10.30 5.15 -20.78
CA GLU A 29 9.71 5.33 -22.10
C GLU A 29 9.56 6.81 -22.43
N ARG A 30 9.19 7.62 -21.46
CA ARG A 30 9.04 9.05 -21.68
C ARG A 30 10.37 9.71 -21.97
N SER A 31 11.41 9.27 -21.28
CA SER A 31 12.72 9.87 -21.41
C SER A 31 13.34 9.59 -22.79
N ASN A 32 13.13 8.37 -23.30
CA ASN A 32 13.66 8.02 -24.61
C ASN A 32 12.77 8.57 -25.72
N ALA A 33 11.54 8.89 -25.36
CA ALA A 33 10.58 9.44 -26.32
C ALA A 33 10.82 10.91 -26.53
N VAL A 34 10.99 11.63 -25.44
CA VAL A 34 11.27 13.05 -25.51
C VAL A 34 12.73 13.28 -25.86
N ARG A 35 13.54 12.25 -25.62
CA ARG A 35 14.98 12.24 -25.92
C ARG A 35 15.79 13.14 -24.96
N LYS A 36 15.24 14.31 -24.64
CA LYS A 36 15.90 15.28 -23.77
C LYS A 36 16.24 14.67 -22.41
N VAL A 37 15.26 14.06 -21.76
CA VAL A 37 15.48 13.46 -20.45
C VAL A 37 16.43 12.26 -20.54
N CYS A 38 16.49 11.65 -21.73
CA CYS A 38 17.39 10.54 -21.95
C CYS A 38 18.84 11.03 -21.89
N THR A 39 19.06 12.25 -22.36
CA THR A 39 20.37 12.86 -22.33
C THR A 39 20.57 13.60 -21.01
N GLY A 40 21.22 12.94 -20.07
CA GLY A 40 21.47 13.55 -18.76
C GLY A 40 20.70 12.84 -17.67
N VAL A 41 19.40 12.69 -17.87
CA VAL A 41 18.50 12.00 -16.93
C VAL A 41 18.22 12.83 -15.68
N ASP A 42 19.25 13.13 -14.95
CA ASP A 42 19.12 13.85 -13.69
C ASP A 42 18.89 15.33 -13.93
N TYR A 43 17.98 15.90 -13.15
CA TYR A 43 17.66 17.30 -13.20
C TYR A 43 17.41 17.80 -11.79
N SER A 44 17.20 19.09 -11.64
CA SER A 44 17.00 19.67 -10.33
C SER A 44 15.68 19.21 -9.71
N TRP A 45 14.73 18.84 -10.55
CA TRP A 45 13.42 18.39 -10.05
C TRP A 45 13.51 16.97 -9.53
N LEU A 46 14.59 16.29 -9.85
CA LEU A 46 14.84 14.95 -9.37
C LEU A 46 15.70 14.99 -8.12
N ALA A 47 16.30 16.14 -7.89
CA ALA A 47 17.09 16.36 -6.70
C ALA A 47 16.24 17.02 -5.63
N SER A 48 15.04 17.40 -6.04
CA SER A 48 14.09 18.02 -5.14
C SER A 48 13.18 16.94 -4.54
N THR A 49 12.20 17.37 -3.73
CA THR A 49 11.26 16.45 -3.09
C THR A 49 11.93 15.69 -1.93
N PRO A 50 11.24 15.52 -0.78
CA PRO A 50 11.76 14.75 0.36
C PRO A 50 12.32 13.40 -0.10
N ASP A 51 13.43 12.99 0.52
CA ASP A 51 14.14 11.75 0.16
C ASP A 51 13.21 10.58 -0.07
N SER A 52 12.94 10.31 -1.31
CA SER A 52 12.09 9.20 -1.67
C SER A 52 12.87 8.15 -2.46
N THR A 53 13.09 7.02 -1.84
CA THR A 53 13.75 5.91 -2.47
C THR A 53 12.82 4.74 -2.51
N TYR A 54 12.51 4.27 -3.69
CA TYR A 54 11.54 3.21 -3.81
C TYR A 54 12.15 1.84 -3.63
N ASP A 55 11.84 1.27 -2.51
CA ASP A 55 12.23 -0.09 -2.16
C ASP A 55 11.39 -0.54 -0.99
N LEU A 56 10.73 -1.66 -1.14
CA LEU A 56 9.92 -2.18 -0.07
C LEU A 56 10.78 -3.03 0.85
N SER A 57 11.10 -2.49 2.00
CA SER A 57 11.90 -3.17 2.97
C SER A 57 11.07 -4.17 3.75
N PRO A 58 11.68 -5.24 4.27
CA PRO A 58 10.97 -6.27 5.03
C PRO A 58 10.20 -5.70 6.21
N ILE A 59 10.76 -4.67 6.83
CA ILE A 59 10.13 -4.05 7.97
C ILE A 59 8.95 -3.20 7.55
N GLU A 60 9.11 -2.46 6.46
CA GLU A 60 8.04 -1.65 5.92
C GLU A 60 6.91 -2.55 5.46
N ARG A 61 7.27 -3.70 4.90
CA ARG A 61 6.31 -4.70 4.49
C ARG A 61 5.46 -5.13 5.68
N LEU A 62 6.12 -5.42 6.77
CA LEU A 62 5.46 -5.79 8.01
C LEU A 62 4.55 -4.68 8.52
N GLN A 63 5.04 -3.45 8.48
CA GLN A 63 4.26 -2.28 8.90
C GLN A 63 2.97 -2.22 8.11
N LEU A 64 3.10 -2.33 6.80
CA LEU A 64 1.97 -2.28 5.89
C LEU A 64 1.04 -3.46 6.13
N GLU A 65 1.63 -4.59 6.47
CA GLU A 65 0.87 -5.79 6.75
C GLU A 65 -0.04 -5.57 7.93
N ASP A 66 0.52 -4.99 8.97
CA ASP A 66 -0.25 -4.70 10.16
C ASP A 66 -1.38 -3.74 9.84
N VAL A 67 -1.07 -2.76 9.00
CA VAL A 67 -2.05 -1.78 8.57
C VAL A 67 -3.17 -2.44 7.78
N CYS A 68 -2.81 -3.35 6.87
CA CYS A 68 -3.79 -4.03 6.04
C CYS A 68 -4.66 -4.94 6.89
N VAL A 69 -4.07 -5.51 7.93
CA VAL A 69 -4.81 -6.32 8.88
C VAL A 69 -5.97 -5.51 9.50
N LYS A 70 -5.74 -4.20 9.69
CA LYS A 70 -6.77 -3.33 10.26
C LYS A 70 -7.68 -2.72 9.17
N ILE A 71 -7.43 -3.06 7.91
CA ILE A 71 -8.20 -2.50 6.82
C ILE A 71 -9.38 -3.39 6.49
N HIS A 72 -10.52 -2.77 6.26
CA HIS A 72 -11.74 -3.48 5.92
C HIS A 72 -11.61 -4.08 4.53
N PRO A 73 -12.07 -5.33 4.36
CA PRO A 73 -11.95 -6.06 3.09
C PRO A 73 -12.49 -5.29 1.89
N SER A 74 -13.68 -4.73 2.01
CA SER A 74 -14.32 -4.03 0.89
C SER A 74 -13.74 -2.62 0.70
N TYR A 75 -13.19 -2.04 1.75
CA TYR A 75 -12.65 -0.68 1.71
C TYR A 75 -11.39 -0.64 0.86
N CYS A 76 -10.78 -1.80 0.71
CA CYS A 76 -9.59 -1.95 -0.11
C CYS A 76 -9.88 -1.51 -1.53
N GLY A 77 -11.05 -1.88 -2.03
CA GLY A 77 -11.49 -1.48 -3.36
C GLY A 77 -11.32 0.01 -3.61
N PRO A 78 -12.10 0.87 -2.92
CA PRO A 78 -11.97 2.32 -3.02
C PRO A 78 -10.51 2.76 -2.84
N ALA A 79 -9.87 2.29 -1.75
CA ALA A 79 -8.45 2.58 -1.50
C ALA A 79 -7.59 2.38 -2.75
N ILE A 80 -7.85 1.31 -3.48
CA ILE A 80 -7.09 1.03 -4.69
C ILE A 80 -7.49 1.96 -5.82
N LEU A 81 -8.78 2.13 -5.99
CA LEU A 81 -9.33 3.00 -7.02
C LEU A 81 -8.80 4.42 -6.85
N ARG A 82 -8.77 4.90 -5.62
CA ARG A 82 -8.27 6.22 -5.31
C ARG A 82 -6.77 6.29 -5.52
N PHE A 83 -6.06 5.21 -5.17
CA PHE A 83 -4.62 5.18 -5.34
C PHE A 83 -4.25 5.42 -6.79
N ARG A 84 -4.90 4.68 -7.67
CA ARG A 84 -4.63 4.75 -9.08
C ARG A 84 -5.06 6.09 -9.63
N GLN A 85 -6.20 6.56 -9.15
CA GLN A 85 -6.71 7.85 -9.57
C GLN A 85 -5.74 8.96 -9.17
N LEU A 86 -5.19 8.86 -7.96
CA LEU A 86 -4.27 9.89 -7.49
C LEU A 86 -2.94 9.79 -8.19
N LEU A 87 -2.49 8.57 -8.42
CA LEU A 87 -1.26 8.31 -9.13
C LEU A 87 -1.31 8.94 -10.50
N ALA A 88 -2.46 8.87 -11.08
CA ALA A 88 -2.70 9.43 -12.39
C ALA A 88 -2.69 10.94 -12.35
N GLU A 89 -3.13 11.49 -11.24
CA GLU A 89 -3.15 12.93 -11.07
C GLU A 89 -1.76 13.47 -10.84
N GLN A 90 -0.98 12.75 -10.05
CA GLN A 90 0.40 13.16 -9.75
C GLN A 90 1.34 12.72 -10.87
N GLU A 91 0.81 11.92 -11.79
CA GLU A 91 1.57 11.41 -12.96
C GLU A 91 2.55 10.30 -12.56
N PRO A 92 2.94 9.44 -13.53
CA PRO A 92 3.88 8.35 -13.28
C PRO A 92 5.16 8.82 -12.61
N GLU A 93 5.42 8.28 -11.43
CA GLU A 93 6.56 8.60 -10.62
C GLU A 93 6.64 7.61 -9.50
N VAL A 94 7.46 6.60 -9.69
CA VAL A 94 7.66 5.54 -8.70
C VAL A 94 7.95 6.11 -7.32
N GLN A 95 8.56 7.27 -7.31
CA GLN A 95 8.86 8.01 -6.10
C GLN A 95 7.55 8.36 -5.39
N GLU A 96 6.58 8.79 -6.18
CA GLU A 96 5.31 9.20 -5.66
C GLU A 96 4.41 7.98 -5.49
N VAL A 97 4.67 6.95 -6.26
CA VAL A 97 3.91 5.72 -6.15
C VAL A 97 3.98 5.18 -4.73
N SER A 98 5.19 5.02 -4.24
CA SER A 98 5.41 4.52 -2.90
C SER A 98 4.96 5.54 -1.85
N GLN A 99 5.21 6.79 -2.12
CA GLN A 99 4.86 7.89 -1.21
C GLN A 99 3.35 8.05 -1.08
N LEU A 100 2.67 7.99 -2.21
CA LEU A 100 1.22 8.14 -2.27
C LEU A 100 0.62 6.91 -1.65
N PHE A 101 1.33 5.81 -1.81
CA PHE A 101 0.90 4.55 -1.26
C PHE A 101 0.94 4.61 0.25
N ARG A 102 1.98 5.25 0.77
CA ARG A 102 2.10 5.36 2.20
C ARG A 102 1.12 6.41 2.69
N SER A 103 0.96 7.45 1.89
CA SER A 103 0.07 8.55 2.21
C SER A 103 -1.36 8.07 2.45
N VAL A 104 -1.95 7.44 1.43
CA VAL A 104 -3.30 6.94 1.53
C VAL A 104 -3.44 5.88 2.62
N LEU A 105 -2.42 5.05 2.76
CA LEU A 105 -2.40 4.04 3.79
C LEU A 105 -2.38 4.65 5.18
N GLN A 106 -1.69 5.78 5.34
CA GLN A 106 -1.69 6.47 6.62
C GLN A 106 -3.04 7.07 6.87
N GLU A 107 -3.65 7.51 5.79
CA GLU A 107 -4.99 8.08 5.84
C GLU A 107 -6.00 7.06 6.35
N VAL A 108 -6.08 5.93 5.64
CA VAL A 108 -7.00 4.88 6.03
C VAL A 108 -6.63 4.30 7.37
N LEU A 109 -5.34 4.30 7.69
CA LEU A 109 -4.87 3.74 8.93
C LEU A 109 -5.48 4.47 10.12
N GLU A 110 -5.51 5.80 10.04
CA GLU A 110 -6.08 6.59 11.11
C GLU A 110 -7.56 6.28 11.26
N ARG A 111 -8.28 6.20 10.15
CA ARG A 111 -9.71 5.90 10.20
C ARG A 111 -9.97 4.48 10.69
N MET A 112 -9.19 3.55 10.20
CA MET A 112 -9.32 2.14 10.56
C MET A 112 -9.03 1.92 12.03
N LYS A 113 -7.93 2.47 12.48
CA LYS A 113 -7.50 2.32 13.87
C LYS A 113 -8.55 2.91 14.83
N GLN A 114 -9.12 4.03 14.45
CA GLN A 114 -10.13 4.68 15.26
C GLN A 114 -11.45 3.92 15.20
N GLU A 115 -11.85 3.51 14.00
CA GLU A 115 -13.10 2.76 13.84
C GLU A 115 -13.04 1.45 14.60
N GLU A 116 -11.87 0.78 14.57
CA GLU A 116 -11.70 -0.48 15.30
C GLU A 116 -12.01 -0.25 16.76
N GLU A 117 -11.26 0.67 17.36
CA GLU A 117 -11.46 1.08 18.74
C GLU A 117 -12.92 1.49 18.99
N ALA A 118 -13.52 2.18 18.02
CA ALA A 118 -14.91 2.64 18.14
C ALA A 118 -15.87 1.46 18.34
N HIS A 119 -15.68 0.39 17.58
CA HIS A 119 -16.53 -0.79 17.68
C HIS A 119 -16.31 -1.47 19.03
N LYS A 120 -15.04 -1.65 19.37
CA LYS A 120 -14.65 -2.34 20.58
C LYS A 120 -15.00 -1.56 21.85
N LEU A 121 -14.82 -0.25 21.82
CA LEU A 121 -15.11 0.60 22.98
C LEU A 121 -16.59 0.60 23.31
N THR A 122 -17.44 0.61 22.29
CA THR A 122 -18.87 0.56 22.50
C THR A 122 -19.29 -0.80 23.09
N ARG A 123 -18.38 -1.76 23.01
CA ARG A 123 -18.63 -3.10 23.51
C ARG A 123 -17.76 -3.37 24.74
N GLN A 124 -17.13 -2.32 25.26
CA GLN A 124 -16.22 -2.46 26.37
C GLN A 124 -16.46 -1.38 27.40
N TRP A 125 -16.54 -1.75 28.65
CA TRP A 125 -16.74 -0.79 29.72
C TRP A 125 -15.41 -0.42 30.34
N SER A 126 -14.95 0.79 30.02
CA SER A 126 -13.69 1.31 30.53
C SER A 126 -12.51 0.47 30.02
N LEU A 127 -11.51 0.28 30.88
CA LEU A 127 -10.30 -0.48 30.54
C LEU A 127 -9.45 0.21 29.48
N ARG A 128 -9.67 -0.15 28.20
CA ARG A 128 -8.86 0.35 27.08
C ARG A 128 -7.36 0.28 27.41
N PRO A 129 -6.84 -0.95 27.60
CA PRO A 129 -5.47 -1.17 28.00
C PRO A 129 -4.53 -1.27 26.81
N ARG A 130 -3.45 -0.52 26.86
CA ARG A 130 -2.45 -0.55 25.82
C ARG A 130 -1.21 -1.25 26.32
N GLY A 131 -0.36 -1.65 25.41
CA GLY A 131 0.83 -2.38 25.79
C GLY A 131 0.63 -3.87 25.66
N SER A 132 -0.57 -4.24 25.19
CA SER A 132 -0.98 -5.63 25.00
C SER A 132 -1.20 -6.36 26.33
N LEU A 133 -2.34 -7.01 26.45
CA LEU A 133 -2.66 -7.76 27.65
C LEU A 133 -1.94 -9.09 27.67
N ALA A 134 -0.94 -9.20 28.54
CA ALA A 134 -0.15 -10.43 28.72
C ALA A 134 0.51 -10.89 27.43
N THR A 135 0.73 -9.96 26.50
CA THR A 135 1.39 -10.25 25.23
C THR A 135 0.57 -11.25 24.36
N PHE A 136 -0.73 -11.36 24.66
CA PHE A 136 -1.62 -12.29 23.92
C PHE A 136 -1.80 -11.89 22.47
N GLU A 137 -1.38 -10.68 22.14
CA GLU A 137 -1.50 -10.19 20.77
C GLU A 137 -0.24 -10.49 19.98
N THR A 138 0.73 -11.10 20.63
CA THR A 138 1.96 -11.50 19.98
C THR A 138 2.16 -12.99 20.14
N GLU A 139 1.93 -13.45 21.35
CA GLU A 139 2.08 -14.85 21.70
C GLU A 139 0.88 -15.28 22.52
N ALA A 140 -0.12 -15.84 21.85
CA ALA A 140 -1.33 -16.30 22.51
C ALA A 140 -1.19 -17.76 22.93
N GLU A 141 -0.23 -18.42 22.35
CA GLU A 141 0.03 -19.82 22.65
C GLU A 141 0.99 -19.93 23.81
N ILE A 142 0.91 -21.02 24.54
CA ILE A 142 1.73 -21.21 25.71
C ILE A 142 2.99 -22.01 25.38
N ASP A 143 2.82 -23.26 25.10
CA ASP A 143 3.95 -24.12 24.83
C ASP A 143 3.69 -25.00 23.62
N ALA A 1 -11.05 -20.94 4.60
CA ALA A 1 -10.13 -20.76 5.75
C ALA A 1 -9.36 -19.44 5.63
N ARG A 2 -9.12 -18.99 4.40
CA ARG A 2 -8.40 -17.74 4.19
C ARG A 2 -9.23 -16.57 4.65
N SER A 3 -8.61 -15.68 5.36
CA SER A 3 -9.26 -14.48 5.77
C SER A 3 -9.20 -13.49 4.62
N PRO A 4 -10.18 -12.56 4.51
CA PRO A 4 -10.21 -11.55 3.44
C PRO A 4 -8.92 -10.72 3.40
N ALA A 5 -8.15 -10.80 4.48
CA ALA A 5 -6.90 -10.08 4.62
C ALA A 5 -5.91 -10.46 3.50
N GLU A 6 -5.88 -11.73 3.12
CA GLU A 6 -4.93 -12.15 2.09
C GLU A 6 -5.30 -11.53 0.74
N MET A 7 -6.57 -11.66 0.38
CA MET A 7 -7.09 -11.12 -0.87
C MET A 7 -6.77 -9.62 -1.01
N VAL A 8 -6.98 -8.88 0.06
CA VAL A 8 -6.76 -7.44 0.02
C VAL A 8 -5.26 -7.11 0.10
N LEU A 9 -4.50 -7.94 0.82
CA LEU A 9 -3.06 -7.74 0.96
C LEU A 9 -2.37 -7.97 -0.38
N GLU A 10 -2.84 -8.97 -1.10
CA GLU A 10 -2.30 -9.29 -2.40
C GLU A 10 -2.60 -8.15 -3.35
N THR A 11 -3.84 -7.68 -3.31
CA THR A 11 -4.27 -6.58 -4.16
C THR A 11 -3.47 -5.31 -3.85
N LEU A 12 -3.17 -5.14 -2.58
CA LEU A 12 -2.40 -4.03 -2.10
C LEU A 12 -0.98 -4.11 -2.65
N MET A 13 -0.32 -5.24 -2.40
CA MET A 13 1.04 -5.49 -2.87
C MET A 13 1.09 -5.60 -4.40
N MET A 14 -0.07 -5.80 -5.00
CA MET A 14 -0.16 -5.97 -6.45
C MET A 14 -0.31 -4.62 -7.10
N GLU A 15 -1.06 -3.75 -6.43
CA GLU A 15 -1.27 -2.40 -6.88
C GLU A 15 0.06 -1.68 -6.83
N LEU A 16 0.70 -1.82 -5.70
CA LEU A 16 2.01 -1.27 -5.47
C LEU A 16 3.01 -1.75 -6.52
N THR A 17 2.96 -3.03 -6.83
CA THR A 17 3.89 -3.62 -7.78
C THR A 17 3.64 -3.17 -9.21
N GLY A 18 2.40 -3.35 -9.69
CA GLY A 18 2.07 -2.99 -11.05
C GLY A 18 2.30 -1.55 -11.35
N GLN A 19 2.08 -0.72 -10.35
CA GLN A 19 2.26 0.69 -10.52
C GLN A 19 3.70 1.10 -10.34
N MET A 20 4.44 0.36 -9.52
CA MET A 20 5.86 0.61 -9.35
C MET A 20 6.56 0.28 -10.65
N ARG A 21 6.10 -0.80 -11.26
CA ARG A 21 6.59 -1.22 -12.56
C ARG A 21 6.18 -0.21 -13.62
N GLU A 22 4.88 0.07 -13.68
CA GLU A 22 4.34 1.06 -14.62
C GLU A 22 5.07 2.40 -14.48
N ALA A 23 5.32 2.80 -13.24
CA ALA A 23 6.03 4.04 -12.97
C ALA A 23 7.41 4.05 -13.63
N GLU A 24 8.13 2.93 -13.52
CA GLU A 24 9.45 2.84 -14.13
C GLU A 24 9.35 2.93 -15.65
N ARG A 25 8.38 2.21 -16.21
CA ARG A 25 8.16 2.21 -17.66
C ARG A 25 7.86 3.61 -18.16
N GLN A 26 7.08 4.35 -17.38
CA GLN A 26 6.73 5.72 -17.71
C GLN A 26 7.98 6.59 -17.74
N GLN A 27 8.80 6.48 -16.69
CA GLN A 27 10.03 7.25 -16.60
C GLN A 27 11.01 6.87 -17.70
N ARG A 28 11.02 5.59 -18.07
CA ARG A 28 11.90 5.11 -19.13
C ARG A 28 11.43 5.66 -20.47
N GLU A 29 10.12 5.78 -20.62
CA GLU A 29 9.54 6.32 -21.83
C GLU A 29 9.83 7.82 -21.89
N ARG A 30 9.73 8.46 -20.73
CA ARG A 30 9.97 9.89 -20.60
C ARG A 30 11.43 10.20 -20.93
N SER A 31 12.32 9.34 -20.43
CA SER A 31 13.75 9.47 -20.66
C SER A 31 14.06 9.44 -22.15
N ASN A 32 13.38 8.57 -22.86
CA ASN A 32 13.56 8.44 -24.28
C ASN A 32 12.90 9.59 -25.04
N ALA A 33 11.79 10.07 -24.49
CA ALA A 33 11.03 11.15 -25.10
C ALA A 33 11.82 12.44 -25.13
N VAL A 34 12.47 12.74 -24.03
CA VAL A 34 13.31 13.93 -23.95
C VAL A 34 14.68 13.66 -24.56
N ARG A 35 14.98 12.37 -24.72
CA ARG A 35 16.25 11.88 -25.30
C ARG A 35 17.44 12.19 -24.39
N LYS A 36 17.83 13.44 -24.34
CA LYS A 36 18.95 13.84 -23.50
C LYS A 36 18.46 14.14 -22.09
N VAL A 37 18.40 13.10 -21.28
CA VAL A 37 17.95 13.23 -19.90
C VAL A 37 19.15 13.19 -18.96
N CYS A 38 20.24 12.61 -19.46
CA CYS A 38 21.46 12.42 -18.69
C CYS A 38 21.19 11.54 -17.47
N THR A 39 21.08 10.23 -17.73
CA THR A 39 20.81 9.23 -16.70
C THR A 39 19.35 9.32 -16.21
N GLY A 40 19.03 10.34 -15.43
CA GLY A 40 17.69 10.50 -14.92
C GLY A 40 17.52 11.82 -14.21
N VAL A 41 17.04 11.77 -12.98
CA VAL A 41 16.86 12.96 -12.17
C VAL A 41 16.56 12.58 -10.72
N ASP A 42 16.98 13.45 -9.80
CA ASP A 42 16.78 13.24 -8.36
C ASP A 42 17.28 11.89 -7.91
N TYR A 43 18.58 11.79 -7.82
CA TYR A 43 19.25 10.55 -7.49
C TYR A 43 19.36 10.37 -5.99
N SER A 44 19.34 9.12 -5.55
CA SER A 44 19.48 8.75 -4.13
C SER A 44 18.29 9.17 -3.28
N TRP A 45 18.04 10.46 -3.21
CA TRP A 45 16.94 11.00 -2.41
C TRP A 45 15.59 10.58 -2.94
N LEU A 46 15.52 10.41 -4.24
CA LEU A 46 14.29 9.97 -4.87
C LEU A 46 14.53 8.73 -5.71
N ALA A 47 15.77 8.60 -6.22
CA ALA A 47 16.20 7.45 -7.02
C ALA A 47 15.32 7.27 -8.25
N SER A 48 14.86 8.39 -8.79
CA SER A 48 13.98 8.37 -9.93
C SER A 48 14.76 8.28 -11.24
N THR A 49 15.01 7.05 -11.64
CA THR A 49 15.72 6.76 -12.86
C THR A 49 15.24 5.42 -13.40
N PRO A 50 14.96 5.33 -14.71
CA PRO A 50 14.45 4.10 -15.36
C PRO A 50 15.40 2.91 -15.26
N ASP A 51 16.56 3.14 -14.69
CA ASP A 51 17.56 2.10 -14.53
C ASP A 51 18.01 2.02 -13.08
N SER A 52 17.18 2.53 -12.18
CA SER A 52 17.45 2.52 -10.77
C SER A 52 16.68 1.39 -10.11
N THR A 53 17.23 0.87 -9.03
CA THR A 53 16.62 -0.22 -8.33
C THR A 53 15.81 0.25 -7.13
N TYR A 54 14.51 0.08 -7.22
CA TYR A 54 13.61 0.36 -6.13
C TYR A 54 13.31 -0.92 -5.40
N ASP A 55 13.20 -0.84 -4.11
CA ASP A 55 12.96 -2.01 -3.30
C ASP A 55 12.09 -1.68 -2.12
N LEU A 56 11.10 -2.51 -1.89
CA LEU A 56 10.24 -2.38 -0.75
C LEU A 56 10.86 -3.15 0.40
N SER A 57 11.43 -2.43 1.33
CA SER A 57 12.11 -3.04 2.45
C SER A 57 11.16 -3.87 3.30
N PRO A 58 11.68 -4.94 3.95
CA PRO A 58 10.88 -5.83 4.79
C PRO A 58 10.09 -5.08 5.85
N ILE A 59 10.59 -3.92 6.25
CA ILE A 59 9.91 -3.10 7.23
C ILE A 59 8.66 -2.47 6.65
N GLU A 60 8.79 -1.86 5.46
CA GLU A 60 7.63 -1.29 4.78
C GLU A 60 6.63 -2.37 4.51
N ARG A 61 7.12 -3.48 4.01
CA ARG A 61 6.29 -4.66 3.72
C ARG A 61 5.49 -5.08 4.95
N LEU A 62 6.19 -5.29 6.04
CA LEU A 62 5.57 -5.66 7.30
C LEU A 62 4.59 -4.60 7.79
N GLN A 63 4.99 -3.35 7.70
CA GLN A 63 4.15 -2.24 8.13
C GLN A 63 2.86 -2.22 7.31
N LEU A 64 3.00 -2.35 6.02
CA LEU A 64 1.87 -2.36 5.11
C LEU A 64 1.01 -3.58 5.38
N GLU A 65 1.65 -4.68 5.75
CA GLU A 65 0.94 -5.89 6.09
C GLU A 65 0.11 -5.69 7.34
N ASP A 66 0.72 -5.08 8.33
CA ASP A 66 0.05 -4.81 9.59
C ASP A 66 -1.16 -3.93 9.36
N VAL A 67 -0.96 -2.93 8.54
CA VAL A 67 -2.05 -2.00 8.21
C VAL A 67 -3.15 -2.69 7.41
N CYS A 68 -2.78 -3.64 6.58
CA CYS A 68 -3.74 -4.32 5.72
C CYS A 68 -4.51 -5.40 6.48
N VAL A 69 -3.81 -6.11 7.35
CA VAL A 69 -4.43 -7.14 8.15
C VAL A 69 -5.39 -6.53 9.17
N LYS A 70 -5.06 -5.35 9.65
CA LYS A 70 -5.87 -4.66 10.64
C LYS A 70 -6.78 -3.61 10.00
N ILE A 71 -6.86 -3.62 8.68
CA ILE A 71 -7.73 -2.72 7.98
C ILE A 71 -9.10 -3.38 7.82
N HIS A 72 -10.03 -2.70 7.19
CA HIS A 72 -11.34 -3.27 6.99
C HIS A 72 -11.45 -3.73 5.54
N PRO A 73 -11.95 -4.95 5.32
CA PRO A 73 -12.03 -5.58 3.99
C PRO A 73 -12.60 -4.65 2.90
N SER A 74 -13.75 -4.07 3.13
CA SER A 74 -14.43 -3.25 2.13
C SER A 74 -13.75 -1.89 1.91
N TYR A 75 -12.77 -1.55 2.73
CA TYR A 75 -12.10 -0.25 2.59
C TYR A 75 -10.85 -0.33 1.75
N CYS A 76 -10.27 -1.52 1.66
CA CYS A 76 -9.05 -1.72 0.89
C CYS A 76 -9.33 -1.55 -0.60
N GLY A 77 -10.37 -2.21 -1.07
CA GLY A 77 -10.80 -2.12 -2.47
C GLY A 77 -10.82 -0.71 -3.02
N PRO A 78 -11.69 0.17 -2.49
CA PRO A 78 -11.76 1.57 -2.91
C PRO A 78 -10.40 2.25 -2.81
N ALA A 79 -9.74 2.08 -1.66
CA ALA A 79 -8.38 2.62 -1.45
C ALA A 79 -7.47 2.31 -2.61
N ILE A 80 -7.51 1.06 -3.08
CA ILE A 80 -6.70 0.65 -4.21
C ILE A 80 -7.11 1.38 -5.49
N LEU A 81 -8.40 1.36 -5.76
CA LEU A 81 -8.96 2.02 -6.94
C LEU A 81 -8.63 3.50 -6.94
N ARG A 82 -8.74 4.13 -5.77
CA ARG A 82 -8.43 5.54 -5.64
C ARG A 82 -6.96 5.78 -5.87
N PHE A 83 -6.12 4.88 -5.35
CA PHE A 83 -4.68 5.00 -5.52
C PHE A 83 -4.32 5.07 -6.99
N ARG A 84 -4.84 4.12 -7.75
CA ARG A 84 -4.56 4.05 -9.16
C ARG A 84 -5.11 5.26 -9.88
N GLN A 85 -6.31 5.65 -9.51
CA GLN A 85 -6.95 6.81 -10.11
C GLN A 85 -6.16 8.08 -9.81
N LEU A 86 -5.54 8.13 -8.63
CA LEU A 86 -4.74 9.30 -8.25
C LEU A 86 -3.44 9.28 -9.00
N LEU A 87 -2.83 8.12 -9.03
CA LEU A 87 -1.56 7.93 -9.70
C LEU A 87 -1.68 8.29 -11.17
N ALA A 88 -2.78 7.89 -11.74
CA ALA A 88 -3.06 8.14 -13.15
C ALA A 88 -3.42 9.59 -13.38
N GLU A 89 -3.91 10.22 -12.35
CA GLU A 89 -4.29 11.61 -12.40
C GLU A 89 -3.05 12.50 -12.27
N GLN A 90 -2.12 12.06 -11.43
CA GLN A 90 -0.88 12.81 -11.22
C GLN A 90 0.21 12.40 -12.21
N GLU A 91 -0.02 11.28 -12.91
CA GLU A 91 0.94 10.68 -13.85
C GLU A 91 2.01 9.90 -13.06
N PRO A 92 2.28 8.64 -13.47
CA PRO A 92 3.24 7.76 -12.82
C PRO A 92 4.56 8.45 -12.42
N GLU A 93 5.06 8.06 -11.25
CA GLU A 93 6.25 8.61 -10.62
C GLU A 93 6.64 7.72 -9.48
N VAL A 94 7.57 6.81 -9.72
CA VAL A 94 7.98 5.79 -8.75
C VAL A 94 8.20 6.34 -7.34
N GLN A 95 8.79 7.50 -7.25
CA GLN A 95 9.06 8.09 -5.95
C GLN A 95 7.75 8.51 -5.28
N GLU A 96 6.78 8.91 -6.08
CA GLU A 96 5.53 9.36 -5.55
C GLU A 96 4.59 8.19 -5.38
N VAL A 97 4.78 7.16 -6.19
CA VAL A 97 3.99 5.95 -6.08
C VAL A 97 4.11 5.39 -4.68
N SER A 98 5.34 5.23 -4.24
CA SER A 98 5.61 4.70 -2.92
C SER A 98 5.15 5.67 -1.84
N GLN A 99 5.37 6.95 -2.08
CA GLN A 99 5.00 8.00 -1.12
C GLN A 99 3.48 8.09 -0.97
N LEU A 100 2.79 8.02 -2.09
CA LEU A 100 1.35 8.11 -2.10
C LEU A 100 0.77 6.84 -1.56
N PHE A 101 1.50 5.75 -1.77
CA PHE A 101 1.07 4.47 -1.29
C PHE A 101 1.13 4.43 0.24
N ARG A 102 2.19 5.01 0.78
CA ARG A 102 2.37 5.06 2.23
C ARG A 102 1.46 6.12 2.81
N SER A 103 1.23 7.19 2.02
CA SER A 103 0.35 8.26 2.42
C SER A 103 -1.07 7.75 2.65
N VAL A 104 -1.69 7.21 1.61
CA VAL A 104 -3.06 6.71 1.69
C VAL A 104 -3.22 5.66 2.76
N LEU A 105 -2.28 4.75 2.82
CA LEU A 105 -2.31 3.67 3.79
C LEU A 105 -2.24 4.20 5.21
N GLN A 106 -1.50 5.27 5.39
CA GLN A 106 -1.36 5.86 6.71
C GLN A 106 -2.59 6.69 7.03
N GLU A 107 -3.11 7.33 6.02
CA GLU A 107 -4.29 8.17 6.18
C GLU A 107 -5.50 7.32 6.52
N VAL A 108 -5.66 6.24 5.80
CA VAL A 108 -6.77 5.34 6.03
C VAL A 108 -6.56 4.57 7.34
N LEU A 109 -5.29 4.40 7.73
CA LEU A 109 -4.95 3.70 8.97
C LEU A 109 -5.44 4.47 10.19
N GLU A 110 -5.20 5.78 10.19
CA GLU A 110 -5.62 6.61 11.30
C GLU A 110 -7.14 6.63 11.41
N ARG A 111 -7.81 6.68 10.27
CA ARG A 111 -9.27 6.67 10.23
C ARG A 111 -9.81 5.31 10.63
N MET A 112 -9.02 4.29 10.34
CA MET A 112 -9.39 2.92 10.61
C MET A 112 -9.31 2.65 12.09
N LYS A 113 -8.23 3.09 12.68
CA LYS A 113 -7.97 2.92 14.10
C LYS A 113 -9.08 3.60 14.91
N GLN A 114 -9.51 4.76 14.45
CA GLN A 114 -10.57 5.50 15.11
C GLN A 114 -11.87 4.68 15.12
N GLU A 115 -12.28 4.20 13.95
CA GLU A 115 -13.47 3.37 13.83
C GLU A 115 -13.36 2.10 14.69
N GLU A 116 -12.14 1.54 14.76
CA GLU A 116 -11.89 0.38 15.60
C GLU A 116 -12.17 0.70 17.05
N GLU A 117 -11.40 1.64 17.59
CA GLU A 117 -11.56 2.07 18.98
C GLU A 117 -13.00 2.42 19.31
N ALA A 118 -13.64 3.17 18.42
CA ALA A 118 -15.01 3.61 18.64
C ALA A 118 -15.97 2.44 18.89
N HIS A 119 -15.94 1.46 17.99
CA HIS A 119 -16.87 0.33 18.08
C HIS A 119 -16.41 -0.72 19.08
N LYS A 120 -15.11 -0.83 19.27
CA LYS A 120 -14.56 -1.81 20.18
C LYS A 120 -14.76 -1.36 21.62
N LEU A 121 -14.49 -0.08 21.86
CA LEU A 121 -14.70 0.52 23.17
C LEU A 121 -16.17 0.40 23.60
N THR A 122 -17.08 0.64 22.67
CA THR A 122 -18.49 0.54 22.98
C THR A 122 -18.94 -0.92 23.09
N ARG A 123 -18.71 -1.69 22.04
CA ARG A 123 -19.10 -3.09 22.01
C ARG A 123 -17.95 -3.99 22.43
N GLN A 124 -17.86 -4.28 23.72
CA GLN A 124 -16.81 -5.15 24.23
C GLN A 124 -17.33 -5.99 25.39
N TRP A 125 -18.62 -6.23 25.38
CA TRP A 125 -19.30 -6.96 26.44
C TRP A 125 -18.88 -8.43 26.44
N SER A 126 -18.25 -8.85 27.53
CA SER A 126 -17.80 -10.23 27.70
C SER A 126 -16.71 -10.59 26.70
N LEU A 127 -15.98 -9.57 26.24
CA LEU A 127 -14.91 -9.77 25.28
C LEU A 127 -13.77 -10.51 25.96
N ARG A 128 -13.43 -11.67 25.42
CA ARG A 128 -12.36 -12.48 25.96
C ARG A 128 -11.14 -12.36 25.08
N PRO A 129 -9.94 -12.35 25.68
CA PRO A 129 -8.68 -12.28 24.92
C PRO A 129 -8.51 -13.49 24.01
N ARG A 130 -8.93 -13.34 22.78
CA ARG A 130 -8.86 -14.42 21.80
C ARG A 130 -7.96 -14.03 20.65
N GLY A 131 -7.29 -12.91 20.80
CA GLY A 131 -6.38 -12.44 19.77
C GLY A 131 -5.01 -13.06 19.91
N SER A 132 -4.90 -14.32 19.50
CA SER A 132 -3.66 -15.09 19.55
C SER A 132 -3.31 -15.54 20.98
N LEU A 133 -4.23 -15.30 21.91
CA LEU A 133 -4.05 -15.73 23.29
C LEU A 133 -4.54 -17.16 23.47
N ALA A 134 -4.34 -17.72 24.67
CA ALA A 134 -4.73 -19.10 25.02
C ALA A 134 -3.80 -20.11 24.34
N THR A 135 -3.60 -19.95 23.05
CA THR A 135 -2.73 -20.82 22.27
C THR A 135 -1.27 -20.37 22.39
N PHE A 136 -0.86 -20.05 23.62
CA PHE A 136 0.50 -19.59 23.90
C PHE A 136 1.49 -20.75 23.74
N GLU A 137 0.95 -21.94 23.49
CA GLU A 137 1.76 -23.14 23.26
C GLU A 137 2.61 -22.97 22.00
N THR A 138 2.27 -21.96 21.23
CA THR A 138 2.99 -21.61 20.02
C THR A 138 4.42 -21.17 20.37
N GLU A 139 4.58 -20.72 21.60
CA GLU A 139 5.86 -20.29 22.10
C GLU A 139 6.47 -21.41 22.95
N ALA A 140 7.76 -21.59 22.85
CA ALA A 140 8.43 -22.64 23.58
C ALA A 140 8.87 -22.18 24.96
N GLU A 141 8.32 -22.81 26.00
CA GLU A 141 8.66 -22.49 27.38
C GLU A 141 10.04 -23.04 27.74
N ILE A 142 10.55 -22.64 28.89
CA ILE A 142 11.84 -23.12 29.36
C ILE A 142 11.67 -23.99 30.60
N ASP A 143 10.66 -23.65 31.37
CA ASP A 143 10.32 -24.34 32.62
C ASP A 143 11.51 -24.35 33.58
#